data_4NKH
#
_entry.id   4NKH
#
_cell.length_a   114.930
_cell.length_b   114.930
_cell.length_c   252.170
_cell.angle_alpha   90.00
_cell.angle_beta   90.00
_cell.angle_gamma   90.00
#
_symmetry.space_group_name_H-M   'P 42 21 2'
#
_entity_poly.entity_id   1
_entity_poly.type   'polypeptide(L)'
_entity_poly.pdbx_seq_one_letter_code
;GAEYDAVWSKWERDAPAGESPGRAAVVQEMRDCLNNGNPVLNVGASGLTTLPDRLPPHITTLVIPDNNLTSLPELPEGLR
ELEVSGNLQLTSLPSLPQGLQKLWAYNNWLASLPTLPPGLGDLAVSNNQLTSLPEMPPALRELRVSGNNLTSLPALPSGL
QKLWAYNNRLTSLPEMSPGLQELDVSHNQLTRLPQSLTGLSSAARVYLDGNPLSVRTLQALRDIIGHSGIRIHFDMAGP
;
_entity_poly.pdbx_strand_id   A,B,C,D,E,F
#
# COMPACT_ATOMS: atom_id res chain seq x y z
N GLU A 3 -29.87 4.52 -0.01
CA GLU A 3 -29.40 5.92 -0.23
C GLU A 3 -28.32 5.96 -1.31
N TYR A 4 -27.18 5.34 -1.03
CA TYR A 4 -26.10 5.29 -2.00
C TYR A 4 -26.25 4.12 -2.96
N ASP A 5 -26.66 2.97 -2.44
CA ASP A 5 -26.86 1.74 -3.21
C ASP A 5 -27.73 1.96 -4.45
N ALA A 6 -28.77 2.78 -4.28
CA ALA A 6 -29.76 3.04 -5.33
C ALA A 6 -29.17 3.81 -6.51
N VAL A 7 -28.38 4.84 -6.21
CA VAL A 7 -27.75 5.66 -7.24
C VAL A 7 -26.68 4.83 -7.99
N TRP A 8 -25.94 4.02 -7.23
CA TRP A 8 -24.86 3.24 -7.82
C TRP A 8 -25.38 2.01 -8.57
N SER A 9 -26.51 1.48 -8.13
CA SER A 9 -27.18 0.37 -8.81
C SER A 9 -27.67 0.80 -10.18
N LYS A 10 -28.32 1.96 -10.24
CA LYS A 10 -28.83 2.47 -11.50
C LYS A 10 -27.68 2.77 -12.45
N TRP A 11 -26.56 3.23 -11.92
CA TRP A 11 -25.35 3.51 -12.70
C TRP A 11 -24.76 2.22 -13.29
N GLU A 12 -24.78 1.15 -12.50
CA GLU A 12 -24.18 -0.11 -12.92
C GLU A 12 -25.09 -0.82 -13.92
N ARG A 13 -26.39 -0.71 -13.72
CA ARG A 13 -27.35 -1.33 -14.62
C ARG A 13 -27.47 -0.63 -15.97
N ASP A 14 -27.28 0.68 -15.99
CA ASP A 14 -27.34 1.46 -17.24
C ASP A 14 -26.08 1.34 -18.09
N ALA A 15 -25.17 0.48 -17.65
CA ALA A 15 -23.89 0.31 -18.32
C ALA A 15 -24.06 -0.41 -19.65
N PRO A 16 -23.44 0.12 -20.72
CA PRO A 16 -23.31 -0.70 -21.92
C PRO A 16 -22.34 -1.85 -21.63
N ALA A 17 -22.53 -2.97 -22.33
CA ALA A 17 -21.53 -4.03 -22.34
C ALA A 17 -20.16 -3.42 -22.65
N GLY A 18 -19.13 -3.92 -21.98
CA GLY A 18 -17.79 -3.32 -22.11
C GLY A 18 -17.48 -2.48 -20.88
N GLU A 19 -18.48 -1.75 -20.40
CA GLU A 19 -18.35 -0.94 -19.20
C GLU A 19 -18.75 -1.68 -17.92
N SER A 20 -19.24 -2.90 -18.06
CA SER A 20 -19.69 -3.66 -16.89
C SER A 20 -18.58 -3.94 -15.87
N PRO A 21 -17.40 -4.43 -16.32
CA PRO A 21 -16.33 -4.64 -15.34
C PRO A 21 -15.82 -3.32 -14.74
N GLY A 22 -15.66 -2.30 -15.58
CA GLY A 22 -15.18 -0.99 -15.15
C GLY A 22 -16.07 -0.36 -14.08
N ARG A 23 -17.37 -0.35 -14.32
CA ARG A 23 -18.31 0.26 -13.37
C ARG A 23 -18.41 -0.55 -12.09
N ALA A 24 -18.21 -1.86 -12.19
CA ALA A 24 -18.22 -2.73 -11.02
C ALA A 24 -17.02 -2.43 -10.13
N ALA A 25 -15.85 -2.32 -10.76
CA ALA A 25 -14.62 -2.01 -10.04
C ALA A 25 -14.71 -0.69 -9.29
N VAL A 26 -15.38 0.30 -9.89
CA VAL A 26 -15.59 1.60 -9.25
C VAL A 26 -16.54 1.53 -8.06
N VAL A 27 -17.67 0.85 -8.22
CA VAL A 27 -18.64 0.68 -7.13
C VAL A 27 -17.99 -0.04 -5.95
N GLN A 28 -17.23 -1.08 -6.25
CA GLN A 28 -16.47 -1.80 -5.24
C GLN A 28 -15.51 -0.86 -4.50
N GLU A 29 -14.85 0.01 -5.26
CA GLU A 29 -13.94 0.99 -4.68
C GLU A 29 -14.67 2.00 -3.79
N MET A 30 -15.85 2.44 -4.22
CA MET A 30 -16.61 3.42 -3.45
C MET A 30 -17.16 2.85 -2.14
N ARG A 31 -17.58 1.59 -2.16
CA ARG A 31 -18.03 0.89 -0.96
C ARG A 31 -16.87 0.71 0.01
N ASP A 32 -15.71 0.32 -0.53
CA ASP A 32 -14.48 0.25 0.25
C ASP A 32 -14.17 1.57 0.94
N CYS A 33 -14.38 2.67 0.23
CA CYS A 33 -14.15 4.01 0.77
C CYS A 33 -15.02 4.31 1.98
N LEU A 34 -16.28 3.93 1.92
CA LEU A 34 -17.21 4.10 3.05
C LEU A 34 -16.86 3.20 4.23
N ASN A 35 -16.51 1.95 3.94
CA ASN A 35 -16.25 0.96 4.99
C ASN A 35 -14.94 1.17 5.75
N ASN A 36 -13.89 1.61 5.06
CA ASN A 36 -12.59 1.78 5.69
C ASN A 36 -12.16 3.24 5.88
N GLY A 37 -12.85 4.15 5.18
CA GLY A 37 -12.62 5.58 5.31
C GLY A 37 -11.60 6.18 4.35
N ASN A 38 -11.23 5.44 3.30
CA ASN A 38 -10.24 5.89 2.34
C ASN A 38 -10.67 7.22 1.70
N PRO A 39 -9.84 8.27 1.85
CA PRO A 39 -10.27 9.56 1.34
C PRO A 39 -9.99 9.73 -0.16
N VAL A 40 -9.36 8.75 -0.79
CA VAL A 40 -8.96 8.84 -2.19
C VAL A 40 -9.79 7.93 -3.08
N LEU A 41 -10.40 8.49 -4.13
CA LEU A 41 -11.11 7.67 -5.12
C LEU A 41 -10.56 7.82 -6.52
N ASN A 42 -10.08 6.71 -7.07
CA ASN A 42 -9.50 6.66 -8.41
C ASN A 42 -10.30 5.69 -9.27
N VAL A 43 -11.01 6.22 -10.26
CA VAL A 43 -11.94 5.42 -11.05
C VAL A 43 -11.27 4.58 -12.15
N GLY A 44 -10.01 4.89 -12.45
CA GLY A 44 -9.24 4.13 -13.43
C GLY A 44 -9.66 4.41 -14.87
N ALA A 45 -8.94 3.82 -15.81
CA ALA A 45 -9.25 3.97 -17.24
C ALA A 45 -9.99 2.75 -17.78
N SER A 46 -11.24 2.94 -18.19
CA SER A 46 -12.05 1.86 -18.76
C SER A 46 -13.24 2.37 -19.58
N GLY A 47 -12.98 3.29 -20.50
CA GLY A 47 -13.98 3.80 -21.43
C GLY A 47 -15.29 4.25 -20.81
N LEU A 48 -15.22 4.75 -19.58
CA LEU A 48 -16.41 5.17 -18.83
C LEU A 48 -17.14 6.32 -19.53
N THR A 49 -18.41 6.12 -19.84
CA THR A 49 -19.17 7.15 -20.53
C THR A 49 -19.87 8.10 -19.56
N THR A 50 -20.21 7.59 -18.37
CA THR A 50 -20.75 8.45 -17.32
C THR A 50 -20.25 8.06 -15.91
N LEU A 51 -20.55 8.90 -14.93
CA LEU A 51 -20.23 8.59 -13.53
C LEU A 51 -21.51 8.53 -12.66
N PRO A 52 -21.42 8.02 -11.41
CA PRO A 52 -22.59 8.06 -10.53
C PRO A 52 -23.03 9.51 -10.23
N ASP A 53 -24.29 9.68 -9.83
CA ASP A 53 -24.79 10.99 -9.42
C ASP A 53 -24.20 11.44 -8.09
N ARG A 54 -24.12 10.53 -7.14
CA ARG A 54 -23.43 10.83 -5.87
C ARG A 54 -22.17 10.00 -5.65
N LEU A 55 -21.13 10.67 -5.15
CA LEU A 55 -19.86 10.03 -4.79
C LEU A 55 -19.71 10.03 -3.27
N PRO A 56 -18.87 9.13 -2.70
CA PRO A 56 -18.77 9.05 -1.24
C PRO A 56 -18.46 10.42 -0.65
N PRO A 57 -19.14 10.79 0.45
CA PRO A 57 -19.18 12.18 0.91
C PRO A 57 -17.88 12.71 1.51
N HIS A 58 -16.98 11.82 1.90
CA HIS A 58 -15.83 12.15 2.74
C HIS A 58 -14.52 12.19 1.97
N ILE A 59 -14.56 11.86 0.68
CA ILE A 59 -13.34 11.83 -0.11
C ILE A 59 -12.77 13.23 -0.27
N THR A 60 -11.45 13.30 -0.38
CA THR A 60 -10.73 14.55 -0.49
C THR A 60 -9.96 14.59 -1.80
N THR A 61 -9.72 13.41 -2.38
CA THR A 61 -9.04 13.30 -3.67
C THR A 61 -9.87 12.48 -4.65
N LEU A 62 -10.10 13.02 -5.84
CA LEU A 62 -10.76 12.26 -6.88
C LEU A 62 -9.93 12.26 -8.14
N VAL A 63 -9.64 11.05 -8.63
CA VAL A 63 -8.81 10.89 -9.83
C VAL A 63 -9.63 10.27 -10.94
N ILE A 64 -9.73 10.97 -12.07
CA ILE A 64 -10.43 10.47 -13.25
C ILE A 64 -9.45 10.37 -14.42
N PRO A 65 -8.92 9.17 -14.68
CA PRO A 65 -8.02 8.95 -15.82
C PRO A 65 -8.77 8.96 -17.15
N ASP A 66 -8.10 8.59 -18.25
CA ASP A 66 -8.70 8.58 -19.58
C ASP A 66 -10.02 7.81 -19.62
N ASN A 67 -11.09 8.52 -19.97
CA ASN A 67 -12.40 7.91 -20.17
C ASN A 67 -13.17 8.71 -21.23
N ASN A 68 -14.44 8.40 -21.45
CA ASN A 68 -15.21 9.14 -22.45
C ASN A 68 -16.39 9.90 -21.83
N LEU A 69 -16.09 10.78 -20.89
CA LEU A 69 -17.11 11.55 -20.20
C LEU A 69 -17.41 12.84 -20.95
N THR A 70 -18.63 13.33 -20.80
CA THR A 70 -19.06 14.60 -21.40
C THR A 70 -19.46 15.58 -20.30
N SER A 71 -19.34 15.13 -19.06
CA SER A 71 -19.78 15.87 -17.88
C SER A 71 -19.34 15.15 -16.61
N LEU A 72 -19.22 15.90 -15.52
CA LEU A 72 -18.91 15.33 -14.22
C LEU A 72 -20.05 15.62 -13.23
N PRO A 73 -20.32 14.67 -12.33
CA PRO A 73 -21.37 14.79 -11.32
C PRO A 73 -21.02 15.81 -10.22
N GLU A 74 -21.97 16.08 -9.33
CA GLU A 74 -21.75 16.94 -8.18
C GLU A 74 -20.55 16.42 -7.40
N LEU A 75 -19.60 17.31 -7.14
CA LEU A 75 -18.36 16.94 -6.49
C LEU A 75 -18.50 16.94 -4.97
N PRO A 76 -17.82 15.99 -4.30
CA PRO A 76 -17.79 15.89 -2.85
C PRO A 76 -17.55 17.25 -2.17
N GLU A 77 -18.50 17.63 -1.32
CA GLU A 77 -18.48 18.91 -0.62
C GLU A 77 -17.15 19.28 0.04
N GLY A 78 -16.31 18.29 0.33
CA GLY A 78 -15.01 18.53 0.97
C GLY A 78 -13.79 18.10 0.16
N LEU A 79 -13.94 18.05 -1.16
CA LEU A 79 -12.85 17.68 -2.05
C LEU A 79 -11.70 18.70 -1.96
N ARG A 80 -10.48 18.20 -2.03
CA ARG A 80 -9.28 19.05 -2.00
C ARG A 80 -8.37 18.86 -3.21
N GLU A 81 -8.46 17.70 -3.86
CA GLU A 81 -7.70 17.44 -5.07
C GLU A 81 -8.58 16.83 -6.15
N LEU A 82 -8.53 17.41 -7.35
CA LEU A 82 -9.17 16.81 -8.52
C LEU A 82 -8.22 16.70 -9.70
N GLU A 83 -8.07 15.48 -10.21
CA GLU A 83 -7.34 15.24 -11.46
C GLU A 83 -8.28 14.65 -12.49
N VAL A 84 -8.50 15.38 -13.59
CA VAL A 84 -9.21 14.83 -14.72
C VAL A 84 -8.34 14.99 -15.94
N SER A 85 -8.04 13.89 -16.62
CA SER A 85 -7.34 13.97 -17.89
C SER A 85 -7.89 13.00 -18.93
N GLY A 86 -7.70 13.35 -20.19
CA GLY A 86 -7.97 12.44 -21.30
C GLY A 86 -9.43 12.23 -21.65
N ASN A 87 -10.28 13.21 -21.33
CA ASN A 87 -11.71 13.14 -21.64
C ASN A 87 -12.13 14.19 -22.66
N LEU A 88 -11.98 13.83 -23.93
CA LEU A 88 -12.14 14.76 -25.04
C LEU A 88 -13.56 15.20 -25.36
N GLN A 89 -14.56 14.61 -24.72
CA GLN A 89 -15.93 15.05 -24.91
C GLN A 89 -16.34 16.00 -23.79
N LEU A 90 -15.39 16.28 -22.88
CA LEU A 90 -15.64 17.03 -21.65
C LEU A 90 -15.35 18.52 -21.84
N THR A 91 -16.39 19.31 -22.10
CA THR A 91 -16.23 20.71 -22.49
C THR A 91 -16.27 21.71 -21.33
N SER A 92 -16.64 21.23 -20.14
CA SER A 92 -16.80 22.07 -18.96
C SER A 92 -16.77 21.25 -17.67
N LEU A 93 -16.61 21.95 -16.54
CA LEU A 93 -16.55 21.31 -15.22
C LEU A 93 -17.72 21.72 -14.32
N PRO A 94 -18.10 20.84 -13.37
CA PRO A 94 -19.12 21.20 -12.38
C PRO A 94 -18.61 22.27 -11.41
N SER A 95 -19.53 22.96 -10.73
CA SER A 95 -19.17 23.99 -9.77
C SER A 95 -18.20 23.45 -8.73
N LEU A 96 -17.03 24.07 -8.63
CA LEU A 96 -15.96 23.59 -7.77
C LEU A 96 -16.20 23.92 -6.29
N PRO A 97 -16.09 22.91 -5.40
CA PRO A 97 -16.22 23.09 -3.94
C PRO A 97 -15.20 24.11 -3.41
N GLN A 98 -15.60 24.86 -2.38
CA GLN A 98 -14.81 25.98 -1.85
C GLN A 98 -13.42 25.59 -1.31
N GLY A 99 -13.30 24.38 -0.79
CA GLY A 99 -12.08 23.93 -0.13
C GLY A 99 -11.06 23.27 -1.03
N LEU A 100 -11.30 23.29 -2.34
CA LEU A 100 -10.40 22.68 -3.31
C LEU A 100 -9.04 23.39 -3.39
N GLN A 101 -7.98 22.60 -3.38
CA GLN A 101 -6.62 23.13 -3.30
C GLN A 101 -5.84 22.88 -4.58
N LYS A 102 -6.11 21.76 -5.23
CA LYS A 102 -5.38 21.33 -6.42
C LYS A 102 -6.36 20.90 -7.51
N LEU A 103 -6.22 21.47 -8.70
CA LEU A 103 -7.05 21.11 -9.84
C LEU A 103 -6.19 20.85 -11.07
N TRP A 104 -6.06 19.58 -11.43
CA TRP A 104 -5.34 19.18 -12.62
C TRP A 104 -6.36 18.69 -13.64
N ALA A 105 -6.64 19.52 -14.65
CA ALA A 105 -7.59 19.13 -15.67
C ALA A 105 -6.94 19.20 -17.05
N TYR A 106 -5.82 18.50 -17.18
CA TYR A 106 -5.04 18.42 -18.41
C TYR A 106 -5.84 17.72 -19.50
N ASN A 107 -5.56 18.06 -20.76
CA ASN A 107 -5.92 17.24 -21.91
C ASN A 107 -7.37 16.75 -22.01
N ASN A 108 -8.30 17.67 -21.82
CA ASN A 108 -9.70 17.41 -22.11
C ASN A 108 -10.09 18.32 -23.24
N TRP A 109 -11.34 18.77 -23.24
CA TRP A 109 -11.81 19.68 -24.26
C TRP A 109 -12.55 20.86 -23.64
N LEU A 110 -12.06 21.32 -22.50
CA LEU A 110 -12.67 22.45 -21.79
C LEU A 110 -12.68 23.73 -22.63
N ALA A 111 -13.86 24.29 -22.81
CA ALA A 111 -14.02 25.56 -23.53
C ALA A 111 -13.99 26.76 -22.58
N SER A 112 -14.17 26.49 -21.29
CA SER A 112 -14.13 27.50 -20.24
C SER A 112 -13.78 26.86 -18.91
N LEU A 113 -13.73 27.67 -17.86
CA LEU A 113 -13.51 27.18 -16.51
C LEU A 113 -14.49 27.80 -15.55
N PRO A 114 -14.99 27.01 -14.57
CA PRO A 114 -15.89 27.53 -13.54
C PRO A 114 -15.19 28.52 -12.59
N THR A 115 -15.99 29.20 -11.77
CA THR A 115 -15.50 30.12 -10.74
C THR A 115 -14.56 29.36 -9.80
N LEU A 116 -13.34 29.86 -9.68
CA LEU A 116 -12.28 29.17 -8.95
C LEU A 116 -12.39 29.32 -7.42
N PRO A 117 -12.28 28.20 -6.69
CA PRO A 117 -12.36 28.22 -5.23
C PRO A 117 -11.25 29.06 -4.59
N PRO A 118 -11.61 29.91 -3.61
CA PRO A 118 -10.79 30.78 -2.79
C PRO A 118 -9.40 30.25 -2.43
N GLY A 119 -9.32 28.99 -2.02
CA GLY A 119 -8.07 28.44 -1.50
C GLY A 119 -7.26 27.61 -2.47
N LEU A 120 -7.58 27.73 -3.76
CA LEU A 120 -6.86 27.01 -4.81
C LEU A 120 -5.38 27.42 -4.87
N GLY A 121 -4.50 26.43 -4.81
CA GLY A 121 -3.06 26.67 -4.83
C GLY A 121 -2.39 26.26 -6.13
N ASP A 122 -2.88 25.17 -6.70
CA ASP A 122 -2.29 24.58 -7.90
C ASP A 122 -3.36 24.44 -8.97
N LEU A 123 -3.13 25.06 -10.12
CA LEU A 123 -4.08 25.00 -11.21
C LEU A 123 -3.35 24.62 -12.48
N ALA A 124 -3.58 23.39 -12.95
CA ALA A 124 -2.96 22.91 -14.16
C ALA A 124 -4.04 22.47 -15.14
N VAL A 125 -4.28 23.29 -16.16
CA VAL A 125 -5.33 23.00 -17.14
C VAL A 125 -4.82 23.01 -18.57
N SER A 126 -3.57 22.56 -18.77
CA SER A 126 -2.91 22.58 -20.08
C SER A 126 -3.61 21.71 -21.12
N ASN A 127 -3.30 21.99 -22.40
CA ASN A 127 -3.81 21.21 -23.54
C ASN A 127 -5.34 21.11 -23.58
N ASN A 128 -6.00 22.25 -23.47
CA ASN A 128 -7.45 22.32 -23.57
C ASN A 128 -7.87 23.24 -24.71
N GLN A 129 -9.08 23.78 -24.63
CA GLN A 129 -9.63 24.66 -25.66
C GLN A 129 -9.86 26.09 -25.15
N LEU A 130 -9.28 26.43 -24.01
CA LEU A 130 -9.63 27.69 -23.34
C LEU A 130 -9.14 28.92 -24.11
N THR A 131 -10.05 29.86 -24.35
CA THR A 131 -9.70 31.13 -25.01
C THR A 131 -9.51 32.25 -23.99
N SER A 132 -9.98 32.04 -22.76
CA SER A 132 -9.81 32.97 -21.65
C SER A 132 -9.85 32.22 -20.31
N LEU A 133 -9.81 32.96 -19.19
CA LEU A 133 -9.75 32.38 -17.85
C LEU A 133 -10.42 33.31 -16.83
N PRO A 134 -10.97 32.76 -15.73
CA PRO A 134 -11.59 33.63 -14.72
C PRO A 134 -10.56 34.26 -13.79
N GLU A 135 -11.02 35.20 -12.95
CA GLU A 135 -10.17 35.85 -11.95
C GLU A 135 -9.51 34.80 -11.06
N MET A 136 -8.28 35.08 -10.63
CA MET A 136 -7.49 34.10 -9.89
C MET A 136 -7.54 34.35 -8.39
N PRO A 137 -7.77 33.27 -7.61
CA PRO A 137 -7.82 33.36 -6.15
C PRO A 137 -6.45 33.71 -5.56
N PRO A 138 -6.44 34.42 -4.42
CA PRO A 138 -5.22 35.05 -3.89
C PRO A 138 -4.09 34.09 -3.50
N ALA A 139 -4.46 32.86 -3.14
CA ALA A 139 -3.52 31.89 -2.57
C ALA A 139 -2.74 31.07 -3.60
N LEU A 140 -3.00 31.31 -4.89
CA LEU A 140 -2.44 30.49 -5.95
C LEU A 140 -0.92 30.58 -5.99
N ARG A 141 -0.27 29.44 -6.21
CA ARG A 141 1.20 29.39 -6.29
C ARG A 141 1.68 28.77 -7.61
N GLU A 142 0.78 28.09 -8.30
CA GLU A 142 1.11 27.50 -9.59
C GLU A 142 0.00 27.64 -10.60
N LEU A 143 0.35 28.17 -11.77
CA LEU A 143 -0.57 28.22 -12.90
C LEU A 143 0.04 27.56 -14.12
N ARG A 144 -0.67 26.58 -14.67
CA ARG A 144 -0.26 25.93 -15.90
C ARG A 144 -1.42 25.95 -16.89
N VAL A 145 -1.26 26.74 -17.94
CA VAL A 145 -2.33 26.93 -18.91
C VAL A 145 -1.81 26.81 -20.34
N SER A 146 -0.73 26.05 -20.50
CA SER A 146 -0.08 25.90 -21.79
C SER A 146 -0.94 25.12 -22.80
N GLY A 147 -0.65 25.28 -24.08
CA GLY A 147 -1.33 24.53 -25.14
C GLY A 147 -2.81 24.84 -25.28
N ASN A 148 -3.19 26.08 -25.00
CA ASN A 148 -4.53 26.58 -25.24
C ASN A 148 -4.44 27.81 -26.11
N ASN A 149 -5.56 28.22 -26.71
CA ASN A 149 -5.57 29.44 -27.52
C ASN A 149 -5.92 30.71 -26.72
N LEU A 150 -5.20 30.91 -25.63
CA LEU A 150 -5.33 32.10 -24.81
C LEU A 150 -4.73 33.31 -25.51
N THR A 151 -5.39 34.46 -25.36
CA THR A 151 -4.89 35.70 -25.95
C THR A 151 -4.21 36.57 -24.89
N SER A 152 -4.82 36.62 -23.72
CA SER A 152 -4.31 37.40 -22.62
C SER A 152 -4.50 36.61 -21.32
N LEU A 153 -3.88 37.07 -20.25
CA LEU A 153 -3.97 36.42 -18.95
C LEU A 153 -4.49 37.39 -17.89
N PRO A 154 -5.31 36.89 -16.94
CA PRO A 154 -5.80 37.76 -15.87
C PRO A 154 -4.67 38.26 -14.98
N ALA A 155 -4.94 39.30 -14.20
CA ALA A 155 -4.00 39.77 -13.19
C ALA A 155 -3.67 38.61 -12.26
N LEU A 156 -2.39 38.46 -11.95
CA LEU A 156 -1.90 37.33 -11.17
C LEU A 156 -1.88 37.66 -9.68
N PRO A 157 -2.25 36.69 -8.82
CA PRO A 157 -2.08 36.87 -7.39
C PRO A 157 -0.59 36.97 -7.03
N SER A 158 -0.29 37.73 -5.99
CA SER A 158 1.10 38.03 -5.61
C SER A 158 1.87 36.79 -5.14
N GLY A 159 1.13 35.81 -4.61
CA GLY A 159 1.73 34.60 -4.04
C GLY A 159 2.31 33.65 -5.07
N LEU A 160 2.03 33.89 -6.35
CA LEU A 160 2.38 33.00 -7.45
C LEU A 160 3.88 32.69 -7.56
N GLN A 161 4.19 31.41 -7.67
CA GLN A 161 5.57 30.95 -7.73
C GLN A 161 6.01 30.43 -9.10
N LYS A 162 5.06 29.93 -9.89
CA LYS A 162 5.36 29.37 -11.20
C LYS A 162 4.21 29.57 -12.18
N LEU A 163 4.55 30.04 -13.38
CA LEU A 163 3.57 30.21 -14.47
C LEU A 163 4.04 29.60 -15.79
N TRP A 164 3.26 28.64 -16.30
CA TRP A 164 3.50 28.05 -17.61
C TRP A 164 2.33 28.34 -18.53
N ALA A 165 2.60 29.03 -19.63
CA ALA A 165 1.58 29.42 -20.59
C ALA A 165 2.07 29.32 -22.05
N TYR A 166 3.13 28.54 -22.26
CA TYR A 166 3.73 28.35 -23.58
C TYR A 166 2.78 27.67 -24.57
N ASN A 167 3.02 27.91 -25.87
CA ASN A 167 2.15 27.41 -26.94
C ASN A 167 0.71 27.94 -26.85
N ASN A 168 0.59 29.25 -26.72
CA ASN A 168 -0.69 29.95 -26.80
C ASN A 168 -0.65 31.00 -27.89
N ARG A 169 -1.62 31.93 -27.85
CA ARG A 169 -1.65 33.04 -28.81
C ARG A 169 -1.50 34.37 -28.08
N LEU A 170 -0.71 34.36 -27.00
CA LEU A 170 -0.52 35.54 -26.14
C LEU A 170 0.11 36.73 -26.86
N THR A 171 -0.62 37.84 -26.85
CA THR A 171 -0.19 39.09 -27.48
C THR A 171 0.18 40.14 -26.44
N SER A 172 0.25 39.70 -25.18
CA SER A 172 0.73 40.54 -24.07
C SER A 172 0.74 39.72 -22.78
N LEU A 173 1.42 40.25 -21.76
CA LEU A 173 1.43 39.63 -20.43
C LEU A 173 0.86 40.58 -19.38
N PRO A 174 0.28 40.04 -18.30
CA PRO A 174 -0.14 40.92 -17.21
C PRO A 174 1.07 41.28 -16.35
N GLU A 175 0.84 42.13 -15.35
CA GLU A 175 1.88 42.48 -14.39
C GLU A 175 2.30 41.25 -13.58
N MET A 176 3.58 41.17 -13.26
CA MET A 176 4.16 40.03 -12.55
C MET A 176 3.98 40.12 -11.04
N SER A 177 3.84 38.95 -10.42
CA SER A 177 3.94 38.80 -8.97
C SER A 177 5.41 38.98 -8.55
N PRO A 178 5.64 39.52 -7.35
CA PRO A 178 7.03 39.86 -6.95
C PRO A 178 7.94 38.67 -6.68
N GLY A 179 7.40 37.57 -6.18
CA GLY A 179 8.22 36.42 -5.77
C GLY A 179 8.32 35.30 -6.78
N LEU A 180 8.08 35.61 -8.06
CA LEU A 180 8.06 34.62 -9.12
C LEU A 180 9.42 33.93 -9.31
N GLN A 181 9.38 32.62 -9.48
CA GLN A 181 10.59 31.82 -9.59
C GLN A 181 10.81 31.27 -10.98
N GLU A 182 9.73 31.08 -11.73
CA GLU A 182 9.81 30.45 -13.05
C GLU A 182 8.66 30.84 -13.97
N LEU A 183 9.02 31.42 -15.11
CA LEU A 183 8.05 31.82 -16.12
C LEU A 183 8.43 31.27 -17.48
N ASP A 184 7.55 30.44 -18.04
CA ASP A 184 7.73 29.91 -19.38
C ASP A 184 6.56 30.33 -20.27
N VAL A 185 6.84 31.26 -21.19
CA VAL A 185 5.87 31.69 -22.18
C VAL A 185 6.40 31.49 -23.61
N SER A 186 7.16 30.41 -23.79
CA SER A 186 7.72 30.07 -25.08
C SER A 186 6.63 29.93 -26.16
N HIS A 187 6.96 30.37 -27.36
CA HIS A 187 6.08 30.22 -28.52
C HIS A 187 4.71 30.90 -28.33
N ASN A 188 4.77 32.22 -28.22
CA ASN A 188 3.58 33.06 -28.21
C ASN A 188 3.76 34.21 -29.20
N GLN A 189 2.89 35.20 -29.14
CA GLN A 189 2.97 36.37 -30.01
C GLN A 189 3.35 37.61 -29.23
N LEU A 190 4.15 37.41 -28.18
CA LEU A 190 4.71 38.51 -27.38
C LEU A 190 5.70 39.31 -28.22
N THR A 191 5.71 40.63 -28.05
CA THR A 191 6.72 41.49 -28.67
C THR A 191 7.33 42.46 -27.66
N ARG A 192 6.49 42.97 -26.75
CA ARG A 192 6.94 43.82 -25.66
C ARG A 192 6.86 43.09 -24.33
N LEU A 193 7.94 43.12 -23.58
CA LEU A 193 7.99 42.60 -22.22
C LEU A 193 7.21 43.55 -21.30
N PRO A 194 6.41 42.99 -20.39
CA PRO A 194 5.94 43.92 -19.36
C PRO A 194 7.17 44.40 -18.60
N GLN A 195 7.40 45.72 -18.56
CA GLN A 195 8.55 46.25 -17.84
C GLN A 195 8.47 45.85 -16.35
N SER A 196 7.32 45.30 -15.97
CA SER A 196 7.07 44.77 -14.63
C SER A 196 8.00 43.60 -14.32
N LEU A 197 8.42 42.89 -15.36
CA LEU A 197 9.30 41.71 -15.27
C LEU A 197 10.57 41.94 -14.46
N THR A 198 11.13 43.14 -14.56
CA THR A 198 12.38 43.52 -13.91
C THR A 198 12.48 43.14 -12.42
N GLY A 199 11.33 42.80 -11.81
CA GLY A 199 11.27 42.42 -10.39
C GLY A 199 11.78 41.03 -10.06
N LEU A 200 12.01 40.21 -11.10
CA LEU A 200 12.48 38.84 -10.92
C LEU A 200 13.88 38.75 -10.30
N SER A 201 14.02 37.86 -9.31
CA SER A 201 15.28 37.69 -8.58
C SER A 201 16.37 37.06 -9.43
N SER A 202 17.59 37.01 -8.86
CA SER A 202 18.75 36.44 -9.53
C SER A 202 18.58 34.94 -9.84
N ALA A 203 17.92 34.22 -8.92
CA ALA A 203 17.72 32.78 -9.06
C ALA A 203 16.65 32.41 -10.09
N ALA A 204 15.77 33.36 -10.40
CA ALA A 204 14.59 33.13 -11.23
C ALA A 204 14.92 32.75 -12.69
N ARG A 205 14.09 31.88 -13.27
CA ARG A 205 14.28 31.45 -14.65
C ARG A 205 13.12 31.79 -15.58
N VAL A 206 13.44 32.48 -16.68
CA VAL A 206 12.44 32.91 -17.67
C VAL A 206 12.73 32.30 -19.05
N TYR A 207 11.65 31.95 -19.77
CA TYR A 207 11.75 31.32 -21.08
C TYR A 207 10.88 32.04 -22.12
N LEU A 208 11.52 32.65 -23.10
CA LEU A 208 10.83 33.51 -24.07
C LEU A 208 11.02 33.08 -25.54
N ASP A 209 11.64 31.92 -25.77
CA ASP A 209 11.88 31.41 -27.12
C ASP A 209 10.60 31.34 -27.96
N GLY A 210 10.73 31.55 -29.26
CA GLY A 210 9.61 31.45 -30.20
C GLY A 210 8.62 32.59 -30.11
N ASN A 211 9.14 33.80 -29.91
CA ASN A 211 8.29 34.98 -29.94
C ASN A 211 8.90 35.98 -30.89
N PRO A 212 8.04 36.77 -31.58
CA PRO A 212 8.61 37.99 -32.12
C PRO A 212 9.03 38.78 -30.90
N LEU A 213 9.97 39.70 -31.03
CA LEU A 213 10.34 40.51 -29.90
C LEU A 213 10.91 41.74 -30.52
N SER A 214 10.36 42.88 -30.13
CA SER A 214 10.77 44.16 -30.66
C SER A 214 12.25 44.37 -30.37
N VAL A 215 12.96 44.91 -31.36
CA VAL A 215 14.41 45.12 -31.28
C VAL A 215 14.83 45.77 -29.95
N ARG A 216 14.05 46.74 -29.48
CA ARG A 216 14.31 47.45 -28.23
C ARG A 216 14.23 46.49 -27.05
N THR A 217 13.20 45.64 -27.06
CA THR A 217 12.95 44.69 -25.97
C THR A 217 14.06 43.64 -25.91
N LEU A 218 14.50 43.17 -27.08
CA LEU A 218 15.65 42.27 -27.19
C LEU A 218 16.90 42.88 -26.57
N GLN A 219 17.19 44.12 -26.95
CA GLN A 219 18.36 44.81 -26.42
C GLN A 219 18.22 45.05 -24.90
N ALA A 220 17.02 45.43 -24.46
CA ALA A 220 16.73 45.55 -23.03
C ALA A 220 16.95 44.25 -22.23
N LEU A 221 16.61 43.11 -22.84
CA LEU A 221 16.86 41.81 -22.20
C LEU A 221 18.35 41.51 -22.14
N ARG A 222 19.05 41.79 -23.24
CA ARG A 222 20.51 41.68 -23.33
C ARG A 222 21.17 42.51 -22.22
N ASP A 223 20.52 43.61 -21.84
CA ASP A 223 20.99 44.46 -20.75
C ASP A 223 20.80 43.83 -19.38
N ILE A 224 19.65 43.19 -19.17
CA ILE A 224 19.30 42.63 -17.85
C ILE A 224 20.23 41.48 -17.45
N ILE A 225 20.51 40.57 -18.38
CA ILE A 225 21.40 39.40 -18.14
C ILE A 225 22.77 39.82 -17.57
N GLY A 226 23.33 40.89 -18.13
CA GLY A 226 24.65 41.37 -17.73
C GLY A 226 24.66 42.06 -16.38
N HIS A 227 23.52 42.61 -15.98
CA HIS A 227 23.42 43.37 -14.73
C HIS A 227 22.82 42.58 -13.55
N SER A 228 21.93 41.64 -13.85
CA SER A 228 21.23 40.89 -12.82
C SER A 228 21.73 39.46 -12.61
N GLY A 229 22.49 38.93 -13.56
CA GLY A 229 22.96 37.54 -13.52
C GLY A 229 21.82 36.54 -13.59
N ILE A 230 20.65 37.03 -14.00
CA ILE A 230 19.42 36.26 -14.13
C ILE A 230 19.46 35.41 -15.40
N ARG A 231 18.84 34.23 -15.35
CA ARG A 231 18.75 33.37 -16.53
C ARG A 231 17.49 33.63 -17.35
N ILE A 232 17.67 34.33 -18.47
CA ILE A 232 16.60 34.60 -19.44
C ILE A 232 16.99 34.05 -20.81
N HIS A 233 16.10 33.25 -21.37
CA HIS A 233 16.29 32.64 -22.68
C HIS A 233 15.32 33.27 -23.67
N PHE A 234 15.80 33.54 -24.88
CA PHE A 234 15.01 34.12 -25.96
C PHE A 234 15.72 33.90 -27.28
N ASP A 235 14.97 33.93 -28.37
CA ASP A 235 15.53 33.84 -29.72
C ASP A 235 16.36 35.08 -30.06
N MET A 236 17.46 34.84 -30.76
CA MET A 236 18.37 35.90 -31.18
C MET A 236 18.91 35.61 -32.57
N ALA A 237 19.05 36.65 -33.37
CA ALA A 237 19.68 36.53 -34.69
C ALA A 237 21.20 36.41 -34.53
N GLY A 238 21.84 35.76 -35.50
CA GLY A 238 23.29 35.60 -35.48
C GLY A 238 23.73 34.15 -35.43
N GLU B 3 8.61 -28.28 -6.96
CA GLU B 3 8.14 -27.02 -6.31
C GLU B 3 7.83 -25.92 -7.34
N TYR B 4 7.58 -24.72 -6.83
CA TYR B 4 7.09 -23.62 -7.66
C TYR B 4 8.09 -23.08 -8.69
N ASP B 5 9.37 -23.26 -8.43
CA ASP B 5 10.41 -22.73 -9.33
C ASP B 5 10.50 -23.49 -10.65
N ALA B 6 10.47 -24.83 -10.59
CA ALA B 6 10.43 -25.65 -11.81
C ALA B 6 9.17 -25.39 -12.65
N VAL B 7 8.05 -25.15 -11.98
CA VAL B 7 6.79 -24.90 -12.69
C VAL B 7 6.78 -23.51 -13.33
N TRP B 8 7.32 -22.52 -12.60
CA TRP B 8 7.34 -21.13 -13.07
C TRP B 8 8.39 -20.90 -14.13
N SER B 9 9.49 -21.65 -14.07
CA SER B 9 10.51 -21.53 -15.10
C SER B 9 9.99 -22.12 -16.41
N LYS B 10 9.30 -23.26 -16.31
CA LYS B 10 8.62 -23.90 -17.44
C LYS B 10 7.71 -22.93 -18.18
N TRP B 11 6.99 -22.11 -17.40
CA TRP B 11 5.99 -21.19 -17.92
C TRP B 11 6.62 -20.05 -18.70
N GLU B 12 7.71 -19.50 -18.16
CA GLU B 12 8.45 -18.43 -18.82
C GLU B 12 9.17 -18.91 -20.07
N ARG B 13 9.73 -20.12 -20.01
CA ARG B 13 10.46 -20.71 -21.14
C ARG B 13 9.58 -21.01 -22.35
N ASP B 14 8.32 -21.36 -22.09
CA ASP B 14 7.33 -21.60 -23.15
C ASP B 14 6.73 -20.30 -23.72
N ALA B 15 7.26 -19.15 -23.32
CA ALA B 15 6.67 -17.88 -23.71
C ALA B 15 6.87 -17.59 -25.19
N PRO B 16 5.78 -17.28 -25.91
CA PRO B 16 6.04 -16.59 -27.17
C PRO B 16 6.72 -15.29 -26.80
N ALA B 17 7.77 -14.93 -27.54
CA ALA B 17 8.43 -13.64 -27.35
C ALA B 17 7.35 -12.55 -27.39
N GLY B 18 7.44 -11.60 -26.47
CA GLY B 18 6.43 -10.54 -26.39
C GLY B 18 5.52 -10.75 -25.22
N GLU B 19 5.64 -11.92 -24.58
CA GLU B 19 4.99 -12.20 -23.31
C GLU B 19 6.06 -12.37 -22.23
N SER B 20 7.32 -12.42 -22.68
CA SER B 20 8.46 -12.60 -21.80
C SER B 20 8.50 -11.60 -20.64
N PRO B 21 8.31 -10.29 -20.91
CA PRO B 21 8.34 -9.35 -19.77
C PRO B 21 7.13 -9.52 -18.85
N GLY B 22 5.95 -9.64 -19.45
CA GLY B 22 4.71 -9.80 -18.70
C GLY B 22 4.78 -11.00 -17.78
N ARG B 23 5.32 -12.11 -18.30
CA ARG B 23 5.39 -13.37 -17.56
C ARG B 23 6.44 -13.31 -16.44
N ALA B 24 7.56 -12.66 -16.73
CA ALA B 24 8.61 -12.45 -15.74
C ALA B 24 8.07 -11.62 -14.57
N ALA B 25 7.33 -10.57 -14.88
CA ALA B 25 6.68 -9.71 -13.87
C ALA B 25 5.76 -10.49 -12.95
N VAL B 26 4.97 -11.37 -13.55
CA VAL B 26 4.03 -12.20 -12.79
C VAL B 26 4.79 -13.16 -11.92
N VAL B 27 5.93 -13.67 -12.40
CA VAL B 27 6.70 -14.63 -11.64
C VAL B 27 7.29 -13.94 -10.43
N GLN B 28 7.81 -12.74 -10.65
CA GLN B 28 8.40 -11.93 -9.59
C GLN B 28 7.32 -11.62 -8.56
N GLU B 29 6.11 -11.26 -9.04
CA GLU B 29 4.94 -11.01 -8.17
C GLU B 29 4.62 -12.17 -7.24
N MET B 30 4.63 -13.37 -7.81
CA MET B 30 4.26 -14.59 -7.11
C MET B 30 5.31 -14.93 -6.07
N ARG B 31 6.57 -14.70 -6.41
CA ARG B 31 7.69 -14.99 -5.54
C ARG B 31 7.70 -14.00 -4.37
N ASP B 32 7.34 -12.75 -4.64
CA ASP B 32 7.13 -11.74 -3.60
C ASP B 32 6.04 -12.17 -2.62
N CYS B 33 4.94 -12.70 -3.17
CA CYS B 33 3.84 -13.25 -2.36
C CYS B 33 4.33 -14.33 -1.40
N LEU B 34 5.19 -15.23 -1.87
CA LEU B 34 5.76 -16.28 -1.01
C LEU B 34 6.65 -15.72 0.09
N ASN B 35 7.42 -14.68 -0.23
CA ASN B 35 8.36 -14.11 0.73
C ASN B 35 7.71 -13.27 1.82
N ASN B 36 6.64 -12.54 1.49
CA ASN B 36 5.97 -11.68 2.48
C ASN B 36 4.53 -12.09 2.87
N GLY B 37 3.97 -13.06 2.17
CA GLY B 37 2.63 -13.56 2.46
C GLY B 37 1.46 -12.75 1.93
N ASN B 38 1.71 -11.90 0.94
CA ASN B 38 0.67 -11.09 0.32
C ASN B 38 -0.43 -12.00 -0.24
N PRO B 39 -1.68 -11.80 0.23
CA PRO B 39 -2.81 -12.64 -0.17
C PRO B 39 -3.45 -12.26 -1.49
N VAL B 40 -3.01 -11.15 -2.08
CA VAL B 40 -3.62 -10.66 -3.32
C VAL B 40 -2.62 -10.84 -4.46
N LEU B 41 -3.11 -11.33 -5.59
CA LEU B 41 -2.29 -11.46 -6.79
C LEU B 41 -3.03 -10.94 -8.01
N ASN B 42 -2.53 -9.85 -8.57
CA ASN B 42 -3.03 -9.28 -9.82
C ASN B 42 -1.99 -9.55 -10.90
N VAL B 43 -2.41 -10.25 -11.95
CA VAL B 43 -1.48 -10.73 -12.99
C VAL B 43 -1.27 -9.75 -14.13
N GLY B 44 -1.89 -8.57 -14.05
CA GLY B 44 -1.64 -7.49 -15.00
C GLY B 44 -2.30 -7.70 -16.35
N ALA B 45 -2.29 -6.65 -17.18
CA ALA B 45 -2.84 -6.75 -18.52
C ALA B 45 -1.70 -6.74 -19.52
N SER B 46 -1.26 -7.93 -19.94
CA SER B 46 -0.11 -8.00 -20.85
C SER B 46 -0.25 -9.00 -22.00
N GLY B 47 -1.48 -9.35 -22.34
CA GLY B 47 -1.75 -10.28 -23.44
C GLY B 47 -1.21 -11.69 -23.19
N LEU B 48 -1.30 -12.13 -21.93
CA LEU B 48 -0.93 -13.49 -21.55
C LEU B 48 -1.84 -14.52 -22.24
N THR B 49 -1.23 -15.53 -22.86
CA THR B 49 -2.00 -16.56 -23.53
C THR B 49 -2.27 -17.74 -22.60
N THR B 50 -1.40 -17.97 -21.60
CA THR B 50 -1.60 -18.98 -20.56
C THR B 50 -1.19 -18.43 -19.20
N LEU B 51 -1.45 -19.20 -18.15
CA LEU B 51 -0.97 -18.93 -16.79
C LEU B 51 -0.20 -20.14 -16.27
N PRO B 52 0.69 -19.95 -15.27
CA PRO B 52 1.42 -21.13 -14.80
C PRO B 52 0.47 -22.12 -14.14
N ASP B 53 0.83 -23.40 -14.14
CA ASP B 53 -0.01 -24.47 -13.60
C ASP B 53 -0.33 -24.33 -12.11
N ARG B 54 0.66 -23.89 -11.33
CA ARG B 54 0.45 -23.63 -9.92
C ARG B 54 0.69 -22.16 -9.57
N LEU B 55 -0.01 -21.71 -8.54
CA LEU B 55 0.07 -20.32 -8.07
C LEU B 55 0.35 -20.37 -6.57
N PRO B 56 0.84 -19.25 -5.97
CA PRO B 56 1.10 -19.33 -4.52
C PRO B 56 -0.11 -19.87 -3.77
N PRO B 57 0.11 -20.83 -2.86
CA PRO B 57 -0.98 -21.61 -2.27
C PRO B 57 -1.83 -20.84 -1.27
N HIS B 58 -1.34 -19.68 -0.83
CA HIS B 58 -1.94 -18.93 0.26
C HIS B 58 -2.77 -17.73 -0.21
N ILE B 59 -2.83 -17.47 -1.52
CA ILE B 59 -3.57 -16.29 -1.95
C ILE B 59 -5.09 -16.46 -1.76
N THR B 60 -5.77 -15.32 -1.60
CA THR B 60 -7.21 -15.31 -1.32
C THR B 60 -7.95 -14.44 -2.33
N THR B 61 -7.24 -13.55 -3.02
CA THR B 61 -7.83 -12.73 -4.07
C THR B 61 -6.99 -12.87 -5.32
N LEU B 62 -7.59 -13.40 -6.39
CA LEU B 62 -6.93 -13.50 -7.68
C LEU B 62 -7.61 -12.60 -8.73
N VAL B 63 -6.86 -11.64 -9.26
CA VAL B 63 -7.42 -10.67 -10.22
C VAL B 63 -6.74 -10.81 -11.59
N ILE B 64 -7.55 -11.12 -12.61
CA ILE B 64 -7.05 -11.33 -13.97
C ILE B 64 -7.74 -10.39 -14.96
N PRO B 65 -7.07 -9.27 -15.30
CA PRO B 65 -7.62 -8.29 -16.22
C PRO B 65 -7.54 -8.77 -17.68
N ASP B 66 -7.77 -7.86 -18.62
CA ASP B 66 -7.78 -8.19 -20.05
C ASP B 66 -6.50 -8.90 -20.49
N ASN B 67 -6.66 -10.13 -20.98
CA ASN B 67 -5.58 -10.93 -21.55
C ASN B 67 -6.12 -11.86 -22.64
N ASN B 68 -5.25 -12.72 -23.19
CA ASN B 68 -5.66 -13.71 -24.20
C ASN B 68 -5.70 -15.14 -23.68
N LEU B 69 -6.24 -15.33 -22.49
CA LEU B 69 -6.33 -16.66 -21.89
C LEU B 69 -7.48 -17.48 -22.47
N THR B 70 -7.22 -18.76 -22.75
CA THR B 70 -8.29 -19.69 -23.15
C THR B 70 -8.76 -20.56 -21.98
N SER B 71 -7.91 -20.72 -20.98
CA SER B 71 -8.29 -21.39 -19.73
C SER B 71 -7.54 -20.82 -18.54
N LEU B 72 -7.87 -21.29 -17.34
CA LEU B 72 -7.19 -20.91 -16.12
C LEU B 72 -6.64 -22.17 -15.46
N PRO B 73 -5.57 -22.03 -14.65
CA PRO B 73 -5.01 -23.19 -13.96
C PRO B 73 -5.90 -23.62 -12.78
N GLU B 74 -5.53 -24.71 -12.11
CA GLU B 74 -6.10 -25.04 -10.81
C GLU B 74 -5.86 -23.86 -9.89
N LEU B 75 -6.89 -23.48 -9.13
CA LEU B 75 -6.83 -22.26 -8.32
C LEU B 75 -6.39 -22.56 -6.89
N PRO B 76 -5.87 -21.53 -6.18
CA PRO B 76 -5.48 -21.79 -4.80
C PRO B 76 -6.70 -22.20 -4.01
N GLU B 77 -6.57 -23.27 -3.24
CA GLU B 77 -7.68 -23.90 -2.54
C GLU B 77 -8.39 -22.98 -1.56
N GLY B 78 -7.65 -22.03 -1.00
CA GLY B 78 -8.24 -21.08 -0.07
C GLY B 78 -8.66 -19.78 -0.71
N LEU B 79 -8.84 -19.77 -2.02
CA LEU B 79 -9.26 -18.55 -2.72
C LEU B 79 -10.64 -18.07 -2.26
N ARG B 80 -10.78 -16.76 -2.14
CA ARG B 80 -12.02 -16.16 -1.65
C ARG B 80 -12.69 -15.28 -2.71
N GLU B 81 -11.86 -14.61 -3.51
CA GLU B 81 -12.33 -13.73 -4.58
C GLU B 81 -11.61 -14.04 -5.87
N LEU B 82 -12.37 -14.22 -6.95
CA LEU B 82 -11.79 -14.34 -8.28
C LEU B 82 -12.43 -13.36 -9.23
N GLU B 83 -11.62 -12.54 -9.89
CA GLU B 83 -12.13 -11.61 -10.89
C GLU B 83 -11.45 -11.88 -12.24
N VAL B 84 -12.26 -12.20 -13.25
CA VAL B 84 -11.75 -12.26 -14.61
C VAL B 84 -12.63 -11.43 -15.51
N SER B 85 -12.00 -10.55 -16.30
CA SER B 85 -12.69 -9.83 -17.35
C SER B 85 -11.78 -9.64 -18.56
N GLY B 86 -12.41 -9.49 -19.73
CA GLY B 86 -11.72 -9.11 -20.95
C GLY B 86 -10.85 -10.18 -21.57
N ASN B 87 -11.16 -11.43 -21.24
CA ASN B 87 -10.49 -12.56 -21.84
C ASN B 87 -11.48 -13.21 -22.79
N LEU B 88 -11.43 -12.75 -24.04
CA LEU B 88 -12.51 -13.01 -25.00
C LEU B 88 -12.47 -14.39 -25.62
N GLN B 89 -11.39 -15.13 -25.38
CA GLN B 89 -11.27 -16.50 -25.86
C GLN B 89 -11.45 -17.50 -24.73
N LEU B 90 -11.86 -17.03 -23.55
CA LEU B 90 -12.03 -17.88 -22.37
C LEU B 90 -13.48 -18.32 -22.23
N THR B 91 -13.74 -19.61 -22.47
CA THR B 91 -15.10 -20.11 -22.61
C THR B 91 -15.58 -21.00 -21.45
N SER B 92 -14.67 -21.29 -20.51
CA SER B 92 -14.99 -22.07 -19.32
C SER B 92 -14.03 -21.79 -18.18
N LEU B 93 -14.43 -22.19 -16.96
CA LEU B 93 -13.65 -21.98 -15.74
C LEU B 93 -13.24 -23.31 -15.13
N PRO B 94 -12.15 -23.33 -14.34
CA PRO B 94 -11.83 -24.58 -13.65
C PRO B 94 -12.76 -24.79 -12.44
N SER B 95 -12.70 -25.96 -11.81
CA SER B 95 -13.56 -26.18 -10.65
C SER B 95 -13.16 -25.21 -9.53
N LEU B 96 -14.16 -24.59 -8.91
CA LEU B 96 -13.93 -23.46 -8.03
C LEU B 96 -13.67 -23.89 -6.59
N PRO B 97 -12.74 -23.21 -5.88
CA PRO B 97 -12.38 -23.53 -4.50
C PRO B 97 -13.57 -23.49 -3.54
N GLN B 98 -13.54 -24.38 -2.55
CA GLN B 98 -14.72 -24.64 -1.73
C GLN B 98 -15.23 -23.45 -0.92
N GLY B 99 -14.32 -22.51 -0.64
CA GLY B 99 -14.64 -21.34 0.16
C GLY B 99 -14.71 -20.05 -0.64
N LEU B 100 -14.87 -20.19 -1.95
CA LEU B 100 -14.90 -19.04 -2.83
C LEU B 100 -16.13 -18.23 -2.55
N GLN B 101 -15.95 -16.94 -2.29
CA GLN B 101 -17.03 -16.06 -1.90
C GLN B 101 -17.44 -15.13 -3.02
N LYS B 102 -16.47 -14.62 -3.76
CA LYS B 102 -16.78 -13.71 -4.86
C LYS B 102 -16.32 -14.30 -6.19
N LEU B 103 -17.20 -14.30 -7.19
CA LEU B 103 -16.80 -14.71 -8.53
C LEU B 103 -17.29 -13.73 -9.59
N TRP B 104 -16.33 -12.99 -10.14
CA TRP B 104 -16.59 -12.03 -11.18
C TRP B 104 -16.02 -12.58 -12.47
N ALA B 105 -16.89 -12.81 -13.44
CA ALA B 105 -16.45 -13.27 -14.74
C ALA B 105 -17.13 -12.51 -15.87
N TYR B 106 -17.35 -11.21 -15.64
CA TYR B 106 -17.82 -10.25 -16.63
C TYR B 106 -17.01 -10.30 -17.93
N ASN B 107 -17.70 -10.22 -19.06
CA ASN B 107 -17.08 -9.87 -20.35
C ASN B 107 -15.94 -10.77 -20.83
N ASN B 108 -16.21 -12.05 -20.85
CA ASN B 108 -15.31 -13.03 -21.42
C ASN B 108 -16.08 -13.69 -22.55
N TRP B 109 -16.12 -15.03 -22.56
CA TRP B 109 -16.96 -15.77 -23.50
C TRP B 109 -17.37 -17.12 -22.89
N LEU B 110 -17.74 -17.09 -21.63
CA LEU B 110 -18.09 -18.28 -20.88
C LEU B 110 -19.33 -18.98 -21.45
N ALA B 111 -19.20 -20.27 -21.74
CA ALA B 111 -20.28 -21.06 -22.35
C ALA B 111 -21.07 -21.77 -21.27
N SER B 112 -20.44 -22.01 -20.12
CA SER B 112 -21.09 -22.63 -18.97
C SER B 112 -20.41 -22.15 -17.68
N LEU B 113 -20.83 -22.71 -16.56
CA LEU B 113 -20.21 -22.48 -15.26
C LEU B 113 -19.97 -23.82 -14.58
N PRO B 114 -18.92 -23.90 -13.74
CA PRO B 114 -18.70 -25.10 -12.94
C PRO B 114 -19.71 -25.16 -11.80
N THR B 115 -19.69 -26.21 -10.98
CA THR B 115 -20.57 -26.23 -9.83
C THR B 115 -20.12 -25.16 -8.84
N LEU B 116 -21.08 -24.41 -8.33
CA LEU B 116 -20.81 -23.26 -7.48
C LEU B 116 -20.57 -23.69 -6.04
N PRO B 117 -19.52 -23.12 -5.40
CA PRO B 117 -19.19 -23.48 -4.03
C PRO B 117 -20.25 -23.03 -3.02
N PRO B 118 -20.48 -23.83 -1.97
CA PRO B 118 -21.48 -23.56 -0.93
C PRO B 118 -21.51 -22.14 -0.40
N GLY B 119 -20.35 -21.48 -0.30
CA GLY B 119 -20.24 -20.18 0.35
C GLY B 119 -20.17 -18.96 -0.56
N LEU B 120 -20.43 -19.16 -1.84
CA LEU B 120 -20.49 -18.07 -2.80
C LEU B 120 -21.60 -17.08 -2.41
N GLY B 121 -21.19 -15.82 -2.27
CA GLY B 121 -22.13 -14.76 -1.89
C GLY B 121 -22.49 -13.85 -3.04
N ASP B 122 -21.51 -13.58 -3.90
CA ASP B 122 -21.61 -12.64 -5.03
C ASP B 122 -21.23 -13.29 -6.35
N LEU B 123 -22.20 -13.41 -7.25
CA LEU B 123 -21.97 -13.93 -8.59
C LEU B 123 -22.26 -12.90 -9.68
N ALA B 124 -21.25 -12.61 -10.48
CA ALA B 124 -21.36 -11.61 -11.54
C ALA B 124 -20.71 -12.16 -12.80
N VAL B 125 -21.53 -12.64 -13.71
CA VAL B 125 -21.06 -13.28 -14.94
C VAL B 125 -21.79 -12.73 -16.16
N SER B 126 -22.24 -11.47 -16.06
CA SER B 126 -22.88 -10.76 -17.16
C SER B 126 -21.99 -10.69 -18.41
N ASN B 127 -22.63 -10.56 -19.57
CA ASN B 127 -21.95 -10.40 -20.88
C ASN B 127 -21.05 -11.57 -21.27
N ASN B 128 -21.64 -12.75 -21.41
CA ASN B 128 -20.96 -13.95 -21.87
C ASN B 128 -21.83 -14.73 -22.86
N GLN B 129 -21.68 -16.04 -22.88
CA GLN B 129 -22.31 -16.90 -23.88
C GLN B 129 -23.25 -17.91 -23.19
N LEU B 130 -23.60 -17.63 -21.94
CA LEU B 130 -24.29 -18.59 -21.08
C LEU B 130 -25.71 -18.88 -21.54
N THR B 131 -26.03 -20.17 -21.66
CA THR B 131 -27.37 -20.60 -22.06
C THR B 131 -28.16 -21.26 -20.91
N SER B 132 -27.48 -21.49 -19.78
CA SER B 132 -28.11 -21.93 -18.53
C SER B 132 -27.13 -21.77 -17.36
N LEU B 133 -27.67 -21.81 -16.14
CA LEU B 133 -26.87 -21.68 -14.92
C LEU B 133 -26.98 -22.95 -14.10
N PRO B 134 -25.94 -23.30 -13.33
CA PRO B 134 -26.09 -24.46 -12.43
C PRO B 134 -26.86 -24.06 -11.17
N GLU B 135 -27.18 -25.05 -10.32
CA GLU B 135 -27.80 -24.79 -9.02
C GLU B 135 -27.05 -23.72 -8.22
N MET B 136 -27.82 -22.89 -7.53
CA MET B 136 -27.31 -21.79 -6.76
C MET B 136 -26.94 -22.26 -5.34
N PRO B 137 -25.84 -21.71 -4.77
CA PRO B 137 -25.48 -22.04 -3.39
C PRO B 137 -26.46 -21.44 -2.40
N PRO B 138 -26.57 -22.03 -1.19
CA PRO B 138 -27.61 -21.58 -0.26
C PRO B 138 -27.44 -20.15 0.26
N ALA B 139 -26.25 -19.59 0.17
CA ALA B 139 -25.98 -18.30 0.79
C ALA B 139 -25.86 -17.15 -0.19
N LEU B 140 -26.12 -17.41 -1.48
CA LEU B 140 -25.96 -16.40 -2.50
C LEU B 140 -26.82 -15.17 -2.23
N ARG B 141 -26.23 -13.99 -2.30
CA ARG B 141 -26.95 -12.77 -1.98
C ARG B 141 -27.09 -11.85 -3.18
N GLU B 142 -26.12 -11.89 -4.08
CA GLU B 142 -26.21 -11.10 -5.30
C GLU B 142 -25.90 -11.95 -6.53
N LEU B 143 -26.77 -11.87 -7.53
CA LEU B 143 -26.58 -12.60 -8.77
C LEU B 143 -26.74 -11.68 -9.96
N ARG B 144 -25.74 -11.66 -10.83
CA ARG B 144 -25.75 -10.82 -12.03
C ARG B 144 -25.43 -11.68 -13.25
N VAL B 145 -26.37 -11.72 -14.19
CA VAL B 145 -26.21 -12.53 -15.40
C VAL B 145 -26.78 -11.84 -16.63
N SER B 146 -26.73 -10.52 -16.65
CA SER B 146 -27.24 -9.79 -17.80
C SER B 146 -26.42 -10.06 -19.07
N GLY B 147 -27.03 -9.86 -20.23
CA GLY B 147 -26.31 -10.02 -21.49
C GLY B 147 -25.87 -11.44 -21.83
N ASN B 148 -26.68 -12.42 -21.46
CA ASN B 148 -26.41 -13.80 -21.84
C ASN B 148 -27.55 -14.33 -22.70
N ASN B 149 -27.62 -15.66 -22.84
CA ASN B 149 -28.71 -16.30 -23.59
C ASN B 149 -29.57 -17.19 -22.72
N LEU B 150 -29.83 -16.75 -21.49
CA LEU B 150 -30.64 -17.56 -20.57
C LEU B 150 -32.13 -17.53 -20.94
N THR B 151 -32.79 -18.68 -20.91
CA THR B 151 -34.25 -18.71 -21.12
C THR B 151 -34.98 -18.87 -19.79
N SER B 152 -34.26 -19.31 -18.77
CA SER B 152 -34.81 -19.49 -17.43
C SER B 152 -33.72 -19.35 -16.37
N LEU B 153 -34.15 -19.16 -15.12
CA LEU B 153 -33.24 -19.06 -13.99
C LEU B 153 -33.54 -20.21 -13.03
N PRO B 154 -32.49 -20.74 -12.37
CA PRO B 154 -32.70 -21.77 -11.35
C PRO B 154 -33.45 -21.22 -10.13
N ALA B 155 -33.82 -22.11 -9.21
CA ALA B 155 -34.46 -21.72 -7.96
C ALA B 155 -33.57 -20.77 -7.18
N LEU B 156 -34.17 -19.77 -6.54
CA LEU B 156 -33.41 -18.75 -5.80
C LEU B 156 -33.33 -19.08 -4.31
N PRO B 157 -32.14 -18.88 -3.71
CA PRO B 157 -31.96 -19.08 -2.27
C PRO B 157 -32.66 -18.00 -1.46
N SER B 158 -32.89 -18.28 -0.17
CA SER B 158 -33.78 -17.44 0.65
C SER B 158 -33.16 -16.15 1.18
N GLY B 159 -32.01 -15.79 0.63
CA GLY B 159 -31.24 -14.64 1.12
C GLY B 159 -30.75 -13.74 0.01
N LEU B 160 -31.07 -14.12 -1.23
CA LEU B 160 -30.74 -13.32 -2.41
C LEU B 160 -31.38 -11.96 -2.28
N GLN B 161 -30.57 -10.93 -2.51
CA GLN B 161 -30.97 -9.54 -2.32
C GLN B 161 -31.10 -8.85 -3.66
N LYS B 162 -30.20 -9.21 -4.58
CA LYS B 162 -30.11 -8.60 -5.91
C LYS B 162 -30.09 -9.67 -7.00
N LEU B 163 -30.86 -9.45 -8.05
CA LEU B 163 -30.85 -10.32 -9.23
C LEU B 163 -31.01 -9.46 -10.48
N TRP B 164 -29.95 -9.41 -11.27
CA TRP B 164 -29.97 -8.71 -12.55
C TRP B 164 -29.75 -9.76 -13.61
N ALA B 165 -30.73 -9.88 -14.51
CA ALA B 165 -30.64 -10.81 -15.62
C ALA B 165 -31.18 -10.16 -16.88
N TYR B 166 -31.18 -8.83 -16.92
CA TYR B 166 -31.66 -8.09 -18.08
C TYR B 166 -30.87 -8.39 -19.34
N ASN B 167 -31.53 -8.34 -20.49
CA ASN B 167 -30.91 -8.67 -21.79
C ASN B 167 -30.58 -10.15 -21.92
N ASN B 168 -31.60 -10.99 -21.75
CA ASN B 168 -31.50 -12.42 -21.99
C ASN B 168 -32.67 -12.87 -22.84
N ARG B 169 -33.05 -14.13 -22.74
CA ARG B 169 -34.18 -14.64 -23.51
C ARG B 169 -35.19 -15.29 -22.56
N LEU B 170 -35.30 -14.72 -21.36
CA LEU B 170 -36.13 -15.28 -20.30
C LEU B 170 -37.60 -15.31 -20.68
N THR B 171 -38.17 -16.51 -20.73
CA THR B 171 -39.58 -16.67 -21.04
C THR B 171 -40.38 -16.91 -19.76
N SER B 172 -39.64 -17.17 -18.68
CA SER B 172 -40.21 -17.63 -17.42
C SER B 172 -39.42 -17.04 -16.23
N LEU B 173 -40.05 -17.00 -15.06
CA LEU B 173 -39.37 -16.60 -13.83
C LEU B 173 -39.58 -17.57 -12.68
N PRO B 174 -38.52 -17.83 -11.89
CA PRO B 174 -38.73 -18.61 -10.68
C PRO B 174 -39.39 -17.75 -9.60
N GLU B 175 -39.85 -18.38 -8.52
CA GLU B 175 -40.43 -17.65 -7.40
C GLU B 175 -39.40 -16.76 -6.71
N MET B 176 -39.84 -15.59 -6.23
CA MET B 176 -38.96 -14.67 -5.53
C MET B 176 -38.76 -15.11 -4.09
N SER B 177 -37.52 -15.02 -3.62
CA SER B 177 -37.23 -15.12 -2.19
C SER B 177 -37.80 -13.86 -1.53
N PRO B 178 -38.41 -14.02 -0.33
CA PRO B 178 -39.18 -12.87 0.18
C PRO B 178 -38.33 -11.66 0.58
N GLY B 179 -37.03 -11.87 0.79
CA GLY B 179 -36.13 -10.78 1.16
C GLY B 179 -35.53 -10.00 -0.01
N LEU B 180 -35.92 -10.36 -1.23
CA LEU B 180 -35.35 -9.74 -2.43
C LEU B 180 -35.64 -8.25 -2.44
N GLN B 181 -34.58 -7.47 -2.62
CA GLN B 181 -34.65 -6.02 -2.59
C GLN B 181 -34.64 -5.40 -3.99
N GLU B 182 -34.09 -6.13 -4.96
CA GLU B 182 -33.94 -5.61 -6.33
C GLU B 182 -33.94 -6.67 -7.43
N LEU B 183 -34.79 -6.46 -8.43
CA LEU B 183 -34.86 -7.37 -9.57
C LEU B 183 -34.88 -6.58 -10.86
N ASP B 184 -33.96 -6.90 -11.77
CA ASP B 184 -33.93 -6.28 -13.08
C ASP B 184 -33.87 -7.37 -14.15
N VAL B 185 -34.99 -7.51 -14.87
CA VAL B 185 -35.12 -8.49 -15.96
C VAL B 185 -35.67 -7.78 -17.20
N SER B 186 -35.19 -6.57 -17.43
CA SER B 186 -35.54 -5.80 -18.61
C SER B 186 -35.13 -6.53 -19.88
N HIS B 187 -35.84 -6.26 -20.96
CA HIS B 187 -35.50 -6.79 -22.28
C HIS B 187 -35.33 -8.31 -22.32
N ASN B 188 -36.43 -8.99 -22.00
CA ASN B 188 -36.58 -10.44 -22.14
C ASN B 188 -37.88 -10.78 -22.85
N GLN B 189 -38.30 -12.04 -22.74
CA GLN B 189 -39.53 -12.53 -23.35
C GLN B 189 -40.59 -12.86 -22.29
N LEU B 190 -40.70 -12.00 -21.28
CA LEU B 190 -41.62 -12.27 -20.19
C LEU B 190 -43.02 -11.78 -20.52
N THR B 191 -44.00 -12.67 -20.34
CA THR B 191 -45.40 -12.37 -20.67
C THR B 191 -46.28 -12.41 -19.41
N ARG B 192 -45.95 -13.35 -18.52
CA ARG B 192 -46.58 -13.46 -17.22
C ARG B 192 -45.51 -13.49 -16.12
N LEU B 193 -45.91 -13.18 -14.90
CA LEU B 193 -45.00 -13.03 -13.77
C LEU B 193 -45.47 -13.89 -12.61
N PRO B 194 -44.53 -14.48 -11.85
CA PRO B 194 -44.93 -15.26 -10.69
C PRO B 194 -45.51 -14.36 -9.59
N GLN B 195 -46.62 -14.78 -9.00
CA GLN B 195 -47.32 -13.97 -8.02
C GLN B 195 -46.45 -13.66 -6.80
N SER B 196 -45.31 -14.34 -6.69
CA SER B 196 -44.30 -14.09 -5.65
C SER B 196 -43.86 -12.63 -5.59
N LEU B 197 -44.00 -11.92 -6.71
CA LEU B 197 -43.67 -10.51 -6.77
C LEU B 197 -44.63 -9.65 -5.94
N THR B 198 -45.92 -9.99 -5.98
CA THR B 198 -46.94 -9.17 -5.30
C THR B 198 -46.54 -8.93 -3.85
N GLY B 199 -46.05 -9.96 -3.17
CA GLY B 199 -45.74 -9.90 -1.75
C GLY B 199 -44.30 -9.50 -1.43
N LEU B 200 -43.63 -8.84 -2.36
CA LEU B 200 -42.32 -8.28 -2.08
C LEU B 200 -42.48 -7.03 -1.22
N SER B 201 -41.45 -6.75 -0.42
CA SER B 201 -41.40 -5.58 0.45
C SER B 201 -41.77 -4.30 -0.31
N SER B 202 -42.57 -3.44 0.32
CA SER B 202 -42.95 -2.18 -0.31
C SER B 202 -41.70 -1.37 -0.67
N ALA B 203 -40.58 -1.68 -0.02
CA ALA B 203 -39.31 -1.00 -0.28
C ALA B 203 -38.62 -1.43 -1.58
N ALA B 204 -38.96 -2.61 -2.08
CA ALA B 204 -38.27 -3.24 -3.22
C ALA B 204 -38.43 -2.55 -4.57
N ARG B 205 -37.43 -2.72 -5.44
CA ARG B 205 -37.39 -2.12 -6.78
C ARG B 205 -37.29 -3.17 -7.90
N VAL B 206 -38.15 -3.04 -8.89
CA VAL B 206 -38.29 -4.06 -9.94
C VAL B 206 -38.31 -3.40 -11.32
N TYR B 207 -37.53 -3.94 -12.25
CA TYR B 207 -37.43 -3.36 -13.58
C TYR B 207 -37.83 -4.36 -14.66
N LEU B 208 -38.89 -4.02 -15.39
CA LEU B 208 -39.56 -4.95 -16.30
C LEU B 208 -39.70 -4.45 -17.74
N ASP B 209 -39.11 -3.30 -18.05
CA ASP B 209 -39.15 -2.74 -19.40
C ASP B 209 -38.69 -3.73 -20.48
N GLY B 210 -39.27 -3.60 -21.67
CA GLY B 210 -38.85 -4.36 -22.83
C GLY B 210 -39.27 -5.82 -22.79
N ASN B 211 -40.43 -6.06 -22.19
CA ASN B 211 -41.02 -7.39 -22.09
C ASN B 211 -42.44 -7.39 -22.67
N PRO B 212 -42.85 -8.52 -23.29
CA PRO B 212 -44.22 -8.60 -23.81
C PRO B 212 -45.23 -8.97 -22.73
N LEU B 213 -45.31 -8.14 -21.68
CA LEU B 213 -46.30 -8.37 -20.62
C LEU B 213 -47.74 -8.25 -21.16
N SER B 214 -48.53 -9.30 -20.95
CA SER B 214 -49.94 -9.35 -21.37
C SER B 214 -50.80 -8.36 -20.58
N VAL B 215 -51.96 -8.02 -21.11
CA VAL B 215 -52.83 -6.99 -20.50
C VAL B 215 -53.21 -7.33 -19.05
N ARG B 216 -53.55 -8.60 -18.81
CA ARG B 216 -53.89 -9.09 -17.46
C ARG B 216 -52.79 -8.79 -16.44
N THR B 217 -51.55 -8.99 -16.87
CA THR B 217 -50.36 -8.74 -16.05
C THR B 217 -50.25 -7.24 -15.70
N LEU B 218 -50.49 -6.40 -16.70
CA LEU B 218 -50.32 -4.96 -16.59
C LEU B 218 -51.24 -4.34 -15.55
N GLN B 219 -52.53 -4.69 -15.60
CA GLN B 219 -53.51 -4.23 -14.62
C GLN B 219 -53.16 -4.70 -13.21
N ALA B 220 -52.83 -5.98 -13.09
CA ALA B 220 -52.46 -6.60 -11.82
C ALA B 220 -51.23 -5.92 -11.19
N LEU B 221 -50.27 -5.55 -12.03
CA LEU B 221 -49.10 -4.79 -11.58
C LEU B 221 -49.48 -3.37 -11.17
N ARG B 222 -50.27 -2.70 -12.02
CA ARG B 222 -50.78 -1.35 -11.73
C ARG B 222 -51.50 -1.30 -10.38
N ASP B 223 -52.08 -2.43 -9.97
CA ASP B 223 -52.73 -2.53 -8.67
C ASP B 223 -51.74 -2.65 -7.51
N ILE B 224 -50.70 -3.47 -7.66
CA ILE B 224 -49.65 -3.59 -6.63
C ILE B 224 -49.00 -2.22 -6.33
N ILE B 225 -48.85 -1.39 -7.37
CA ILE B 225 -48.30 -0.04 -7.25
C ILE B 225 -49.14 0.87 -6.35
N GLY B 226 -50.46 0.87 -6.55
CA GLY B 226 -51.38 1.70 -5.76
C GLY B 226 -51.73 1.10 -4.41
N HIS B 227 -51.83 -0.22 -4.35
CA HIS B 227 -52.19 -0.93 -3.12
C HIS B 227 -51.04 -0.97 -2.11
N SER B 228 -49.88 -1.44 -2.53
CA SER B 228 -48.73 -1.62 -1.64
C SER B 228 -47.85 -0.39 -1.51
N GLY B 229 -47.62 0.30 -2.63
CA GLY B 229 -46.67 1.42 -2.67
C GLY B 229 -45.27 0.93 -2.97
N ILE B 230 -45.18 -0.01 -3.90
CA ILE B 230 -43.91 -0.60 -4.33
C ILE B 230 -43.44 0.11 -5.61
N ARG B 231 -42.17 -0.05 -5.96
CA ARG B 231 -41.61 0.56 -7.16
C ARG B 231 -41.35 -0.47 -8.27
N ILE B 232 -42.37 -0.71 -9.08
CA ILE B 232 -42.25 -1.57 -10.27
C ILE B 232 -42.30 -0.71 -11.51
N HIS B 233 -41.34 -0.92 -12.42
CA HIS B 233 -41.19 -0.10 -13.62
C HIS B 233 -41.58 -0.88 -14.86
N PHE B 234 -42.56 -0.39 -15.61
CA PHE B 234 -43.00 -1.08 -16.83
C PHE B 234 -43.19 -0.20 -18.07
N ASP B 235 -42.64 -0.69 -19.17
CA ASP B 235 -42.60 -0.02 -20.47
C ASP B 235 -43.98 -0.02 -21.15
N MET B 236 -44.61 -1.21 -21.19
CA MET B 236 -45.84 -1.44 -21.94
C MET B 236 -47.03 -0.58 -21.51
N ALA B 237 -47.95 -0.34 -22.45
CA ALA B 237 -49.18 0.41 -22.18
C ALA B 237 -50.42 -0.40 -22.56
N GLY B 238 -51.54 -0.06 -21.92
CA GLY B 238 -52.82 -0.74 -22.19
C GLY B 238 -53.92 -0.27 -21.25
N PRO B 239 -55.13 -0.83 -21.42
CA PRO B 239 -56.24 -0.52 -20.51
C PRO B 239 -56.05 -1.16 -19.15
N ALA C 2 16.11 20.02 -3.43
CA ALA C 2 17.40 20.37 -4.10
C ALA C 2 17.20 20.71 -5.58
N GLU C 3 18.22 20.47 -6.39
CA GLU C 3 18.20 20.80 -7.82
C GLU C 3 17.08 20.12 -8.61
N TYR C 4 16.39 19.18 -7.96
CA TYR C 4 15.37 18.33 -8.60
C TYR C 4 14.11 19.07 -9.00
N ASP C 5 13.75 20.10 -8.24
CA ASP C 5 12.60 20.96 -8.56
C ASP C 5 12.77 21.60 -9.95
N ALA C 6 14.00 22.00 -10.25
CA ALA C 6 14.34 22.63 -11.53
C ALA C 6 14.36 21.63 -12.69
N VAL C 7 15.03 20.49 -12.48
CA VAL C 7 15.21 19.45 -13.51
C VAL C 7 13.89 18.82 -13.97
N TRP C 8 13.01 18.51 -13.02
CA TRP C 8 11.74 17.89 -13.37
C TRP C 8 10.80 18.91 -14.02
N SER C 9 11.11 20.19 -13.81
CA SER C 9 10.41 21.27 -14.51
C SER C 9 10.78 21.26 -15.98
N LYS C 10 12.08 21.20 -16.28
CA LYS C 10 12.60 21.19 -17.66
C LYS C 10 12.00 20.05 -18.47
N TRP C 11 11.88 18.88 -17.84
CA TRP C 11 11.31 17.70 -18.47
C TRP C 11 9.84 17.87 -18.83
N GLU C 12 9.07 18.52 -17.96
CA GLU C 12 7.64 18.69 -18.16
C GLU C 12 7.31 19.66 -19.29
N ARG C 13 8.13 20.70 -19.42
CA ARG C 13 7.84 21.76 -20.40
C ARG C 13 8.10 21.31 -21.83
N ASP C 14 9.03 20.37 -22.01
CA ASP C 14 9.31 19.77 -23.33
C ASP C 14 8.30 18.68 -23.72
N ALA C 15 7.27 18.47 -22.90
CA ALA C 15 6.25 17.47 -23.18
C ALA C 15 5.48 17.77 -24.46
N PRO C 16 5.54 16.86 -25.45
CA PRO C 16 4.59 17.04 -26.55
C PRO C 16 3.20 16.93 -25.97
N ALA C 17 2.32 17.87 -26.31
CA ALA C 17 0.95 17.86 -25.81
C ALA C 17 0.36 16.46 -25.92
N GLY C 18 -0.09 15.91 -24.81
CA GLY C 18 -0.52 14.52 -24.79
C GLY C 18 0.34 13.72 -23.83
N GLU C 19 1.56 14.22 -23.59
CA GLU C 19 2.44 13.65 -22.58
C GLU C 19 2.42 14.46 -21.28
N SER C 20 1.79 15.63 -21.33
CA SER C 20 1.59 16.46 -20.15
C SER C 20 0.95 15.70 -18.98
N PRO C 21 -0.15 14.96 -19.23
CA PRO C 21 -0.78 14.21 -18.14
C PRO C 21 0.12 13.12 -17.54
N GLY C 22 0.82 12.39 -18.40
CA GLY C 22 1.72 11.32 -17.98
C GLY C 22 2.90 11.82 -17.15
N ARG C 23 3.61 12.81 -17.68
CA ARG C 23 4.79 13.39 -17.03
C ARG C 23 4.49 14.05 -15.69
N ALA C 24 3.31 14.65 -15.58
CA ALA C 24 2.88 15.30 -14.34
C ALA C 24 2.80 14.27 -13.22
N ALA C 25 2.23 13.11 -13.54
CA ALA C 25 2.06 12.02 -12.57
C ALA C 25 3.38 11.34 -12.21
N VAL C 26 4.30 11.27 -13.16
CA VAL C 26 5.65 10.73 -12.91
C VAL C 26 6.43 11.65 -11.97
N VAL C 27 6.36 12.95 -12.25
CA VAL C 27 6.94 13.97 -11.37
C VAL C 27 6.28 13.90 -9.99
N GLN C 28 4.94 13.81 -9.97
CA GLN C 28 4.18 13.74 -8.71
C GLN C 28 4.64 12.56 -7.86
N GLU C 29 4.84 11.41 -8.48
CA GLU C 29 5.30 10.23 -7.76
C GLU C 29 6.72 10.45 -7.24
N MET C 30 7.55 11.14 -8.00
CA MET C 30 8.94 11.41 -7.62
C MET C 30 9.06 12.35 -6.42
N ARG C 31 8.22 13.39 -6.37
CA ARG C 31 8.18 14.26 -5.21
C ARG C 31 7.65 13.50 -3.99
N ASP C 32 6.74 12.57 -4.24
CA ASP C 32 6.27 11.66 -3.17
C ASP C 32 7.41 10.82 -2.61
N CYS C 33 8.29 10.34 -3.49
CA CYS C 33 9.47 9.58 -3.11
C CYS C 33 10.39 10.35 -2.16
N LEU C 34 10.62 11.63 -2.46
CA LEU C 34 11.42 12.50 -1.59
C LEU C 34 10.77 12.69 -0.23
N ASN C 35 9.43 12.66 -0.19
CA ASN C 35 8.66 12.89 1.03
C ASN C 35 8.56 11.70 1.98
N ASN C 36 8.19 10.54 1.46
CA ASN C 36 8.03 9.34 2.29
C ASN C 36 9.25 8.40 2.24
N GLY C 37 10.20 8.71 1.36
CA GLY C 37 11.40 7.89 1.22
C GLY C 37 11.22 6.63 0.39
N ASN C 38 10.13 6.57 -0.38
CA ASN C 38 9.82 5.40 -1.21
C ASN C 38 10.96 5.05 -2.17
N PRO C 39 11.51 3.83 -2.06
CA PRO C 39 12.63 3.41 -2.91
C PRO C 39 12.19 2.82 -4.25
N VAL C 40 10.88 2.82 -4.50
CA VAL C 40 10.33 2.25 -5.72
C VAL C 40 9.77 3.35 -6.63
N LEU C 41 10.19 3.34 -7.88
CA LEU C 41 9.65 4.24 -8.88
C LEU C 41 9.28 3.52 -10.17
N ASN C 42 7.99 3.36 -10.38
CA ASN C 42 7.47 2.83 -11.63
C ASN C 42 7.02 4.00 -12.49
N VAL C 43 7.68 4.24 -13.62
CA VAL C 43 7.35 5.38 -14.47
C VAL C 43 6.10 5.18 -15.32
N GLY C 44 5.58 3.96 -15.37
CA GLY C 44 4.33 3.67 -16.05
C GLY C 44 4.41 3.62 -17.56
N ALA C 45 3.30 3.20 -18.17
CA ALA C 45 3.22 3.00 -19.61
C ALA C 45 2.27 4.03 -20.25
N SER C 46 2.82 5.22 -20.53
CA SER C 46 2.02 6.34 -21.05
C SER C 46 2.58 6.93 -22.35
N GLY C 47 3.46 6.17 -23.01
CA GLY C 47 4.07 6.62 -24.25
C GLY C 47 5.06 7.75 -24.06
N LEU C 48 5.87 7.64 -23.01
CA LEU C 48 6.87 8.68 -22.70
C LEU C 48 7.98 8.72 -23.74
N THR C 49 8.29 9.93 -24.20
CA THR C 49 9.33 10.19 -25.21
C THR C 49 10.73 10.29 -24.62
N THR C 50 10.82 10.92 -23.44
CA THR C 50 12.04 11.00 -22.66
C THR C 50 11.74 10.76 -21.19
N LEU C 51 12.79 10.53 -20.41
CA LEU C 51 12.72 10.59 -18.96
C LEU C 51 13.44 11.86 -18.53
N PRO C 52 13.21 12.33 -17.28
CA PRO C 52 13.95 13.53 -16.86
C PRO C 52 15.45 13.27 -16.74
N ASP C 53 16.24 14.35 -16.71
CA ASP C 53 17.69 14.24 -16.67
C ASP C 53 18.22 13.59 -15.39
N ARG C 54 17.53 13.85 -14.27
CA ARG C 54 17.94 13.33 -12.96
C ARG C 54 16.75 12.76 -12.16
N LEU C 55 16.98 11.62 -11.52
CA LEU C 55 15.95 10.93 -10.75
C LEU C 55 16.25 11.00 -9.25
N PRO C 56 15.24 10.72 -8.39
CA PRO C 56 15.47 10.73 -6.94
C PRO C 56 16.58 9.75 -6.55
N PRO C 57 17.56 10.21 -5.74
CA PRO C 57 18.80 9.47 -5.47
C PRO C 57 18.65 8.22 -4.61
N HIS C 58 17.60 8.17 -3.79
CA HIS C 58 17.46 7.10 -2.82
C HIS C 58 16.81 5.84 -3.41
N ILE C 59 16.14 5.98 -4.55
CA ILE C 59 15.41 4.85 -5.13
C ILE C 59 16.34 3.70 -5.50
N THR C 60 15.87 2.48 -5.26
CA THR C 60 16.67 1.28 -5.46
C THR C 60 16.09 0.39 -6.56
N THR C 61 14.83 0.65 -6.91
CA THR C 61 14.14 -0.09 -7.96
C THR C 61 13.54 0.87 -8.97
N LEU C 62 13.99 0.78 -10.23
CA LEU C 62 13.43 1.57 -11.32
C LEU C 62 12.79 0.69 -12.37
N VAL C 63 11.52 0.96 -12.63
CA VAL C 63 10.73 0.19 -13.59
C VAL C 63 10.28 1.10 -14.72
N ILE C 64 10.70 0.78 -15.93
CA ILE C 64 10.37 1.53 -17.14
C ILE C 64 9.60 0.63 -18.11
N PRO C 65 8.25 0.61 -18.01
CA PRO C 65 7.40 -0.20 -18.89
C PRO C 65 7.36 0.32 -20.33
N ASP C 66 6.51 -0.30 -21.15
CA ASP C 66 6.35 0.03 -22.57
C ASP C 66 6.22 1.56 -22.81
N ASN C 67 7.22 2.14 -23.47
CA ASN C 67 7.19 3.55 -23.85
C ASN C 67 7.89 3.78 -25.21
N ASN C 68 8.06 5.05 -25.56
CA ASN C 68 8.77 5.41 -26.80
C ASN C 68 10.11 6.09 -26.52
N LEU C 69 10.96 5.41 -25.76
CA LEU C 69 12.23 5.98 -25.33
C LEU C 69 13.40 5.59 -26.23
N THR C 70 14.23 6.57 -26.55
CA THR C 70 15.43 6.33 -27.36
C THR C 70 16.70 6.31 -26.51
N SER C 71 16.63 6.89 -25.31
CA SER C 71 17.75 6.88 -24.35
C SER C 71 17.30 7.01 -22.89
N LEU C 72 17.86 6.18 -22.02
CA LEU C 72 17.64 6.30 -20.58
C LEU C 72 18.62 7.30 -19.97
N PRO C 73 18.20 7.98 -18.88
CA PRO C 73 19.10 8.91 -18.19
C PRO C 73 20.18 8.17 -17.39
N GLU C 74 21.10 8.91 -16.80
CA GLU C 74 22.06 8.34 -15.86
C GLU C 74 21.27 7.79 -14.69
N LEU C 75 21.69 6.64 -14.20
CA LEU C 75 20.89 5.93 -13.22
C LEU C 75 21.25 6.33 -11.80
N PRO C 76 20.25 6.35 -10.89
CA PRO C 76 20.50 6.68 -9.49
C PRO C 76 21.56 5.76 -8.91
N GLU C 77 22.55 6.35 -8.24
CA GLU C 77 23.75 5.65 -7.77
C GLU C 77 23.47 4.44 -6.86
N GLY C 78 22.35 4.51 -6.15
CA GLY C 78 21.96 3.46 -5.22
C GLY C 78 21.19 2.31 -5.84
N LEU C 79 20.96 2.37 -7.16
CA LEU C 79 20.05 1.44 -7.84
C LEU C 79 20.46 -0.02 -7.67
N ARG C 80 19.47 -0.83 -7.28
CA ARG C 80 19.63 -2.24 -7.04
C ARG C 80 18.99 -3.00 -8.21
N GLU C 81 17.80 -2.58 -8.63
CA GLU C 81 17.08 -3.23 -9.71
C GLU C 81 16.62 -2.30 -10.83
N LEU C 82 16.71 -2.79 -12.06
CA LEU C 82 16.25 -2.06 -13.24
C LEU C 82 15.44 -2.98 -14.15
N GLU C 83 14.23 -2.54 -14.49
CA GLU C 83 13.36 -3.27 -15.42
C GLU C 83 12.94 -2.33 -16.56
N VAL C 84 13.39 -2.67 -17.77
CA VAL C 84 13.13 -1.87 -18.97
C VAL C 84 12.55 -2.82 -20.02
N SER C 85 11.40 -2.47 -20.59
CA SER C 85 10.82 -3.31 -21.65
C SER C 85 9.78 -2.57 -22.47
N GLY C 86 9.54 -3.07 -23.68
CA GLY C 86 8.52 -2.52 -24.57
C GLY C 86 8.95 -1.21 -25.20
N ASN C 87 10.26 -0.98 -25.21
CA ASN C 87 10.86 0.22 -25.81
C ASN C 87 11.68 -0.16 -27.04
N LEU C 88 11.00 -0.26 -28.17
CA LEU C 88 11.54 -0.90 -29.36
C LEU C 88 12.48 -0.01 -30.15
N GLN C 89 12.56 1.27 -29.78
CA GLN C 89 13.52 2.17 -30.44
C GLN C 89 14.71 2.46 -29.53
N LEU C 90 14.87 1.64 -28.49
CA LEU C 90 15.99 1.74 -27.55
C LEU C 90 17.07 0.71 -27.87
N THR C 91 18.24 1.20 -28.30
CA THR C 91 19.27 0.31 -28.83
C THR C 91 20.48 0.10 -27.91
N SER C 92 20.47 0.77 -26.75
CA SER C 92 21.62 0.78 -25.83
C SER C 92 21.21 1.19 -24.42
N LEU C 93 22.14 1.07 -23.47
CA LEU C 93 21.88 1.42 -22.08
C LEU C 93 22.98 2.30 -21.52
N PRO C 94 22.66 3.15 -20.52
CA PRO C 94 23.69 3.96 -19.87
C PRO C 94 24.58 3.09 -18.97
N SER C 95 25.72 3.63 -18.52
CA SER C 95 26.58 2.87 -17.62
C SER C 95 25.81 2.55 -16.34
N LEU C 96 25.85 1.28 -15.95
CA LEU C 96 25.07 0.75 -14.83
C LEU C 96 25.75 1.00 -13.50
N PRO C 97 24.94 1.37 -12.46
CA PRO C 97 25.42 1.57 -11.10
C PRO C 97 26.12 0.35 -10.52
N GLN C 98 27.09 0.60 -9.65
CA GLN C 98 27.99 -0.43 -9.14
C GLN C 98 27.28 -1.49 -8.31
N GLY C 99 26.17 -1.09 -7.66
CA GLY C 99 25.44 -1.98 -6.77
C GLY C 99 24.26 -2.71 -7.38
N LEU C 100 24.13 -2.68 -8.71
CA LEU C 100 23.00 -3.32 -9.39
C LEU C 100 23.04 -4.84 -9.20
N GLN C 101 21.96 -5.42 -8.69
CA GLN C 101 21.87 -6.88 -8.57
C GLN C 101 21.00 -7.49 -9.67
N LYS C 102 20.12 -6.65 -10.21
CA LYS C 102 19.12 -7.10 -11.17
C LYS C 102 18.97 -6.16 -12.36
N LEU C 103 19.19 -6.71 -13.55
CA LEU C 103 18.97 -5.99 -14.80
C LEU C 103 18.02 -6.76 -15.73
N TRP C 104 16.81 -6.23 -15.89
CA TRP C 104 15.87 -6.77 -16.84
C TRP C 104 15.69 -5.79 -18.00
N ALA C 105 16.18 -6.20 -19.17
CA ALA C 105 16.00 -5.41 -20.37
C ALA C 105 15.34 -6.24 -21.48
N TYR C 106 14.28 -6.98 -21.13
CA TYR C 106 13.51 -7.78 -22.09
C TYR C 106 12.93 -6.90 -23.18
N ASN C 107 12.90 -7.42 -24.41
CA ASN C 107 12.07 -6.86 -25.50
C ASN C 107 12.19 -5.36 -25.80
N ASN C 108 13.42 -4.94 -26.05
CA ASN C 108 13.69 -3.58 -26.52
C ASN C 108 14.32 -3.66 -27.90
N TRP C 109 15.50 -3.07 -28.09
CA TRP C 109 16.20 -3.20 -29.36
C TRP C 109 17.71 -3.09 -29.16
N LEU C 110 18.19 -3.58 -28.03
CA LEU C 110 19.58 -3.45 -27.64
C LEU C 110 20.53 -4.22 -28.55
N ALA C 111 21.58 -3.54 -29.01
CA ALA C 111 22.60 -4.15 -29.88
C ALA C 111 23.84 -4.58 -29.10
N SER C 112 23.95 -4.10 -27.87
CA SER C 112 25.07 -4.41 -26.98
C SER C 112 24.67 -4.16 -25.53
N LEU C 113 25.60 -4.40 -24.61
CA LEU C 113 25.38 -4.14 -23.20
C LEU C 113 26.58 -3.37 -22.63
N PRO C 114 26.33 -2.48 -21.65
CA PRO C 114 27.44 -1.83 -20.97
C PRO C 114 28.19 -2.81 -20.05
N THR C 115 29.24 -2.34 -19.40
CA THR C 115 30.02 -3.19 -18.50
C THR C 115 29.12 -3.56 -17.34
N LEU C 116 28.99 -4.87 -17.11
CA LEU C 116 28.13 -5.38 -16.05
C LEU C 116 28.84 -5.27 -14.71
N PRO C 117 28.16 -4.68 -13.70
CA PRO C 117 28.78 -4.44 -12.39
C PRO C 117 29.00 -5.73 -11.62
N PRO C 118 30.04 -5.76 -10.77
CA PRO C 118 30.39 -6.96 -9.99
C PRO C 118 29.23 -7.56 -9.19
N GLY C 119 28.31 -6.71 -8.74
CA GLY C 119 27.21 -7.13 -7.88
C GLY C 119 26.06 -7.87 -8.57
N LEU C 120 25.96 -7.70 -9.89
CA LEU C 120 24.86 -8.25 -10.69
C LEU C 120 24.77 -9.77 -10.63
N GLY C 121 23.62 -10.27 -10.15
CA GLY C 121 23.35 -11.70 -10.05
C GLY C 121 22.30 -12.20 -11.02
N ASP C 122 21.45 -11.28 -11.48
CA ASP C 122 20.39 -11.60 -12.43
C ASP C 122 20.50 -10.77 -13.71
N LEU C 123 20.73 -11.43 -14.85
CA LEU C 123 20.74 -10.75 -16.14
C LEU C 123 19.76 -11.34 -17.15
N ALA C 124 18.72 -10.57 -17.48
CA ALA C 124 17.69 -10.98 -18.43
C ALA C 124 17.50 -9.93 -19.53
N VAL C 125 17.97 -10.25 -20.73
CA VAL C 125 17.96 -9.28 -21.83
C VAL C 125 17.41 -9.89 -23.12
N SER C 126 16.50 -10.85 -22.97
CA SER C 126 15.94 -11.58 -24.10
C SER C 126 15.25 -10.68 -25.13
N ASN C 127 15.24 -11.16 -26.37
CA ASN C 127 14.46 -10.57 -27.46
C ASN C 127 14.89 -9.15 -27.79
N ASN C 128 16.19 -9.01 -28.00
CA ASN C 128 16.79 -7.79 -28.50
C ASN C 128 17.54 -8.12 -29.80
N GLN C 129 18.72 -7.57 -30.00
CA GLN C 129 19.48 -7.85 -31.22
C GLN C 129 20.98 -7.94 -30.96
N LEU C 130 21.33 -8.49 -29.80
CA LEU C 130 22.74 -8.60 -29.39
C LEU C 130 23.48 -9.64 -30.20
N THR C 131 24.74 -9.35 -30.49
CA THR C 131 25.60 -10.26 -31.25
C THR C 131 26.72 -10.83 -30.36
N SER C 132 27.09 -10.07 -29.34
CA SER C 132 28.09 -10.51 -28.36
C SER C 132 27.65 -10.14 -26.95
N LEU C 133 28.31 -10.73 -25.95
CA LEU C 133 28.05 -10.40 -24.56
C LEU C 133 29.34 -9.90 -23.88
N PRO C 134 29.20 -8.99 -22.91
CA PRO C 134 30.40 -8.57 -22.18
C PRO C 134 30.82 -9.65 -21.18
N GLU C 135 32.07 -9.60 -20.69
CA GLU C 135 32.56 -10.58 -19.73
C GLU C 135 31.64 -10.65 -18.53
N MET C 136 31.39 -11.86 -18.05
CA MET C 136 30.38 -12.09 -16.99
C MET C 136 30.93 -11.80 -15.60
N PRO C 137 30.15 -11.07 -14.78
CA PRO C 137 30.43 -10.81 -13.38
C PRO C 137 30.58 -12.08 -12.56
N PRO C 138 31.49 -12.09 -11.57
CA PRO C 138 31.93 -13.28 -10.84
C PRO C 138 30.80 -13.98 -10.06
N ALA C 139 29.84 -13.20 -9.57
CA ALA C 139 28.71 -13.75 -8.85
C ALA C 139 27.44 -13.45 -9.61
N LEU C 140 27.18 -14.25 -10.64
CA LEU C 140 25.96 -14.14 -11.42
C LEU C 140 25.28 -15.48 -11.38
N ARG C 141 23.99 -15.48 -11.03
CA ARG C 141 23.25 -16.72 -10.81
C ARG C 141 22.41 -17.13 -12.02
N GLU C 142 21.90 -16.13 -12.74
CA GLU C 142 20.94 -16.36 -13.82
C GLU C 142 21.23 -15.50 -15.02
N LEU C 143 21.28 -16.15 -16.19
CA LEU C 143 21.51 -15.46 -17.45
C LEU C 143 20.47 -15.87 -18.47
N ARG C 144 19.68 -14.89 -18.91
CA ARG C 144 18.62 -15.12 -19.89
C ARG C 144 18.89 -14.28 -21.12
N VAL C 145 19.20 -14.97 -22.21
CA VAL C 145 19.62 -14.30 -23.46
C VAL C 145 18.95 -14.94 -24.67
N SER C 146 17.71 -15.39 -24.51
CA SER C 146 17.00 -15.99 -25.61
C SER C 146 16.60 -14.92 -26.61
N GLY C 147 16.38 -15.32 -27.87
CA GLY C 147 15.90 -14.41 -28.90
C GLY C 147 16.85 -13.32 -29.33
N ASN C 148 18.14 -13.63 -29.42
CA ASN C 148 19.16 -12.68 -29.90
C ASN C 148 20.02 -13.27 -31.04
N ASN C 149 21.11 -12.61 -31.38
CA ASN C 149 21.94 -13.06 -32.50
C ASN C 149 23.33 -13.56 -32.11
N LEU C 150 23.42 -14.22 -30.96
CA LEU C 150 24.68 -14.70 -30.43
C LEU C 150 25.20 -15.92 -31.16
N THR C 151 26.51 -15.97 -31.37
CA THR C 151 27.19 -17.10 -32.00
C THR C 151 27.99 -17.88 -30.96
N SER C 152 28.43 -17.20 -29.90
CA SER C 152 29.20 -17.83 -28.84
C SER C 152 28.97 -17.16 -27.48
N LEU C 153 29.31 -17.86 -26.41
CA LEU C 153 29.09 -17.37 -25.04
C LEU C 153 30.39 -17.17 -24.28
N PRO C 154 30.48 -16.10 -23.47
CA PRO C 154 31.69 -15.84 -22.66
C PRO C 154 31.85 -16.88 -21.58
N ALA C 155 32.99 -16.86 -20.89
CA ALA C 155 33.24 -17.77 -19.78
C ALA C 155 32.15 -17.58 -18.73
N LEU C 156 31.62 -18.69 -18.24
CA LEU C 156 30.59 -18.67 -17.20
C LEU C 156 31.23 -18.76 -15.82
N PRO C 157 30.63 -18.10 -14.81
CA PRO C 157 31.15 -18.13 -13.44
C PRO C 157 30.84 -19.46 -12.79
N SER C 158 31.50 -19.74 -11.67
CA SER C 158 31.23 -20.94 -10.89
C SER C 158 29.83 -20.80 -10.29
N GLY C 159 29.37 -19.56 -10.19
CA GLY C 159 28.11 -19.22 -9.54
C GLY C 159 26.83 -19.49 -10.32
N LEU C 160 26.93 -19.58 -11.64
CA LEU C 160 25.76 -19.65 -12.51
C LEU C 160 24.92 -20.88 -12.25
N GLN C 161 23.62 -20.65 -12.06
CA GLN C 161 22.63 -21.69 -11.81
C GLN C 161 21.78 -21.93 -13.05
N LYS C 162 21.35 -20.84 -13.69
CA LYS C 162 20.48 -20.92 -14.85
C LYS C 162 21.01 -20.15 -16.05
N LEU C 163 21.04 -20.83 -17.20
CA LEU C 163 21.42 -20.21 -18.45
C LEU C 163 20.43 -20.58 -19.54
N TRP C 164 19.65 -19.59 -19.99
CA TRP C 164 18.72 -19.78 -21.12
C TRP C 164 19.26 -19.03 -22.32
N ALA C 165 19.59 -19.80 -23.36
CA ALA C 165 20.29 -19.28 -24.53
C ALA C 165 19.61 -19.70 -25.83
N TYR C 166 18.41 -20.26 -25.71
CA TYR C 166 17.67 -20.74 -26.87
C TYR C 166 17.32 -19.61 -27.86
N ASN C 167 17.23 -19.97 -29.15
CA ASN C 167 16.90 -19.04 -30.23
C ASN C 167 17.96 -17.99 -30.53
N ASN C 168 19.14 -18.46 -30.94
CA ASN C 168 20.22 -17.58 -31.36
C ASN C 168 20.89 -18.10 -32.64
N ARG C 169 22.22 -18.24 -32.60
CA ARG C 169 22.97 -18.82 -33.71
C ARG C 169 24.24 -19.49 -33.15
N LEU C 170 24.09 -20.08 -31.97
CA LEU C 170 25.22 -20.65 -31.21
C LEU C 170 25.87 -21.83 -31.90
N THR C 171 27.18 -21.73 -32.12
CA THR C 171 27.95 -22.83 -32.73
C THR C 171 28.96 -23.40 -31.74
N SER C 172 29.04 -22.78 -30.56
CA SER C 172 29.96 -23.20 -29.50
C SER C 172 29.41 -22.92 -28.10
N LEU C 173 29.60 -23.88 -27.19
CA LEU C 173 29.25 -23.70 -25.80
C LEU C 173 30.51 -23.72 -24.94
N PRO C 174 30.62 -22.79 -23.98
CA PRO C 174 31.81 -22.67 -23.16
C PRO C 174 31.89 -23.73 -22.06
N GLU C 175 33.05 -23.81 -21.40
CA GLU C 175 33.23 -24.69 -20.25
C GLU C 175 32.14 -24.45 -19.21
N MET C 176 31.41 -25.51 -18.87
CA MET C 176 30.26 -25.44 -17.97
C MET C 176 30.67 -25.32 -16.51
N SER C 177 29.99 -24.43 -15.78
CA SER C 177 30.14 -24.35 -14.33
C SER C 177 29.57 -25.62 -13.70
N PRO C 178 30.30 -26.23 -12.75
CA PRO C 178 29.84 -27.49 -12.17
C PRO C 178 28.55 -27.37 -11.38
N GLY C 179 28.25 -26.15 -10.90
CA GLY C 179 27.06 -25.90 -10.09
C GLY C 179 25.78 -25.65 -10.86
N LEU C 180 25.89 -25.57 -12.19
CA LEU C 180 24.75 -25.27 -13.07
C LEU C 180 23.62 -26.29 -12.94
N GLN C 181 22.40 -25.78 -12.78
CA GLN C 181 21.22 -26.63 -12.59
C GLN C 181 20.34 -26.74 -13.84
N GLU C 182 20.38 -25.73 -14.69
CA GLU C 182 19.48 -25.64 -15.82
C GLU C 182 20.14 -25.03 -17.06
N LEU C 183 20.11 -25.78 -18.15
CA LEU C 183 20.73 -25.34 -19.40
C LEU C 183 19.80 -25.55 -20.57
N ASP C 184 19.24 -24.46 -21.07
CA ASP C 184 18.38 -24.51 -22.25
C ASP C 184 19.06 -23.82 -23.41
N VAL C 185 19.48 -24.62 -24.37
CA VAL C 185 20.13 -24.12 -25.57
C VAL C 185 19.42 -24.62 -26.81
N SER C 186 18.09 -24.69 -26.73
CA SER C 186 17.26 -25.12 -27.84
C SER C 186 17.40 -24.19 -29.05
N HIS C 187 17.13 -24.75 -30.23
CA HIS C 187 17.05 -23.99 -31.46
C HIS C 187 18.28 -23.10 -31.69
N ASN C 188 19.44 -23.73 -31.71
CA ASN C 188 20.72 -23.12 -32.07
C ASN C 188 21.43 -23.96 -33.15
N GLN C 189 22.73 -23.75 -33.34
CA GLN C 189 23.49 -24.53 -34.32
C GLN C 189 24.58 -25.42 -33.69
N LEU C 190 24.26 -26.03 -32.56
CA LEU C 190 25.22 -26.81 -31.79
C LEU C 190 25.50 -28.18 -32.40
N THR C 191 26.78 -28.42 -32.70
CA THR C 191 27.25 -29.72 -33.20
C THR C 191 28.47 -30.16 -32.36
N ARG C 192 28.44 -31.41 -31.90
CA ARG C 192 29.31 -31.89 -30.82
C ARG C 192 29.07 -31.08 -29.53
N LEU C 193 29.63 -31.50 -28.41
CA LEU C 193 29.37 -30.84 -27.12
C LEU C 193 30.58 -30.72 -26.19
N PRO C 194 30.56 -29.73 -25.26
CA PRO C 194 31.60 -29.62 -24.22
C PRO C 194 31.59 -30.79 -23.25
N GLN C 195 32.79 -31.21 -22.84
CA GLN C 195 33.02 -32.40 -22.00
C GLN C 195 32.46 -32.25 -20.57
N SER C 196 32.51 -31.02 -20.07
CA SER C 196 32.15 -30.74 -18.68
C SER C 196 30.71 -31.10 -18.31
N LEU C 197 29.83 -31.19 -19.31
CA LEU C 197 28.40 -31.54 -19.13
C LEU C 197 28.18 -32.79 -18.27
N THR C 198 29.08 -33.76 -18.41
CA THR C 198 29.06 -35.00 -17.62
C THR C 198 29.12 -34.75 -16.11
N GLY C 199 29.66 -33.60 -15.71
CA GLY C 199 29.88 -33.27 -14.30
C GLY C 199 28.81 -32.41 -13.66
N LEU C 200 27.68 -32.24 -14.34
CA LEU C 200 26.51 -31.58 -13.77
C LEU C 200 25.88 -32.51 -12.72
N SER C 201 25.23 -31.91 -11.75
CA SER C 201 24.56 -32.66 -10.72
C SER C 201 23.43 -33.42 -11.36
N SER C 202 23.07 -34.51 -10.71
CA SER C 202 22.09 -35.46 -11.20
C SER C 202 20.70 -34.91 -10.99
N ALA C 203 20.63 -33.63 -10.63
CA ALA C 203 19.42 -32.85 -10.58
C ALA C 203 19.36 -31.83 -11.71
N ALA C 204 20.32 -31.89 -12.63
CA ALA C 204 20.37 -30.94 -13.74
C ALA C 204 19.33 -31.20 -14.83
N ARG C 205 18.93 -30.13 -15.52
CA ARG C 205 17.98 -30.22 -16.63
C ARG C 205 18.61 -29.57 -17.85
N VAL C 206 18.78 -30.35 -18.92
CA VAL C 206 19.40 -29.87 -20.14
C VAL C 206 18.46 -30.03 -21.35
N TYR C 207 18.29 -28.94 -22.11
CA TYR C 207 17.36 -28.92 -23.24
C TYR C 207 18.07 -28.66 -24.57
N LEU C 208 18.09 -29.69 -25.41
CA LEU C 208 18.90 -29.69 -26.63
C LEU C 208 18.09 -29.79 -27.93
N ASP C 209 16.79 -29.56 -27.83
CA ASP C 209 15.92 -29.58 -29.00
C ASP C 209 16.37 -28.58 -30.06
N GLY C 210 16.08 -28.89 -31.32
CA GLY C 210 16.41 -28.01 -32.45
C GLY C 210 17.88 -27.74 -32.70
N ASN C 211 18.73 -28.73 -32.41
CA ASN C 211 20.19 -28.60 -32.61
C ASN C 211 20.78 -29.73 -33.47
N PRO C 212 21.62 -29.36 -34.47
CA PRO C 212 22.25 -30.35 -35.36
C PRO C 212 23.28 -31.22 -34.63
N LEU C 213 22.81 -32.28 -33.97
CA LEU C 213 23.67 -33.13 -33.15
C LEU C 213 23.54 -34.60 -33.52
N SER C 214 24.67 -35.27 -33.72
CA SER C 214 24.69 -36.69 -34.06
C SER C 214 23.99 -37.53 -33.00
N VAL C 215 23.18 -38.48 -33.45
CA VAL C 215 22.53 -39.45 -32.55
C VAL C 215 23.63 -40.20 -31.77
N ARG C 216 24.71 -40.55 -32.46
CA ARG C 216 25.87 -41.19 -31.86
C ARG C 216 26.49 -40.32 -30.76
N THR C 217 26.61 -39.02 -31.02
CA THR C 217 27.14 -38.06 -30.04
C THR C 217 26.22 -37.97 -28.83
N LEU C 218 24.91 -38.01 -29.07
CA LEU C 218 23.91 -37.91 -27.99
C LEU C 218 23.90 -39.17 -27.12
N GLN C 219 23.70 -40.33 -27.75
CA GLN C 219 23.73 -41.62 -27.04
C GLN C 219 24.98 -41.75 -26.17
N ALA C 220 26.11 -41.20 -26.63
CA ALA C 220 27.37 -41.21 -25.89
C ALA C 220 27.27 -40.51 -24.54
N LEU C 221 26.51 -39.42 -24.50
CA LEU C 221 26.37 -38.60 -23.29
C LEU C 221 25.48 -39.29 -22.24
N ARG C 222 24.30 -39.74 -22.68
CA ARG C 222 23.42 -40.52 -21.83
C ARG C 222 24.14 -41.80 -21.42
N ASP C 223 25.04 -42.25 -22.28
CA ASP C 223 25.85 -43.46 -22.07
C ASP C 223 26.89 -43.31 -20.96
N ILE C 224 27.62 -42.20 -20.96
CA ILE C 224 28.60 -41.95 -19.89
C ILE C 224 27.89 -41.68 -18.57
N ILE C 225 26.83 -40.88 -18.62
CA ILE C 225 26.03 -40.55 -17.44
C ILE C 225 25.33 -41.78 -16.84
N GLY C 226 24.71 -42.59 -17.70
CA GLY C 226 23.96 -43.76 -17.26
C GLY C 226 22.73 -43.41 -16.45
N HIS C 227 22.06 -44.43 -15.92
CA HIS C 227 20.87 -44.27 -15.08
C HIS C 227 21.13 -43.31 -13.91
N SER C 228 20.41 -42.17 -13.93
CA SER C 228 20.49 -41.16 -12.87
C SER C 228 19.30 -40.19 -13.01
N GLY C 229 19.43 -39.01 -12.42
CA GLY C 229 18.37 -38.01 -12.49
C GLY C 229 18.66 -36.82 -13.39
N ILE C 230 19.82 -36.82 -14.04
CA ILE C 230 20.20 -35.72 -14.94
C ILE C 230 19.54 -35.89 -16.32
N ARG C 231 18.36 -35.28 -16.43
CA ARG C 231 17.55 -35.33 -17.65
C ARG C 231 18.13 -34.44 -18.75
N ILE C 232 18.47 -35.07 -19.88
CA ILE C 232 18.86 -34.35 -21.09
C ILE C 232 17.75 -34.57 -22.12
N HIS C 233 17.21 -33.47 -22.63
CA HIS C 233 16.03 -33.51 -23.48
C HIS C 233 16.31 -33.27 -24.95
N PHE C 234 16.26 -34.35 -25.73
CA PHE C 234 16.14 -34.27 -27.18
C PHE C 234 15.36 -35.46 -27.71
N GLY D 1 41.04 -21.63 -10.61
CA GLY D 1 40.73 -23.09 -10.62
C GLY D 1 41.42 -23.84 -9.49
N ALA D 2 42.24 -24.84 -9.84
CA ALA D 2 43.04 -25.59 -8.88
C ALA D 2 44.12 -24.70 -8.23
N GLU D 3 44.27 -23.48 -8.75
CA GLU D 3 45.14 -22.46 -8.15
C GLU D 3 44.61 -22.04 -6.77
N TYR D 4 43.34 -22.33 -6.51
CA TYR D 4 42.74 -22.12 -5.20
C TYR D 4 43.21 -23.16 -4.17
N ASP D 5 43.42 -24.39 -4.64
CA ASP D 5 43.91 -25.47 -3.78
C ASP D 5 45.26 -25.13 -3.18
N ALA D 6 46.11 -24.48 -3.98
CA ALA D 6 47.44 -24.06 -3.53
C ALA D 6 47.37 -22.98 -2.44
N VAL D 7 46.46 -22.02 -2.63
CA VAL D 7 46.26 -20.94 -1.66
C VAL D 7 45.70 -21.47 -0.34
N TRP D 8 44.78 -22.43 -0.43
CA TRP D 8 44.09 -22.99 0.75
C TRP D 8 44.93 -24.00 1.53
N SER D 9 45.69 -24.83 0.83
CA SER D 9 46.60 -25.76 1.51
C SER D 9 47.66 -24.97 2.29
N LYS D 10 48.10 -23.86 1.69
CA LYS D 10 49.11 -22.99 2.30
C LYS D 10 48.56 -22.29 3.54
N TRP D 11 47.38 -21.71 3.40
CA TRP D 11 46.71 -21.05 4.51
C TRP D 11 46.44 -22.04 5.66
N GLU D 12 46.21 -23.30 5.31
CA GLU D 12 46.05 -24.37 6.30
C GLU D 12 47.38 -24.72 6.97
N ARG D 13 48.45 -24.79 6.18
CA ARG D 13 49.80 -25.12 6.68
C ARG D 13 50.40 -24.06 7.61
N ASP D 14 50.09 -22.78 7.35
CA ASP D 14 50.58 -21.68 8.18
C ASP D 14 49.61 -21.37 9.32
N ALA D 15 49.32 -22.39 10.15
CA ALA D 15 48.37 -22.25 11.25
C ALA D 15 48.88 -22.88 12.54
N PRO D 16 48.69 -22.18 13.68
CA PRO D 16 49.03 -22.70 15.02
C PRO D 16 48.20 -23.92 15.40
N ALA D 17 48.81 -24.85 16.14
CA ALA D 17 48.15 -26.11 16.54
C ALA D 17 46.84 -25.87 17.27
N GLY D 18 45.86 -26.74 17.00
CA GLY D 18 44.51 -26.57 17.54
C GLY D 18 43.63 -25.80 16.58
N GLU D 19 44.25 -24.88 15.83
CA GLU D 19 43.58 -24.15 14.76
C GLU D 19 43.57 -24.99 13.48
N SER D 20 44.39 -26.05 13.46
CA SER D 20 44.49 -26.97 12.31
C SER D 20 43.17 -27.67 11.95
N PRO D 21 42.55 -28.41 12.89
CA PRO D 21 41.25 -29.01 12.58
C PRO D 21 40.20 -27.96 12.18
N GLY D 22 40.24 -26.81 12.83
CA GLY D 22 39.39 -25.68 12.48
C GLY D 22 39.65 -25.19 11.07
N ARG D 23 40.92 -24.98 10.74
CA ARG D 23 41.31 -24.48 9.42
C ARG D 23 40.96 -25.48 8.32
N ALA D 24 40.90 -26.76 8.69
CA ALA D 24 40.56 -27.84 7.75
C ALA D 24 39.09 -27.78 7.33
N ALA D 25 38.18 -27.76 8.30
CA ALA D 25 36.73 -27.69 8.02
C ALA D 25 36.36 -26.53 7.09
N VAL D 26 37.06 -25.40 7.24
CA VAL D 26 36.87 -24.23 6.39
C VAL D 26 37.32 -24.50 4.96
N VAL D 27 38.50 -25.09 4.80
CA VAL D 27 38.99 -25.47 3.47
C VAL D 27 38.04 -26.48 2.82
N GLN D 28 37.57 -27.43 3.63
CA GLN D 28 36.60 -28.44 3.17
C GLN D 28 35.31 -27.80 2.70
N GLU D 29 34.76 -26.89 3.51
CA GLU D 29 33.56 -26.15 3.14
C GLU D 29 33.75 -25.32 1.89
N MET D 30 34.90 -24.68 1.77
CA MET D 30 35.22 -23.89 0.59
C MET D 30 35.31 -24.76 -0.67
N ARG D 31 35.77 -26.00 -0.51
CA ARG D 31 35.84 -26.97 -1.61
C ARG D 31 34.45 -27.43 -2.08
N ASP D 32 33.58 -27.76 -1.12
CA ASP D 32 32.20 -28.10 -1.45
C ASP D 32 31.51 -26.89 -2.06
N CYS D 33 31.83 -25.71 -1.52
CA CYS D 33 31.28 -24.43 -1.97
C CYS D 33 31.63 -24.13 -3.41
N LEU D 34 32.91 -24.31 -3.76
CA LEU D 34 33.40 -24.07 -5.11
C LEU D 34 32.84 -25.08 -6.10
N ASN D 35 32.74 -26.34 -5.68
CA ASN D 35 32.26 -27.42 -6.54
C ASN D 35 30.75 -27.40 -6.77
N ASN D 36 29.98 -27.11 -5.73
CA ASN D 36 28.53 -27.09 -5.81
C ASN D 36 27.97 -25.77 -6.35
N GLY D 37 28.77 -24.71 -6.29
CA GLY D 37 28.33 -23.37 -6.69
C GLY D 37 27.50 -22.66 -5.62
N ASN D 38 27.60 -23.11 -4.38
CA ASN D 38 26.84 -22.57 -3.26
C ASN D 38 27.12 -21.07 -3.08
N PRO D 39 26.06 -20.23 -3.09
CA PRO D 39 26.18 -18.78 -2.95
C PRO D 39 26.57 -18.27 -1.54
N VAL D 40 26.43 -19.15 -0.55
CA VAL D 40 26.71 -18.80 0.86
C VAL D 40 27.93 -19.56 1.38
N LEU D 41 28.89 -18.82 1.96
CA LEU D 41 29.98 -19.43 2.71
C LEU D 41 29.94 -19.02 4.18
N ASN D 42 29.82 -20.03 5.04
CA ASN D 42 29.81 -19.87 6.50
C ASN D 42 31.00 -20.62 7.10
N VAL D 43 32.00 -19.87 7.58
CA VAL D 43 33.24 -20.47 8.11
C VAL D 43 33.07 -21.07 9.52
N GLY D 44 31.98 -20.74 10.19
CA GLY D 44 31.68 -21.27 11.53
C GLY D 44 32.57 -20.71 12.63
N ALA D 45 32.28 -21.13 13.86
CA ALA D 45 33.13 -20.80 15.01
C ALA D 45 34.30 -21.77 15.02
N SER D 46 35.44 -21.31 14.51
CA SER D 46 36.60 -22.18 14.30
C SER D 46 37.94 -21.57 14.75
N GLY D 47 37.88 -20.64 15.70
CA GLY D 47 39.07 -20.02 16.29
C GLY D 47 40.09 -19.48 15.29
N LEU D 48 39.61 -19.01 14.14
CA LEU D 48 40.46 -18.54 13.06
C LEU D 48 41.19 -17.25 13.43
N THR D 49 42.50 -17.23 13.22
CA THR D 49 43.31 -16.03 13.43
C THR D 49 43.37 -15.19 12.15
N THR D 50 43.47 -15.88 11.01
CA THR D 50 43.39 -15.26 9.68
C THR D 50 42.47 -16.06 8.76
N LEU D 51 42.08 -15.45 7.65
CA LEU D 51 41.43 -16.14 6.52
C LEU D 51 42.34 -16.09 5.29
N PRO D 52 42.11 -16.97 4.30
CA PRO D 52 43.00 -16.92 3.13
C PRO D 52 42.81 -15.63 2.35
N ASP D 53 43.82 -15.25 1.56
CA ASP D 53 43.69 -14.14 0.62
C ASP D 53 42.61 -14.44 -0.43
N ARG D 54 42.51 -15.71 -0.83
CA ARG D 54 41.58 -16.13 -1.86
C ARG D 54 40.38 -16.89 -1.30
N LEU D 55 39.23 -16.22 -1.38
CA LEU D 55 37.95 -16.85 -1.09
C LEU D 55 37.30 -17.21 -2.43
N PRO D 56 36.41 -18.24 -2.42
CA PRO D 56 35.64 -18.54 -3.64
C PRO D 56 35.09 -17.25 -4.23
N PRO D 57 35.30 -17.03 -5.55
CA PRO D 57 34.92 -15.75 -6.16
C PRO D 57 33.42 -15.60 -6.40
N HIS D 58 32.71 -16.73 -6.48
CA HIS D 58 31.31 -16.73 -6.89
C HIS D 58 30.34 -16.37 -5.77
N ILE D 59 30.79 -16.45 -4.52
CA ILE D 59 29.90 -16.29 -3.36
C ILE D 59 29.27 -14.90 -3.21
N THR D 60 28.06 -14.89 -2.64
CA THR D 60 27.27 -13.67 -2.50
C THR D 60 27.14 -13.30 -1.03
N THR D 61 27.21 -14.31 -0.17
CA THR D 61 27.11 -14.14 1.27
C THR D 61 28.31 -14.79 1.95
N LEU D 62 28.92 -14.07 2.88
CA LEU D 62 29.99 -14.60 3.69
C LEU D 62 29.64 -14.41 5.15
N VAL D 63 29.70 -15.50 5.90
CA VAL D 63 29.27 -15.50 7.30
C VAL D 63 30.47 -15.88 8.15
N ILE D 64 30.80 -15.01 9.10
CA ILE D 64 31.96 -15.21 9.96
C ILE D 64 31.55 -15.04 11.44
N PRO D 65 31.23 -16.16 12.10
CA PRO D 65 30.84 -16.17 13.51
C PRO D 65 32.03 -15.95 14.45
N ASP D 66 31.84 -16.27 15.73
CA ASP D 66 32.85 -16.08 16.77
C ASP D 66 34.22 -16.60 16.36
N ASN D 67 35.15 -15.65 16.15
CA ASN D 67 36.51 -15.95 15.73
C ASN D 67 37.51 -14.94 16.30
N ASN D 68 38.80 -15.15 16.03
CA ASN D 68 39.86 -14.28 16.55
C ASN D 68 40.66 -13.61 15.44
N LEU D 69 39.97 -12.85 14.60
CA LEU D 69 40.59 -12.15 13.48
C LEU D 69 41.03 -10.75 13.88
N THR D 70 41.99 -10.19 13.14
CA THR D 70 42.41 -8.80 13.36
C THR D 70 42.23 -7.96 12.10
N SER D 71 42.26 -8.63 10.95
CA SER D 71 41.85 -8.03 9.69
C SER D 71 41.12 -9.09 8.85
N LEU D 72 40.43 -8.63 7.80
CA LEU D 72 39.77 -9.54 6.87
C LEU D 72 40.47 -9.51 5.51
N PRO D 73 40.44 -10.63 4.77
CA PRO D 73 41.06 -10.65 3.45
C PRO D 73 40.23 -9.85 2.44
N GLU D 74 40.77 -9.65 1.24
CA GLU D 74 40.04 -8.98 0.18
C GLU D 74 38.79 -9.80 -0.11
N LEU D 75 37.65 -9.11 -0.21
CA LEU D 75 36.36 -9.79 -0.31
C LEU D 75 36.02 -10.06 -1.76
N PRO D 76 35.32 -11.18 -2.04
CA PRO D 76 34.98 -11.56 -3.42
C PRO D 76 34.17 -10.48 -4.11
N GLU D 77 34.53 -10.18 -5.36
CA GLU D 77 33.90 -9.09 -6.10
C GLU D 77 32.38 -9.27 -6.21
N GLY D 78 31.93 -10.52 -6.00
CA GLY D 78 30.51 -10.87 -6.07
C GLY D 78 29.69 -10.61 -4.80
N LEU D 79 30.37 -10.47 -3.66
CA LEU D 79 29.71 -10.39 -2.36
C LEU D 79 28.65 -9.29 -2.24
N ARG D 80 27.48 -9.70 -1.76
CA ARG D 80 26.37 -8.78 -1.52
C ARG D 80 26.02 -8.70 -0.03
N GLU D 81 26.39 -9.73 0.73
CA GLU D 81 26.13 -9.77 2.16
C GLU D 81 27.37 -10.19 2.95
N LEU D 82 27.82 -9.34 3.86
CA LEU D 82 28.91 -9.69 4.78
C LEU D 82 28.42 -9.69 6.23
N GLU D 83 28.77 -10.77 6.93
CA GLU D 83 28.35 -10.94 8.32
C GLU D 83 29.53 -11.32 9.22
N VAL D 84 29.94 -10.39 10.08
CA VAL D 84 31.02 -10.62 11.05
C VAL D 84 30.61 -10.20 12.46
N SER D 85 30.85 -11.07 13.42
CA SER D 85 30.51 -10.79 14.80
C SER D 85 31.34 -11.65 15.74
N GLY D 86 31.49 -11.19 16.98
CA GLY D 86 32.19 -11.94 18.01
C GLY D 86 33.70 -12.02 17.78
N ASN D 87 34.21 -11.15 16.93
CA ASN D 87 35.65 -10.98 16.74
C ASN D 87 36.16 -9.78 17.53
N LEU D 88 36.52 -10.03 18.79
CA LEU D 88 36.87 -8.97 19.74
C LEU D 88 38.21 -8.27 19.45
N GLN D 89 38.92 -8.75 18.44
CA GLN D 89 40.22 -8.19 18.06
C GLN D 89 40.18 -7.48 16.72
N LEU D 90 39.13 -7.73 15.94
CA LEU D 90 38.95 -7.12 14.61
C LEU D 90 38.56 -5.64 14.73
N THR D 91 39.53 -4.76 14.43
CA THR D 91 39.38 -3.31 14.60
C THR D 91 39.05 -2.54 13.31
N SER D 92 38.98 -3.25 12.19
CA SER D 92 38.92 -2.63 10.86
C SER D 92 38.19 -3.54 9.87
N LEU D 93 37.76 -2.96 8.75
CA LEU D 93 37.18 -3.72 7.64
C LEU D 93 37.81 -3.32 6.32
N PRO D 94 38.00 -4.29 5.39
CA PRO D 94 38.71 -3.99 4.14
C PRO D 94 37.85 -3.25 3.11
N SER D 95 38.46 -2.82 2.02
CA SER D 95 37.73 -2.23 0.91
C SER D 95 36.55 -3.13 0.55
N LEU D 96 35.34 -2.62 0.77
CA LEU D 96 34.10 -3.38 0.61
C LEU D 96 33.68 -3.47 -0.86
N PRO D 97 33.27 -4.67 -1.32
CA PRO D 97 32.94 -4.87 -2.73
C PRO D 97 31.81 -3.96 -3.20
N GLN D 98 31.93 -3.46 -4.43
CA GLN D 98 31.01 -2.47 -4.97
C GLN D 98 29.54 -2.88 -4.93
N GLY D 99 29.29 -4.19 -4.87
CA GLY D 99 27.93 -4.71 -4.86
C GLY D 99 27.37 -5.04 -3.48
N LEU D 100 28.06 -4.62 -2.44
CA LEU D 100 27.59 -4.91 -1.08
C LEU D 100 26.33 -4.12 -0.77
N GLN D 101 25.37 -4.80 -0.17
CA GLN D 101 24.09 -4.21 0.16
C GLN D 101 23.78 -4.37 1.64
N LYS D 102 24.38 -5.39 2.24
CA LYS D 102 24.17 -5.67 3.64
C LYS D 102 25.50 -5.89 4.34
N LEU D 103 25.74 -5.11 5.38
CA LEU D 103 26.93 -5.28 6.23
C LEU D 103 26.53 -5.42 7.69
N TRP D 104 26.53 -6.63 8.19
CA TRP D 104 26.31 -6.87 9.62
C TRP D 104 27.65 -7.11 10.27
N ALA D 105 28.11 -6.10 11.00
CA ALA D 105 29.43 -6.11 11.65
C ALA D 105 29.34 -5.73 13.13
N TYR D 106 28.28 -6.20 13.77
CA TYR D 106 28.05 -5.95 15.19
C TYR D 106 29.03 -6.73 16.10
N ASN D 107 29.17 -6.27 17.34
CA ASN D 107 29.90 -6.97 18.41
C ASN D 107 31.34 -7.38 18.05
N ASN D 108 32.09 -6.42 17.51
CA ASN D 108 33.51 -6.59 17.21
C ASN D 108 34.30 -5.48 17.90
N TRP D 109 35.48 -5.14 17.40
CA TRP D 109 36.22 -4.02 17.98
C TRP D 109 36.60 -3.01 16.89
N LEU D 110 35.70 -2.86 15.91
CA LEU D 110 35.88 -1.92 14.81
C LEU D 110 36.04 -0.50 15.32
N ALA D 111 37.18 0.12 15.02
CA ALA D 111 37.52 1.45 15.51
C ALA D 111 37.13 2.55 14.51
N SER D 112 37.11 2.18 13.23
CA SER D 112 36.75 3.09 12.15
C SER D 112 36.02 2.30 11.07
N LEU D 113 35.45 3.00 10.10
CA LEU D 113 34.77 2.33 8.98
C LEU D 113 35.34 2.71 7.62
N PRO D 114 35.52 1.71 6.73
CA PRO D 114 36.00 1.96 5.37
C PRO D 114 34.96 2.67 4.50
N THR D 115 35.35 3.03 3.28
CA THR D 115 34.44 3.74 2.39
C THR D 115 33.31 2.79 1.98
N LEU D 116 32.08 3.24 2.14
CA LEU D 116 30.89 2.40 1.98
C LEU D 116 30.42 2.34 0.53
N PRO D 117 29.93 1.17 0.08
CA PRO D 117 29.47 1.04 -1.30
C PRO D 117 28.16 1.79 -1.49
N PRO D 118 27.92 2.31 -2.71
CA PRO D 118 26.66 2.99 -2.94
C PRO D 118 25.48 2.01 -2.86
N GLY D 119 25.74 0.75 -3.18
CA GLY D 119 24.73 -0.31 -3.20
C GLY D 119 24.08 -0.62 -1.85
N LEU D 120 24.73 -0.17 -0.78
CA LEU D 120 24.33 -0.51 0.59
C LEU D 120 22.97 0.07 1.02
N GLY D 121 22.17 -0.77 1.66
CA GLY D 121 20.92 -0.34 2.24
C GLY D 121 20.83 -0.63 3.72
N ASP D 122 21.66 -1.56 4.19
CA ASP D 122 21.58 -2.04 5.57
C ASP D 122 22.95 -2.05 6.26
N LEU D 123 23.16 -1.10 7.17
CA LEU D 123 24.40 -0.96 7.94
C LEU D 123 24.19 -1.13 9.45
N ALA D 124 24.69 -2.25 9.97
CA ALA D 124 24.52 -2.58 11.37
C ALA D 124 25.89 -2.89 11.99
N VAL D 125 26.41 -1.94 12.75
CA VAL D 125 27.75 -2.06 13.34
C VAL D 125 27.73 -1.72 14.82
N SER D 126 26.62 -2.05 15.48
CA SER D 126 26.40 -1.73 16.89
C SER D 126 27.37 -2.50 17.79
N ASN D 127 27.53 -2.04 19.03
CA ASN D 127 28.47 -2.63 20.00
C ASN D 127 29.90 -2.75 19.49
N ASN D 128 30.46 -1.62 19.03
CA ASN D 128 31.86 -1.55 18.57
C ASN D 128 32.66 -0.45 19.28
N GLN D 129 33.64 0.11 18.58
CA GLN D 129 34.61 1.05 19.17
C GLN D 129 34.75 2.33 18.33
N LEU D 130 33.73 2.60 17.51
CA LEU D 130 33.75 3.73 16.58
C LEU D 130 33.52 5.06 17.27
N THR D 131 34.11 6.13 16.71
CA THR D 131 33.93 7.48 17.21
C THR D 131 33.54 8.42 16.07
N SER D 132 33.69 7.92 14.84
CA SER D 132 33.37 8.65 13.62
C SER D 132 32.59 7.75 12.65
N LEU D 133 31.95 8.35 11.64
CA LEU D 133 31.23 7.58 10.62
C LEU D 133 31.42 8.13 9.21
N PRO D 134 31.57 7.23 8.22
CA PRO D 134 31.69 7.62 6.81
C PRO D 134 30.37 8.15 6.25
N GLU D 135 30.48 8.94 5.18
CA GLU D 135 29.33 9.47 4.44
C GLU D 135 28.32 8.37 4.12
N MET D 136 27.04 8.68 4.26
CA MET D 136 26.01 7.67 4.08
C MET D 136 25.66 7.46 2.60
N PRO D 137 25.62 6.19 2.15
CA PRO D 137 25.24 5.92 0.75
C PRO D 137 23.76 6.28 0.54
N PRO D 138 23.41 6.78 -0.64
CA PRO D 138 22.05 7.32 -0.89
C PRO D 138 20.92 6.30 -0.71
N ALA D 139 21.21 5.02 -0.85
CA ALA D 139 20.18 3.98 -0.81
C ALA D 139 19.90 3.44 0.59
N LEU D 140 20.67 3.90 1.58
CA LEU D 140 20.59 3.36 2.93
C LEU D 140 19.21 3.49 3.53
N ARG D 141 18.70 2.40 4.11
CA ARG D 141 17.38 2.40 4.75
C ARG D 141 17.45 2.11 6.24
N GLU D 142 18.50 1.42 6.67
CA GLU D 142 18.70 1.09 8.08
C GLU D 142 20.12 1.46 8.49
N LEU D 143 20.21 2.26 9.55
CA LEU D 143 21.51 2.59 10.16
C LEU D 143 21.42 2.26 11.64
N ARG D 144 22.10 1.19 12.04
CA ARG D 144 22.07 0.72 13.43
C ARG D 144 23.48 0.73 14.01
N VAL D 145 23.76 1.77 14.82
CA VAL D 145 25.11 2.04 15.34
C VAL D 145 25.15 2.27 16.85
N SER D 146 24.27 1.61 17.59
CA SER D 146 24.22 1.79 19.03
C SER D 146 25.41 1.12 19.72
N GLY D 147 25.68 1.51 20.97
CA GLY D 147 26.73 0.89 21.76
C GLY D 147 28.12 1.24 21.28
N ASN D 148 28.31 2.48 20.86
CA ASN D 148 29.60 2.95 20.37
C ASN D 148 30.07 4.20 21.11
N ASN D 149 31.19 4.77 20.68
CA ASN D 149 31.72 5.96 21.31
C ASN D 149 31.48 7.22 20.46
N LEU D 150 30.38 7.21 19.71
CA LEU D 150 30.07 8.27 18.75
C LEU D 150 29.67 9.58 19.39
N THR D 151 30.21 10.67 18.85
CA THR D 151 29.87 12.02 19.31
C THR D 151 28.83 12.67 18.39
N SER D 152 28.90 12.32 17.09
CA SER D 152 27.95 12.85 16.10
C SER D 152 27.56 11.82 15.03
N LEU D 153 26.64 12.22 14.15
CA LEU D 153 26.24 11.40 12.99
C LEU D 153 26.28 12.26 11.72
N PRO D 154 26.73 11.68 10.60
CA PRO D 154 26.73 12.44 9.34
C PRO D 154 25.31 12.69 8.79
N ALA D 155 25.22 13.42 7.68
CA ALA D 155 23.93 13.72 7.05
C ALA D 155 23.21 12.46 6.60
N LEU D 156 21.88 12.49 6.68
CA LEU D 156 21.04 11.32 6.43
C LEU D 156 20.55 11.27 4.98
N PRO D 157 20.45 10.05 4.41
CA PRO D 157 19.89 9.87 3.06
C PRO D 157 18.38 10.08 3.06
N SER D 158 17.82 10.24 1.86
CA SER D 158 16.41 10.55 1.69
C SER D 158 15.50 9.37 2.08
N GLY D 159 16.01 8.15 1.88
CA GLY D 159 15.23 6.93 2.08
C GLY D 159 15.47 6.18 3.38
N LEU D 160 16.22 6.76 4.30
CA LEU D 160 16.46 6.12 5.59
C LEU D 160 15.15 5.98 6.35
N GLN D 161 14.94 4.79 6.91
CA GLN D 161 13.69 4.45 7.59
C GLN D 161 13.90 4.21 9.08
N LYS D 162 14.99 3.53 9.44
CA LYS D 162 15.30 3.21 10.83
C LYS D 162 16.68 3.73 11.24
N LEU D 163 16.73 4.42 12.38
CA LEU D 163 17.99 4.89 12.95
C LEU D 163 18.12 4.53 14.45
N TRP D 164 19.05 3.63 14.75
CA TRP D 164 19.38 3.30 16.13
C TRP D 164 20.78 3.81 16.48
N ALA D 165 20.84 4.71 17.45
CA ALA D 165 22.10 5.26 17.90
C ALA D 165 22.14 5.43 19.41
N TYR D 166 21.36 4.60 20.12
CA TYR D 166 21.34 4.64 21.57
C TYR D 166 22.67 4.17 22.18
N ASN D 167 22.91 4.52 23.44
CA ASN D 167 24.11 4.12 24.15
C ASN D 167 25.39 4.61 23.45
N ASN D 168 25.35 5.87 23.02
CA ASN D 168 26.52 6.56 22.48
C ASN D 168 26.86 7.77 23.34
N ARG D 169 27.61 8.70 22.76
CA ARG D 169 27.94 9.97 23.41
C ARG D 169 27.44 11.15 22.57
N LEU D 170 26.36 10.93 21.81
CA LEU D 170 25.79 11.94 20.91
C LEU D 170 25.39 13.26 21.58
N THR D 171 26.08 14.33 21.20
CA THR D 171 25.80 15.67 21.72
C THR D 171 24.85 16.42 20.80
N SER D 172 24.75 15.95 19.56
CA SER D 172 24.03 16.63 18.49
C SER D 172 23.32 15.64 17.56
N LEU D 173 22.37 16.12 16.78
CA LEU D 173 21.74 15.30 15.74
C LEU D 173 21.58 16.08 14.44
N PRO D 174 21.85 15.41 13.29
CA PRO D 174 21.51 16.00 11.99
C PRO D 174 19.99 16.00 11.82
N GLU D 175 19.49 16.79 10.88
CA GLU D 175 18.05 16.87 10.64
C GLU D 175 17.53 15.60 9.95
N MET D 176 16.24 15.33 10.13
CA MET D 176 15.64 14.09 9.67
C MET D 176 15.29 14.07 8.18
N SER D 177 15.52 12.92 7.55
CA SER D 177 14.85 12.58 6.30
C SER D 177 13.37 12.44 6.64
N PRO D 178 12.47 12.97 5.78
CA PRO D 178 11.07 13.13 6.20
C PRO D 178 10.34 11.79 6.34
N GLY D 179 10.82 10.76 5.65
CA GLY D 179 10.18 9.45 5.64
C GLY D 179 10.58 8.50 6.75
N LEU D 180 11.58 8.89 7.55
CA LEU D 180 12.10 8.07 8.64
C LEU D 180 11.02 7.60 9.62
N GLN D 181 10.94 6.28 9.81
CA GLN D 181 9.87 5.66 10.61
C GLN D 181 10.24 5.41 12.07
N GLU D 182 11.51 5.16 12.37
CA GLU D 182 11.92 4.85 13.74
C GLU D 182 13.25 5.46 14.13
N LEU D 183 13.25 6.19 15.24
CA LEU D 183 14.44 6.86 15.76
C LEU D 183 14.67 6.55 17.24
N ASP D 184 15.75 5.83 17.53
CA ASP D 184 16.13 5.56 18.92
C ASP D 184 17.50 6.18 19.24
N VAL D 185 17.47 7.30 19.96
CA VAL D 185 18.69 7.98 20.38
C VAL D 185 18.81 8.06 21.90
N SER D 186 18.19 7.09 22.58
CA SER D 186 18.15 7.06 24.04
C SER D 186 19.54 6.86 24.65
N HIS D 187 19.71 7.25 25.91
CA HIS D 187 20.99 7.13 26.62
C HIS D 187 22.13 7.77 25.83
N ASN D 188 21.95 9.05 25.55
CA ASN D 188 22.93 9.89 24.87
C ASN D 188 23.11 11.22 25.62
N GLN D 189 23.71 12.19 24.96
CA GLN D 189 24.05 13.46 25.61
C GLN D 189 23.35 14.66 24.95
N LEU D 190 22.08 14.50 24.60
CA LEU D 190 21.34 15.53 23.88
C LEU D 190 20.59 16.48 24.81
N THR D 191 20.55 17.76 24.44
CA THR D 191 19.84 18.78 25.22
C THR D 191 18.77 19.44 24.36
N ARG D 192 19.11 19.63 23.08
CA ARG D 192 18.18 20.14 22.08
C ARG D 192 18.16 19.19 20.87
N LEU D 193 17.05 19.18 20.15
CA LEU D 193 16.85 18.29 19.00
C LEU D 193 16.50 19.07 17.72
N PRO D 194 16.83 18.51 16.54
CA PRO D 194 16.70 19.22 15.26
C PRO D 194 15.26 19.51 14.84
N GLN D 195 15.04 20.72 14.33
CA GLN D 195 13.71 21.22 13.96
C GLN D 195 12.90 20.28 13.07
N SER D 196 13.56 19.32 12.43
CA SER D 196 12.91 18.39 11.51
C SER D 196 11.89 17.46 12.16
N LEU D 197 12.08 17.17 13.44
CA LEU D 197 11.20 16.26 14.17
C LEU D 197 9.70 16.59 14.07
N THR D 198 9.38 17.88 13.89
CA THR D 198 8.00 18.33 13.69
C THR D 198 7.38 17.67 12.44
N GLY D 199 8.02 17.86 11.29
CA GLY D 199 7.58 17.26 10.04
C GLY D 199 8.02 15.82 9.94
N LEU D 200 7.39 14.95 10.73
CA LEU D 200 7.71 13.54 10.75
C LEU D 200 6.46 12.70 10.93
N SER D 201 6.44 11.53 10.29
CA SER D 201 5.24 10.70 10.19
C SER D 201 4.55 10.37 11.52
N SER D 202 3.23 10.39 11.50
CA SER D 202 2.37 10.14 12.67
C SER D 202 2.65 8.80 13.36
N ALA D 203 2.91 7.77 12.56
CA ALA D 203 3.17 6.43 13.07
C ALA D 203 4.63 6.23 13.51
N ALA D 204 5.49 7.19 13.20
CA ALA D 204 6.91 7.14 13.58
C ALA D 204 7.09 7.03 15.10
N ARG D 205 7.98 6.12 15.52
CA ARG D 205 8.26 5.89 16.93
C ARG D 205 9.64 6.45 17.25
N VAL D 206 9.73 7.38 18.19
CA VAL D 206 11.02 7.98 18.57
C VAL D 206 11.35 7.85 20.07
N TYR D 207 12.60 7.53 20.37
CA TYR D 207 13.01 7.24 21.75
C TYR D 207 14.11 8.15 22.25
N LEU D 208 13.81 8.86 23.33
CA LEU D 208 14.70 9.87 23.89
C LEU D 208 15.21 9.52 25.29
N ASP D 209 14.58 8.55 25.94
CA ASP D 209 14.92 8.13 27.31
C ASP D 209 16.41 8.20 27.62
N GLY D 210 16.75 9.01 28.63
CA GLY D 210 18.14 9.10 29.11
C GLY D 210 19.00 10.12 28.38
N ASN D 211 18.49 11.34 28.28
CA ASN D 211 19.22 12.47 27.70
C ASN D 211 18.97 13.73 28.52
N PRO D 212 20.00 14.57 28.74
CA PRO D 212 19.84 15.80 29.53
C PRO D 212 19.05 16.87 28.79
N LEU D 213 17.81 16.54 28.40
CA LEU D 213 16.97 17.43 27.60
C LEU D 213 16.59 18.70 28.35
N SER D 214 16.86 19.86 27.74
CA SER D 214 16.58 21.16 28.36
C SER D 214 15.08 21.36 28.58
N VAL D 215 14.76 22.08 29.65
CA VAL D 215 13.37 22.34 30.06
C VAL D 215 12.52 22.86 28.89
N ARG D 216 13.10 23.77 28.10
CA ARG D 216 12.42 24.38 26.96
C ARG D 216 12.00 23.38 25.89
N THR D 217 12.92 22.47 25.53
CA THR D 217 12.65 21.47 24.49
C THR D 217 11.57 20.48 24.92
N LEU D 218 11.61 20.08 26.19
CA LEU D 218 10.61 19.16 26.74
C LEU D 218 9.19 19.71 26.54
N GLN D 219 9.03 21.02 26.76
CA GLN D 219 7.75 21.70 26.53
C GLN D 219 7.30 21.58 25.08
N ALA D 220 8.23 21.80 24.15
CA ALA D 220 7.95 21.66 22.71
C ALA D 220 7.58 20.22 22.34
N LEU D 221 8.28 19.26 22.94
CA LEU D 221 8.00 17.83 22.73
C LEU D 221 6.58 17.46 23.15
N ARG D 222 6.11 18.02 24.26
CA ARG D 222 4.74 17.84 24.72
C ARG D 222 3.76 18.50 23.74
N ASP D 223 4.13 19.67 23.22
CA ASP D 223 3.33 20.38 22.20
C ASP D 223 3.23 19.59 20.89
N ILE D 224 4.31 18.92 20.51
CA ILE D 224 4.29 18.02 19.33
C ILE D 224 3.41 16.79 19.62
N ILE D 225 3.60 16.18 20.79
CA ILE D 225 2.77 15.05 21.24
C ILE D 225 1.26 15.37 21.21
N GLY D 226 0.92 16.59 21.61
CA GLY D 226 -0.46 17.05 21.56
C GLY D 226 -0.96 17.31 20.15
N HIS D 227 -0.01 17.56 19.23
CA HIS D 227 -0.32 17.93 17.83
C HIS D 227 -0.64 16.74 16.92
N SER D 228 0.37 15.92 16.69
CA SER D 228 0.34 14.92 15.63
C SER D 228 0.10 13.53 16.20
N GLY D 229 0.26 13.40 17.51
CA GLY D 229 0.14 12.11 18.19
C GLY D 229 1.26 11.17 17.82
N ILE D 230 2.32 11.73 17.22
CA ILE D 230 3.56 11.00 16.94
C ILE D 230 4.14 10.54 18.26
N ARG D 231 4.33 9.23 18.38
CA ARG D 231 4.75 8.62 19.64
C ARG D 231 6.19 8.97 20.01
N ILE D 232 6.33 9.92 20.94
CA ILE D 232 7.61 10.36 21.45
C ILE D 232 7.76 9.88 22.89
N HIS D 233 8.76 9.01 23.12
CA HIS D 233 8.96 8.38 24.42
C HIS D 233 10.03 9.07 25.27
N PHE D 234 9.64 9.48 26.47
CA PHE D 234 10.58 9.97 27.48
C PHE D 234 9.96 9.86 28.88
N ASP D 235 10.75 9.34 29.82
CA ASP D 235 10.38 9.33 31.22
C ASP D 235 11.16 10.39 31.98
N MET D 236 10.46 11.14 32.85
CA MET D 236 11.07 12.14 33.74
C MET D 236 12.25 12.92 33.15
N GLY E 1 -40.41 -24.10 4.13
CA GLY E 1 -40.92 -23.21 5.21
C GLY E 1 -41.87 -23.93 6.17
N ALA E 2 -42.71 -24.80 5.63
CA ALA E 2 -43.65 -25.60 6.42
C ALA E 2 -42.91 -26.57 7.33
N GLU E 3 -42.04 -27.38 6.73
CA GLU E 3 -41.26 -28.39 7.44
C GLU E 3 -40.24 -27.81 8.44
N TYR E 4 -39.90 -26.53 8.30
CA TYR E 4 -39.05 -25.83 9.28
C TYR E 4 -39.78 -25.54 10.59
N ASP E 5 -41.07 -25.24 10.50
CA ASP E 5 -41.89 -25.03 11.69
C ASP E 5 -42.00 -26.31 12.51
N ALA E 6 -42.14 -27.44 11.82
CA ALA E 6 -42.23 -28.76 12.43
C ALA E 6 -40.99 -29.09 13.27
N VAL E 7 -39.83 -28.69 12.76
CA VAL E 7 -38.56 -28.92 13.44
C VAL E 7 -38.42 -27.97 14.64
N TRP E 8 -38.76 -26.70 14.42
CA TRP E 8 -38.59 -25.67 15.44
C TRP E 8 -39.62 -25.72 16.56
N SER E 9 -40.82 -26.19 16.25
CA SER E 9 -41.88 -26.33 17.26
C SER E 9 -41.56 -27.43 18.27
N LYS E 10 -41.19 -28.60 17.76
CA LYS E 10 -40.80 -29.73 18.61
C LYS E 10 -39.67 -29.33 19.57
N TRP E 11 -38.77 -28.47 19.09
CA TRP E 11 -37.68 -27.94 19.92
C TRP E 11 -38.20 -26.98 21.00
N GLU E 12 -39.13 -26.10 20.62
CA GLU E 12 -39.74 -25.17 21.57
C GLU E 12 -40.62 -25.90 22.61
N ARG E 13 -41.26 -26.98 22.19
CA ARG E 13 -42.06 -27.80 23.10
C ARG E 13 -41.18 -28.65 24.02
N ASP E 14 -40.06 -29.15 23.49
CA ASP E 14 -39.12 -29.97 24.26
C ASP E 14 -38.33 -29.18 25.32
N ALA E 15 -38.66 -27.90 25.48
CA ALA E 15 -37.98 -27.02 26.44
C ALA E 15 -38.18 -27.48 27.89
N PRO E 16 -37.08 -27.70 28.62
CA PRO E 16 -37.14 -28.00 30.05
C PRO E 16 -37.53 -26.75 30.85
N ALA E 17 -38.01 -26.95 32.07
CA ALA E 17 -38.49 -25.86 32.91
C ALA E 17 -37.46 -24.74 33.00
N GLY E 18 -37.92 -23.51 32.77
CA GLY E 18 -37.05 -22.34 32.78
C GLY E 18 -36.67 -21.88 31.38
N GLU E 19 -36.56 -22.83 30.45
CA GLU E 19 -36.09 -22.58 29.10
C GLU E 19 -37.16 -22.17 28.08
N SER E 20 -38.33 -21.78 28.55
CA SER E 20 -39.45 -21.43 27.66
C SER E 20 -39.24 -20.13 26.84
N PRO E 21 -39.05 -18.97 27.51
CA PRO E 21 -38.91 -17.75 26.72
C PRO E 21 -37.66 -17.76 25.85
N GLY E 22 -36.58 -18.38 26.36
CA GLY E 22 -35.32 -18.50 25.63
C GLY E 22 -35.42 -19.20 24.29
N ARG E 23 -36.03 -20.40 24.28
CA ARG E 23 -36.23 -21.15 23.05
C ARG E 23 -37.25 -20.49 22.12
N ALA E 24 -38.28 -19.86 22.70
CA ALA E 24 -39.26 -19.12 21.91
C ALA E 24 -38.62 -17.93 21.20
N ALA E 25 -37.78 -17.18 21.92
CA ALA E 25 -37.13 -15.98 21.42
C ALA E 25 -36.29 -16.27 20.18
N VAL E 26 -35.58 -17.40 20.23
CA VAL E 26 -34.73 -17.84 19.12
C VAL E 26 -35.58 -18.24 17.92
N VAL E 27 -36.68 -18.95 18.19
CA VAL E 27 -37.60 -19.38 17.13
C VAL E 27 -38.17 -18.16 16.37
N GLN E 28 -38.51 -17.11 17.10
CA GLN E 28 -38.96 -15.86 16.48
C GLN E 28 -37.85 -15.28 15.61
N GLU E 29 -36.63 -15.25 16.14
CA GLU E 29 -35.48 -14.69 15.43
C GLU E 29 -35.19 -15.46 14.15
N MET E 30 -35.35 -16.78 14.22
CA MET E 30 -35.11 -17.64 13.07
C MET E 30 -36.16 -17.44 12.00
N ARG E 31 -37.39 -17.19 12.43
CA ARG E 31 -38.50 -16.94 11.50
C ARG E 31 -38.41 -15.58 10.84
N ASP E 32 -38.09 -14.56 11.64
CA ASP E 32 -37.86 -13.20 11.13
C ASP E 32 -36.71 -13.18 10.11
N CYS E 33 -35.63 -13.87 10.43
CA CYS E 33 -34.49 -13.94 9.52
C CYS E 33 -34.87 -14.75 8.27
N LEU E 34 -35.64 -15.83 8.46
CA LEU E 34 -36.16 -16.60 7.33
C LEU E 34 -37.15 -15.79 6.47
N ASN E 35 -37.91 -14.93 7.12
CA ASN E 35 -38.91 -14.11 6.44
C ASN E 35 -38.36 -13.00 5.54
N ASN E 36 -37.26 -12.37 5.97
CA ASN E 36 -36.70 -11.23 5.22
C ASN E 36 -35.27 -11.44 4.70
N GLY E 37 -34.72 -12.62 4.95
CA GLY E 37 -33.43 -13.01 4.39
C GLY E 37 -32.22 -12.56 5.19
N ASN E 38 -32.41 -12.25 6.47
CA ASN E 38 -31.30 -11.79 7.30
C ASN E 38 -30.21 -12.84 7.35
N PRO E 39 -28.98 -12.48 6.92
CA PRO E 39 -27.89 -13.44 6.87
C PRO E 39 -27.27 -13.71 8.24
N VAL E 40 -27.72 -12.97 9.26
CA VAL E 40 -27.13 -13.02 10.60
C VAL E 40 -28.12 -13.55 11.64
N LEU E 41 -27.69 -14.62 12.33
CA LEU E 41 -28.48 -15.21 13.41
C LEU E 41 -27.70 -15.24 14.71
N ASN E 42 -28.09 -14.38 15.65
CA ASN E 42 -27.58 -14.44 17.01
C ASN E 42 -28.61 -15.12 17.91
N VAL E 43 -28.24 -16.24 18.52
CA VAL E 43 -29.20 -17.02 19.30
C VAL E 43 -29.37 -16.49 20.72
N GLY E 44 -28.49 -15.59 21.14
CA GLY E 44 -28.61 -14.90 22.43
C GLY E 44 -28.15 -15.72 23.62
N ALA E 45 -27.79 -15.03 24.70
CA ALA E 45 -27.41 -15.68 25.96
C ALA E 45 -28.66 -16.18 26.68
N SER E 46 -29.18 -17.32 26.21
CA SER E 46 -30.51 -17.77 26.60
C SER E 46 -30.52 -19.03 27.47
N GLY E 47 -29.38 -19.36 28.08
CA GLY E 47 -29.26 -20.54 28.94
C GLY E 47 -29.66 -21.84 28.26
N LEU E 48 -29.40 -21.94 26.96
CA LEU E 48 -29.85 -23.06 26.13
C LEU E 48 -29.08 -24.35 26.40
N THR E 49 -29.80 -25.46 26.40
CA THR E 49 -29.20 -26.78 26.59
C THR E 49 -29.00 -27.50 25.27
N THR E 50 -29.89 -27.26 24.31
CA THR E 50 -29.78 -27.84 22.96
C THR E 50 -30.04 -26.78 21.90
N LEU E 51 -29.91 -27.16 20.63
CA LEU E 51 -30.32 -26.33 19.49
C LEU E 51 -31.10 -27.16 18.46
N PRO E 52 -31.99 -26.51 17.66
CA PRO E 52 -32.79 -27.29 16.71
C PRO E 52 -31.90 -27.93 15.64
N ASP E 53 -32.37 -29.02 15.05
CA ASP E 53 -31.57 -29.79 14.10
C ASP E 53 -31.34 -29.05 12.78
N ARG E 54 -32.38 -28.36 12.31
CA ARG E 54 -32.29 -27.48 11.15
C ARG E 54 -32.18 -26.00 11.58
N LEU E 55 -31.33 -25.26 10.87
CA LEU E 55 -31.13 -23.82 11.07
C LEU E 55 -31.31 -23.14 9.72
N PRO E 56 -31.79 -21.87 9.71
CA PRO E 56 -32.11 -21.19 8.44
C PRO E 56 -31.03 -21.40 7.38
N PRO E 57 -31.43 -21.92 6.20
CA PRO E 57 -30.50 -22.51 5.23
C PRO E 57 -29.54 -21.52 4.59
N HIS E 58 -29.79 -20.23 4.78
CA HIS E 58 -29.17 -19.16 3.98
C HIS E 58 -28.29 -18.21 4.80
N ILE E 59 -28.18 -18.43 6.10
CA ILE E 59 -27.41 -17.52 6.94
C ILE E 59 -25.92 -17.71 6.66
N THR E 60 -25.14 -16.68 6.96
CA THR E 60 -23.70 -16.69 6.74
C THR E 60 -22.94 -16.39 8.02
N THR E 61 -23.64 -15.82 9.00
CA THR E 61 -23.06 -15.53 10.32
C THR E 61 -23.93 -16.14 11.42
N LEU E 62 -23.31 -16.96 12.27
CA LEU E 62 -24.03 -17.55 13.39
C LEU E 62 -23.32 -17.24 14.69
N VAL E 63 -24.02 -16.61 15.62
CA VAL E 63 -23.43 -16.27 16.90
C VAL E 63 -24.14 -17.02 18.01
N ILE E 64 -23.34 -17.71 18.83
CA ILE E 64 -23.87 -18.42 19.97
C ILE E 64 -23.10 -17.98 21.22
N PRO E 65 -23.64 -17.01 21.98
CA PRO E 65 -23.05 -16.58 23.24
C PRO E 65 -23.24 -17.64 24.34
N ASP E 66 -22.92 -17.28 25.58
CA ASP E 66 -22.94 -18.24 26.70
C ASP E 66 -24.25 -19.00 26.85
N ASN E 67 -24.14 -20.32 26.68
CA ASN E 67 -25.24 -21.23 26.98
C ASN E 67 -24.68 -22.52 27.56
N ASN E 68 -25.55 -23.53 27.71
CA ASN E 68 -25.13 -24.84 28.21
C ASN E 68 -25.27 -25.92 27.15
N LEU E 69 -24.77 -25.64 25.94
CA LEU E 69 -24.76 -26.63 24.86
C LEU E 69 -23.63 -27.63 25.03
N THR E 70 -23.92 -28.89 24.72
CA THR E 70 -22.93 -29.98 24.72
C THR E 70 -22.47 -30.35 23.32
N SER E 71 -23.36 -30.16 22.33
CA SER E 71 -22.99 -30.23 20.93
C SER E 71 -23.74 -29.16 20.12
N LEU E 72 -23.46 -29.12 18.82
CA LEU E 72 -24.12 -28.19 17.91
C LEU E 72 -24.77 -29.00 16.80
N PRO E 73 -25.81 -28.44 16.17
CA PRO E 73 -26.50 -29.15 15.09
C PRO E 73 -25.69 -29.08 13.80
N GLU E 74 -26.17 -29.71 12.72
CA GLU E 74 -25.61 -29.50 11.39
C GLU E 74 -25.68 -28.00 11.09
N LEU E 75 -24.58 -27.43 10.60
CA LEU E 75 -24.50 -26.00 10.34
C LEU E 75 -24.96 -25.69 8.91
N PRO E 76 -25.48 -24.47 8.68
CA PRO E 76 -25.89 -24.05 7.35
C PRO E 76 -24.73 -24.18 6.38
N GLU E 77 -24.99 -24.84 5.25
CA GLU E 77 -23.99 -25.15 4.21
C GLU E 77 -23.13 -23.97 3.78
N GLY E 78 -23.72 -22.77 3.83
CA GLY E 78 -23.08 -21.57 3.33
C GLY E 78 -22.61 -20.61 4.40
N LEU E 79 -22.48 -21.11 5.63
CA LEU E 79 -22.00 -20.29 6.73
C LEU E 79 -20.57 -19.86 6.46
N ARG E 80 -20.26 -18.61 6.82
CA ARG E 80 -18.92 -18.05 6.65
C ARG E 80 -18.26 -17.70 7.98
N GLU E 81 -19.06 -17.29 8.96
CA GLU E 81 -18.56 -16.94 10.29
C GLU E 81 -19.33 -17.67 11.39
N LEU E 82 -18.59 -18.32 12.28
CA LEU E 82 -19.17 -18.97 13.45
C LEU E 82 -18.51 -18.48 14.74
N GLU E 83 -19.30 -17.89 15.64
CA GLU E 83 -18.77 -17.52 16.94
C GLU E 83 -19.51 -18.28 18.06
N VAL E 84 -18.78 -19.15 18.77
CA VAL E 84 -19.32 -19.87 19.94
C VAL E 84 -18.47 -19.54 21.15
N SER E 85 -19.12 -19.16 22.26
CA SER E 85 -18.39 -18.78 23.47
C SER E 85 -19.19 -19.02 24.73
N GLY E 86 -18.48 -19.18 25.85
CA GLY E 86 -19.09 -19.36 27.17
C GLY E 86 -19.87 -20.66 27.32
N ASN E 87 -19.60 -21.59 26.41
CA ASN E 87 -20.23 -22.89 26.45
C ASN E 87 -19.30 -23.93 27.07
N LEU E 88 -19.25 -23.94 28.40
CA LEU E 88 -18.30 -24.72 29.18
C LEU E 88 -18.46 -26.25 29.14
N GLN E 89 -19.56 -26.74 28.56
CA GLN E 89 -19.79 -28.18 28.45
C GLN E 89 -19.71 -28.69 27.00
N LEU E 90 -19.32 -27.80 26.08
CA LEU E 90 -19.16 -28.10 24.67
C LEU E 90 -17.72 -28.51 24.36
N THR E 91 -17.54 -29.79 24.06
CA THR E 91 -16.19 -30.36 23.93
C THR E 91 -15.76 -30.57 22.48
N SER E 92 -16.71 -30.52 21.56
CA SER E 92 -16.40 -30.63 20.14
C SER E 92 -17.29 -29.75 19.25
N LEU E 93 -16.89 -29.66 17.99
CA LEU E 93 -17.66 -29.00 16.96
C LEU E 93 -18.14 -30.01 15.90
N PRO E 94 -19.20 -29.68 15.16
CA PRO E 94 -19.60 -30.56 14.06
C PRO E 94 -18.72 -30.34 12.83
N SER E 95 -18.93 -31.10 11.77
CA SER E 95 -18.11 -30.89 10.60
C SER E 95 -18.42 -29.49 10.06
N LEU E 96 -17.37 -28.73 9.77
CA LEU E 96 -17.48 -27.30 9.48
C LEU E 96 -17.87 -27.04 8.02
N PRO E 97 -18.77 -26.07 7.78
CA PRO E 97 -19.16 -25.78 6.40
C PRO E 97 -17.94 -25.38 5.56
N GLN E 98 -17.88 -25.90 4.35
CA GLN E 98 -16.70 -25.79 3.50
C GLN E 98 -16.29 -24.36 3.15
N GLY E 99 -17.25 -23.44 3.16
CA GLY E 99 -16.96 -22.04 2.85
C GLY E 99 -16.69 -21.15 4.05
N LEU E 100 -16.39 -21.75 5.20
CA LEU E 100 -16.18 -20.99 6.44
C LEU E 100 -14.88 -20.22 6.41
N GLN E 101 -14.90 -18.99 6.90
CA GLN E 101 -13.69 -18.17 6.91
C GLN E 101 -13.32 -17.55 8.25
N LYS E 102 -14.26 -17.51 9.18
CA LYS E 102 -13.95 -17.09 10.53
C LYS E 102 -14.52 -18.07 11.54
N LEU E 103 -13.65 -18.64 12.36
CA LEU E 103 -14.10 -19.52 13.45
C LEU E 103 -13.56 -19.01 14.78
N TRP E 104 -14.43 -18.38 15.57
CA TRP E 104 -14.13 -17.98 16.92
C TRP E 104 -14.89 -18.87 17.92
N ALA E 105 -14.17 -19.84 18.48
CA ALA E 105 -14.75 -20.85 19.36
C ALA E 105 -13.95 -20.89 20.64
N TYR E 106 -14.07 -19.84 21.43
CA TYR E 106 -13.23 -19.66 22.61
C TYR E 106 -14.07 -19.70 23.88
N ASN E 107 -13.40 -19.87 25.02
CA ASN E 107 -14.05 -20.06 26.33
C ASN E 107 -15.13 -21.12 26.29
N ASN E 108 -14.83 -22.25 25.67
CA ASN E 108 -15.69 -23.43 25.68
C ASN E 108 -14.93 -24.54 26.39
N TRP E 109 -15.07 -25.78 25.94
CA TRP E 109 -14.30 -26.87 26.52
C TRP E 109 -13.85 -27.86 25.45
N LEU E 110 -13.43 -27.31 24.31
CA LEU E 110 -13.09 -28.09 23.13
C LEU E 110 -11.87 -28.98 23.36
N ALA E 111 -12.02 -30.26 23.04
CA ALA E 111 -10.95 -31.24 23.20
C ALA E 111 -10.18 -31.43 21.88
N SER E 112 -10.84 -31.12 20.76
CA SER E 112 -10.22 -31.16 19.46
C SER E 112 -10.91 -30.18 18.49
N LEU E 113 -10.37 -30.08 17.28
CA LEU E 113 -11.04 -29.36 16.20
C LEU E 113 -11.29 -30.31 15.03
N PRO E 114 -12.35 -30.05 14.24
CA PRO E 114 -12.52 -30.86 13.03
C PRO E 114 -11.51 -30.46 11.94
N THR E 115 -11.53 -31.19 10.82
CA THR E 115 -10.82 -30.76 9.63
C THR E 115 -11.27 -29.35 9.28
N LEU E 116 -10.30 -28.44 9.27
CA LEU E 116 -10.51 -27.03 8.98
C LEU E 116 -10.68 -26.79 7.48
N PRO E 117 -11.70 -25.99 7.09
CA PRO E 117 -11.96 -25.70 5.68
C PRO E 117 -10.85 -24.85 5.07
N PRO E 118 -10.49 -25.11 3.79
CA PRO E 118 -9.35 -24.45 3.16
C PRO E 118 -9.45 -22.91 3.16
N GLY E 119 -10.68 -22.40 3.09
CA GLY E 119 -10.92 -20.96 3.04
C GLY E 119 -10.83 -20.22 4.36
N LEU E 120 -10.63 -20.94 5.45
CA LEU E 120 -10.58 -20.34 6.77
C LEU E 120 -9.38 -19.43 6.89
N GLY E 121 -9.62 -18.17 7.22
CA GLY E 121 -8.56 -17.18 7.35
C GLY E 121 -8.23 -16.80 8.79
N ASP E 122 -9.22 -16.91 9.66
CA ASP E 122 -9.17 -16.38 11.01
C ASP E 122 -9.69 -17.42 12.00
N LEU E 123 -8.78 -17.97 12.81
CA LEU E 123 -9.14 -19.00 13.78
C LEU E 123 -8.77 -18.59 15.20
N ALA E 124 -9.78 -18.40 16.04
CA ALA E 124 -9.61 -18.13 17.47
C ALA E 124 -10.25 -19.21 18.35
N VAL E 125 -9.41 -20.02 19.00
CA VAL E 125 -9.90 -21.12 19.84
C VAL E 125 -9.21 -21.12 21.21
N SER E 126 -8.90 -19.93 21.71
CA SER E 126 -8.32 -19.76 23.03
C SER E 126 -9.19 -20.34 24.13
N ASN E 127 -8.57 -20.69 25.25
CA ASN E 127 -9.28 -21.07 26.47
C ASN E 127 -10.21 -22.26 26.28
N ASN E 128 -9.65 -23.32 25.73
CA ASN E 128 -10.33 -24.58 25.61
C ASN E 128 -9.47 -25.64 26.28
N GLN E 129 -9.55 -26.89 25.85
CA GLN E 129 -8.71 -27.93 26.46
C GLN E 129 -7.93 -28.72 25.40
N LEU E 130 -7.70 -28.08 24.26
CA LEU E 130 -7.01 -28.69 23.11
C LEU E 130 -5.57 -29.08 23.43
N THR E 131 -5.18 -30.28 23.00
CA THR E 131 -3.82 -30.75 23.20
C THR E 131 -3.02 -30.77 21.88
N SER E 132 -3.74 -30.72 20.76
CA SER E 132 -3.17 -30.65 19.42
C SER E 132 -4.13 -29.95 18.46
N LEU E 133 -3.61 -29.46 17.33
CA LEU E 133 -4.42 -28.84 16.30
C LEU E 133 -4.21 -29.57 14.99
N PRO E 134 -5.24 -29.61 14.12
CA PRO E 134 -5.02 -30.29 12.84
C PRO E 134 -4.33 -29.39 11.82
N GLU E 135 -4.00 -29.94 10.66
CA GLU E 135 -3.36 -29.21 9.57
C GLU E 135 -4.04 -27.88 9.33
N MET E 136 -3.24 -26.82 9.27
CA MET E 136 -3.75 -25.46 9.11
C MET E 136 -4.10 -25.15 7.65
N PRO E 137 -5.30 -24.57 7.42
CA PRO E 137 -5.74 -24.25 6.05
C PRO E 137 -4.80 -23.26 5.34
N PRO E 138 -4.53 -23.51 4.05
CA PRO E 138 -3.50 -22.80 3.28
C PRO E 138 -3.62 -21.27 3.30
N ALA E 139 -4.81 -20.77 3.62
CA ALA E 139 -5.10 -19.35 3.54
C ALA E 139 -5.27 -18.68 4.90
N LEU E 140 -5.01 -19.41 5.99
CA LEU E 140 -5.04 -18.83 7.32
C LEU E 140 -4.11 -17.62 7.47
N ARG E 141 -4.61 -16.56 8.10
CA ARG E 141 -3.80 -15.35 8.35
C ARG E 141 -3.71 -14.95 9.82
N GLU E 142 -4.67 -15.38 10.64
CA GLU E 142 -4.61 -15.16 12.09
C GLU E 142 -4.95 -16.41 12.87
N LEU E 143 -4.08 -16.74 13.83
CA LEU E 143 -4.28 -17.88 14.73
C LEU E 143 -4.22 -17.44 16.19
N ARG E 144 -5.27 -17.75 16.96
CA ARG E 144 -5.30 -17.49 18.40
C ARG E 144 -5.64 -18.78 19.13
N VAL E 145 -4.68 -19.29 19.91
CA VAL E 145 -4.81 -20.60 20.56
C VAL E 145 -4.32 -20.59 22.01
N SER E 146 -4.35 -19.43 22.64
CA SER E 146 -3.81 -19.30 23.98
C SER E 146 -4.69 -20.00 25.01
N GLY E 147 -4.12 -20.30 26.18
CA GLY E 147 -4.90 -20.88 27.27
C GLY E 147 -5.37 -22.29 26.97
N ASN E 148 -4.61 -23.01 26.15
CA ASN E 148 -4.89 -24.42 25.91
C ASN E 148 -3.81 -25.33 26.49
N ASN E 149 -3.86 -26.61 26.12
CA ASN E 149 -2.91 -27.63 26.60
C ASN E 149 -1.89 -28.03 25.52
N LEU E 150 -1.58 -27.11 24.61
CA LEU E 150 -0.76 -27.47 23.45
C LEU E 150 0.69 -27.63 23.81
N THR E 151 1.31 -28.70 23.31
CA THR E 151 2.73 -28.95 23.50
C THR E 151 3.50 -28.71 22.22
N SER E 152 2.75 -28.38 21.17
CA SER E 152 3.24 -28.32 19.81
C SER E 152 2.24 -27.57 18.92
N LEU E 153 2.74 -27.02 17.82
CA LEU E 153 1.91 -26.41 16.79
C LEU E 153 2.24 -27.02 15.44
N PRO E 154 1.21 -27.22 14.58
CA PRO E 154 1.46 -27.72 13.24
C PRO E 154 2.22 -26.72 12.36
N ALA E 155 2.60 -27.14 11.16
CA ALA E 155 3.22 -26.26 10.17
C ALA E 155 2.35 -25.01 9.91
N LEU E 156 3.00 -23.86 9.82
CA LEU E 156 2.29 -22.61 9.59
C LEU E 156 2.17 -22.35 8.09
N PRO E 157 0.99 -21.90 7.63
CA PRO E 157 0.84 -21.60 6.20
C PRO E 157 1.58 -20.32 5.83
N SER E 158 1.90 -20.17 4.54
CA SER E 158 2.70 -19.05 4.02
C SER E 158 2.15 -17.66 4.31
N GLY E 159 0.84 -17.56 4.44
CA GLY E 159 0.18 -16.28 4.60
C GLY E 159 -0.07 -15.87 6.04
N LEU E 160 0.39 -16.69 6.99
CA LEU E 160 0.14 -16.37 8.39
C LEU E 160 0.75 -15.04 8.81
N GLN E 161 -0.07 -14.17 9.39
CA GLN E 161 0.40 -12.84 9.77
C GLN E 161 0.50 -12.65 11.29
N LYS E 162 -0.45 -13.24 12.02
CA LYS E 162 -0.46 -13.11 13.47
C LYS E 162 -0.69 -14.45 14.16
N LEU E 163 0.13 -14.73 15.17
CA LEU E 163 0.04 -15.96 15.95
C LEU E 163 0.16 -15.71 17.45
N TRP E 164 -0.90 -16.00 18.17
CA TRP E 164 -0.90 -15.93 19.62
C TRP E 164 -1.05 -17.35 20.17
N ALA E 165 -0.11 -17.77 21.02
CA ALA E 165 -0.13 -19.12 21.56
C ALA E 165 0.37 -19.16 23.01
N TYR E 166 0.24 -18.03 23.70
CA TYR E 166 0.74 -17.91 25.07
C TYR E 166 -0.10 -18.75 26.03
N ASN E 167 0.46 -19.07 27.19
CA ASN E 167 -0.25 -19.86 28.21
C ASN E 167 -0.56 -21.30 27.73
N ASN E 168 0.48 -21.98 27.24
CA ASN E 168 0.37 -23.37 26.80
C ASN E 168 1.53 -24.22 27.37
N ARG E 169 1.78 -25.38 26.76
CA ARG E 169 2.87 -26.24 27.19
C ARG E 169 3.86 -26.49 26.06
N LEU E 170 4.07 -25.46 25.24
CA LEU E 170 4.92 -25.53 24.06
C LEU E 170 6.38 -25.76 24.42
N THR E 171 6.98 -26.80 23.83
CA THR E 171 8.40 -27.07 24.01
C THR E 171 9.17 -26.85 22.71
N SER E 172 8.44 -26.60 21.63
CA SER E 172 9.05 -26.19 20.35
C SER E 172 8.08 -25.37 19.50
N LEU E 173 8.63 -24.60 18.56
CA LEU E 173 7.83 -23.86 17.60
C LEU E 173 8.15 -24.38 16.21
N PRO E 174 7.21 -24.26 15.26
CA PRO E 174 7.50 -24.67 13.88
C PRO E 174 8.34 -23.62 13.14
N GLU E 175 8.77 -23.94 11.94
CA GLU E 175 9.43 -22.98 11.06
C GLU E 175 8.45 -21.84 10.77
N MET E 176 8.95 -20.61 10.78
CA MET E 176 8.10 -19.41 10.66
C MET E 176 7.75 -19.11 9.22
N SER E 177 6.50 -18.71 9.00
CA SER E 177 6.08 -18.10 7.75
C SER E 177 6.85 -16.80 7.58
N PRO E 178 7.43 -16.59 6.39
CA PRO E 178 8.44 -15.53 6.31
C PRO E 178 7.87 -14.12 6.45
N GLY E 179 6.54 -14.00 6.29
CA GLY E 179 5.82 -12.73 6.42
C GLY E 179 5.07 -12.52 7.73
N LEU E 180 5.25 -13.43 8.69
CA LEU E 180 4.62 -13.31 10.01
C LEU E 180 5.09 -12.04 10.70
N GLN E 181 4.16 -11.28 11.27
CA GLN E 181 4.51 -9.99 11.85
C GLN E 181 4.20 -9.82 13.34
N GLU E 182 3.43 -10.76 13.89
CA GLU E 182 3.20 -10.81 15.33
C GLU E 182 3.21 -12.25 15.80
N LEU E 183 4.09 -12.54 16.76
CA LEU E 183 4.19 -13.87 17.38
C LEU E 183 4.26 -13.78 18.90
N ASP E 184 3.22 -14.25 19.56
CA ASP E 184 3.19 -14.22 21.02
C ASP E 184 3.15 -15.65 21.56
N VAL E 185 4.30 -16.08 22.11
CA VAL E 185 4.42 -17.41 22.72
C VAL E 185 4.92 -17.31 24.15
N SER E 186 4.38 -16.32 24.86
CA SER E 186 4.70 -16.08 26.27
C SER E 186 4.24 -17.27 27.11
N HIS E 187 4.82 -17.44 28.29
CA HIS E 187 4.37 -18.46 29.25
C HIS E 187 4.19 -19.85 28.65
N ASN E 188 5.26 -20.38 28.09
CA ASN E 188 5.33 -21.77 27.66
C ASN E 188 6.57 -22.41 28.25
N GLN E 189 7.03 -23.49 27.63
CA GLN E 189 8.17 -24.25 28.11
C GLN E 189 9.26 -24.34 27.05
N LEU E 190 9.45 -23.24 26.30
CA LEU E 190 10.45 -23.17 25.25
C LEU E 190 11.82 -22.90 25.82
N THR E 191 12.81 -23.66 25.36
CA THR E 191 14.19 -23.51 25.77
C THR E 191 15.00 -22.91 24.63
N ARG E 192 14.62 -23.25 23.40
CA ARG E 192 15.29 -22.78 22.19
C ARG E 192 14.28 -22.39 21.11
N LEU E 193 14.76 -21.69 20.08
CA LEU E 193 13.86 -21.13 19.07
C LEU E 193 14.20 -21.61 17.67
N PRO E 194 13.24 -21.49 16.73
CA PRO E 194 13.54 -21.89 15.36
C PRO E 194 14.50 -20.92 14.72
N GLN E 195 15.44 -21.46 13.95
CA GLN E 195 16.38 -20.69 13.16
C GLN E 195 15.65 -19.72 12.19
N SER E 196 14.40 -20.04 11.89
CA SER E 196 13.54 -19.22 11.04
C SER E 196 13.28 -17.84 11.65
N LEU E 197 13.31 -17.77 12.98
CA LEU E 197 13.13 -16.50 13.70
C LEU E 197 14.09 -15.40 13.22
N THR E 198 15.27 -15.78 12.70
CA THR E 198 16.24 -14.78 12.20
C THR E 198 15.75 -14.07 10.94
N GLY E 199 14.83 -14.73 10.22
CA GLY E 199 14.33 -14.23 8.94
C GLY E 199 13.01 -13.48 8.98
N LEU E 200 12.59 -13.07 10.17
CA LEU E 200 11.39 -12.25 10.28
C LEU E 200 11.68 -10.84 9.87
N SER E 201 10.66 -10.15 9.35
CA SER E 201 10.73 -8.71 9.13
C SER E 201 11.16 -7.99 10.40
N SER E 202 11.90 -6.90 10.24
CA SER E 202 12.38 -6.13 11.38
C SER E 202 11.22 -5.60 12.21
N ALA E 203 10.07 -5.38 11.57
CA ALA E 203 8.89 -4.83 12.21
C ALA E 203 8.18 -5.82 13.15
N ALA E 204 8.41 -7.10 12.92
CA ALA E 204 7.72 -8.17 13.62
C ALA E 204 7.91 -8.11 15.13
N ARG E 205 6.80 -8.21 15.86
CA ARG E 205 6.84 -8.23 17.32
C ARG E 205 6.86 -9.69 17.78
N VAL E 206 7.75 -10.01 18.71
CA VAL E 206 7.91 -11.35 19.26
C VAL E 206 7.89 -11.25 20.78
N TYR E 207 6.98 -11.98 21.41
CA TYR E 207 6.83 -11.92 22.86
C TYR E 207 7.19 -13.26 23.49
N LEU E 208 8.16 -13.25 24.40
CA LEU E 208 8.74 -14.48 24.93
C LEU E 208 8.80 -14.57 26.47
N ASP E 209 8.29 -13.56 27.15
CA ASP E 209 8.26 -13.57 28.61
C ASP E 209 7.76 -14.91 29.15
N GLY E 210 8.50 -15.46 30.13
CA GLY E 210 8.05 -16.63 30.85
C GLY E 210 8.28 -17.93 30.14
N ASN E 211 9.43 -18.02 29.48
CA ASN E 211 9.94 -19.28 28.94
C ASN E 211 11.32 -19.50 29.53
N PRO E 212 11.65 -20.78 29.85
CA PRO E 212 12.97 -21.07 30.40
C PRO E 212 13.98 -21.24 29.27
N LEU E 213 14.31 -20.13 28.63
CA LEU E 213 15.27 -20.13 27.53
C LEU E 213 16.69 -20.42 28.00
N SER E 214 17.39 -21.25 27.23
CA SER E 214 18.78 -21.58 27.54
C SER E 214 19.66 -20.36 27.36
N VAL E 215 20.79 -20.33 28.07
CA VAL E 215 21.75 -19.25 27.95
C VAL E 215 22.14 -19.04 26.48
N ARG E 216 22.26 -20.14 25.73
CA ARG E 216 22.57 -20.07 24.29
C ARG E 216 21.48 -19.32 23.52
N THR E 217 20.24 -19.59 23.88
CA THR E 217 19.11 -18.92 23.24
C THR E 217 19.05 -17.44 23.59
N LEU E 218 19.37 -17.10 24.83
CA LEU E 218 19.44 -15.69 25.24
C LEU E 218 20.49 -14.95 24.40
N GLN E 219 21.65 -15.58 24.22
CA GLN E 219 22.69 -15.04 23.37
C GLN E 219 22.19 -14.88 21.94
N ALA E 220 21.42 -15.87 21.47
CA ALA E 220 20.85 -15.83 20.11
C ALA E 220 19.92 -14.62 19.91
N LEU E 221 19.18 -14.27 20.97
CA LEU E 221 18.32 -13.09 20.93
C LEU E 221 19.14 -11.81 20.83
N ARG E 222 20.25 -11.76 21.56
CA ARG E 222 21.18 -10.63 21.47
C ARG E 222 21.83 -10.52 20.09
N ASP E 223 22.15 -11.65 19.48
CA ASP E 223 22.71 -11.66 18.13
C ASP E 223 21.68 -11.24 17.08
N ILE E 224 20.41 -11.64 17.27
CA ILE E 224 19.32 -11.29 16.35
C ILE E 224 19.05 -9.79 16.37
N ILE E 225 18.94 -9.25 17.59
CA ILE E 225 18.70 -7.82 17.80
C ILE E 225 19.83 -7.01 17.18
N GLY E 226 21.05 -7.53 17.26
CA GLY E 226 22.21 -6.93 16.61
C GLY E 226 22.27 -7.13 15.10
N HIS E 227 21.78 -8.28 14.61
CA HIS E 227 21.85 -8.60 13.19
C HIS E 227 20.64 -8.10 12.38
N SER E 228 19.48 -8.72 12.61
CA SER E 228 18.23 -8.38 11.91
C SER E 228 17.61 -7.08 12.42
N GLY E 229 17.81 -6.80 13.71
CA GLY E 229 17.22 -5.63 14.32
C GLY E 229 15.73 -5.78 14.63
N ILE E 230 15.26 -7.03 14.74
CA ILE E 230 13.97 -7.31 15.36
C ILE E 230 14.17 -7.05 16.84
N ARG E 231 13.31 -6.24 17.44
CA ARG E 231 13.36 -6.05 18.90
C ARG E 231 12.54 -7.09 19.65
N ILE E 232 13.26 -7.95 20.37
CA ILE E 232 12.64 -9.06 21.08
C ILE E 232 12.61 -8.83 22.58
N HIS E 233 11.40 -8.87 23.13
CA HIS E 233 11.14 -8.60 24.53
C HIS E 233 11.56 -9.79 25.40
N PHE E 234 12.66 -9.65 26.13
CA PHE E 234 13.01 -10.61 27.20
C PHE E 234 13.82 -10.02 28.38
N ASP E 235 13.23 -10.05 29.58
CA ASP E 235 13.77 -9.32 30.73
C ASP E 235 14.73 -10.08 31.68
N MET E 236 14.78 -11.41 31.57
CA MET E 236 15.67 -12.26 32.40
C MET E 236 15.38 -12.21 33.91
N ALA E 237 15.04 -11.02 34.42
CA ALA E 237 14.68 -10.79 35.83
C ALA E 237 13.52 -11.66 36.28
N GLY E 238 12.55 -11.86 35.38
CA GLY E 238 11.43 -12.74 35.67
C GLY E 238 10.35 -12.75 34.60
N PRO E 239 9.65 -13.90 34.48
CA PRO E 239 8.43 -14.06 33.67
C PRO E 239 7.40 -12.96 33.93
N GLU F 3 -3.78 51.97 0.23
CA GLU F 3 -4.85 51.11 0.80
C GLU F 3 -4.31 50.19 1.90
N TYR F 4 -3.16 49.56 1.63
CA TYR F 4 -2.57 48.57 2.53
C TYR F 4 -1.64 49.19 3.58
N ASP F 5 -0.71 50.04 3.15
CA ASP F 5 0.29 50.61 4.06
C ASP F 5 -0.13 51.96 4.64
N ALA F 6 -1.40 52.06 5.03
CA ALA F 6 -1.91 53.18 5.83
C ALA F 6 -2.49 52.61 7.13
N VAL F 7 -3.09 51.43 7.01
CA VAL F 7 -3.64 50.68 8.14
C VAL F 7 -2.51 50.03 8.95
N TRP F 8 -1.65 49.27 8.27
CA TRP F 8 -0.55 48.53 8.90
C TRP F 8 0.55 49.44 9.44
N SER F 9 0.70 50.61 8.83
CA SER F 9 1.67 51.61 9.27
C SER F 9 1.31 52.20 10.64
N LYS F 10 0.04 52.60 10.81
CA LYS F 10 -0.48 53.15 12.07
C LYS F 10 -0.33 52.17 13.23
N TRP F 11 -0.72 50.91 12.98
CA TRP F 11 -0.66 49.83 13.95
C TRP F 11 0.75 49.64 14.53
N GLU F 12 1.76 49.87 13.70
CA GLU F 12 3.18 49.80 14.12
C GLU F 12 3.55 50.84 15.18
N ARG F 13 2.98 52.04 15.05
CA ARG F 13 3.25 53.14 15.98
C ARG F 13 2.10 53.36 16.99
N ASP F 14 1.04 52.56 16.87
CA ASP F 14 -0.07 52.59 17.82
C ASP F 14 0.17 51.62 18.99
N ALA F 15 1.39 51.11 19.07
CA ALA F 15 1.80 50.17 20.10
C ALA F 15 1.76 50.78 21.50
N PRO F 16 1.02 50.14 22.43
CA PRO F 16 1.07 50.56 23.83
C PRO F 16 2.48 50.36 24.40
N ALA F 17 2.91 51.29 25.25
CA ALA F 17 4.26 51.30 25.79
C ALA F 17 4.71 49.92 26.31
N GLY F 18 5.86 49.48 25.84
CA GLY F 18 6.40 48.17 26.21
C GLY F 18 6.32 47.15 25.09
N GLU F 19 5.19 47.15 24.38
CA GLU F 19 4.96 46.21 23.28
C GLU F 19 5.46 46.76 21.94
N SER F 20 6.17 47.89 21.99
CA SER F 20 6.73 48.52 20.80
C SER F 20 7.71 47.63 20.00
N PRO F 21 8.74 47.06 20.66
CA PRO F 21 9.69 46.23 19.90
C PRO F 21 9.06 45.01 19.24
N GLY F 22 8.13 44.35 19.92
CA GLY F 22 7.43 43.18 19.40
C GLY F 22 6.65 43.45 18.12
N ARG F 23 5.81 44.49 18.15
CA ARG F 23 4.99 44.86 16.99
C ARG F 23 5.81 45.23 15.76
N ALA F 24 7.01 45.77 15.99
CA ALA F 24 7.94 46.11 14.90
C ALA F 24 8.35 44.88 14.10
N ALA F 25 8.70 43.80 14.81
CA ALA F 25 9.04 42.53 14.18
C ALA F 25 7.87 41.97 13.36
N VAL F 26 6.67 42.07 13.93
CA VAL F 26 5.45 41.63 13.25
C VAL F 26 5.15 42.48 12.00
N VAL F 27 5.33 43.80 12.11
CA VAL F 27 5.10 44.71 10.97
C VAL F 27 6.22 44.61 9.92
N GLN F 28 7.39 44.14 10.34
CA GLN F 28 8.48 43.85 9.41
C GLN F 28 8.06 42.70 8.49
N GLU F 29 7.56 41.63 9.10
CA GLU F 29 7.04 40.48 8.35
C GLU F 29 5.85 40.88 7.46
N MET F 30 4.99 41.75 7.97
CA MET F 30 3.88 42.35 7.20
C MET F 30 4.34 43.02 5.90
N ARG F 31 5.49 43.68 5.96
CA ARG F 31 6.10 44.30 4.79
C ARG F 31 6.88 43.27 3.97
N ASP F 32 7.83 42.60 4.63
CA ASP F 32 8.74 41.64 4.02
C ASP F 32 8.04 40.51 3.26
N CYS F 33 7.00 39.96 3.89
CA CYS F 33 6.24 38.82 3.37
C CYS F 33 5.70 39.06 1.95
N LEU F 34 5.18 40.26 1.71
CA LEU F 34 4.63 40.65 0.42
C LEU F 34 5.65 40.63 -0.72
N ASN F 35 6.88 41.03 -0.40
CA ASN F 35 7.91 41.21 -1.42
C ASN F 35 8.55 39.93 -1.94
N ASN F 36 8.80 38.97 -1.04
CA ASN F 36 9.42 37.70 -1.43
C ASN F 36 8.41 36.59 -1.76
N GLY F 37 7.13 36.96 -1.86
CA GLY F 37 6.06 36.02 -2.18
C GLY F 37 5.56 35.15 -1.03
N ASN F 38 6.45 34.86 -0.07
CA ASN F 38 6.22 33.86 1.00
C ASN F 38 4.76 33.57 1.39
N PRO F 39 4.38 32.27 1.41
CA PRO F 39 3.02 31.88 1.80
C PRO F 39 2.79 31.83 3.33
N VAL F 40 3.87 31.74 4.10
CA VAL F 40 3.78 31.61 5.55
C VAL F 40 3.96 32.97 6.27
N LEU F 41 3.38 33.07 7.46
CA LEU F 41 3.55 34.24 8.34
C LEU F 41 3.54 33.78 9.80
N ASN F 42 4.58 34.15 10.54
CA ASN F 42 4.70 33.77 11.94
C ASN F 42 5.02 34.97 12.80
N VAL F 43 4.03 35.42 13.57
CA VAL F 43 4.17 36.63 14.41
C VAL F 43 5.02 36.41 15.66
N GLY F 44 5.28 35.14 15.98
CA GLY F 44 6.08 34.78 17.15
C GLY F 44 5.40 35.04 18.48
N ALA F 45 6.10 34.70 19.57
CA ALA F 45 5.63 34.96 20.92
C ALA F 45 6.11 36.34 21.40
N SER F 46 5.56 37.38 20.79
CA SER F 46 5.94 38.77 21.09
C SER F 46 5.12 39.36 22.23
N GLY F 47 4.07 38.65 22.64
CA GLY F 47 3.16 39.12 23.69
C GLY F 47 2.35 40.31 23.22
N LEU F 48 1.89 40.26 21.98
CA LEU F 48 1.13 41.35 21.37
C LEU F 48 -0.28 41.42 21.96
N THR F 49 -0.74 42.65 22.21
CA THR F 49 -2.07 42.87 22.75
C THR F 49 -3.15 42.86 21.64
N THR F 50 -2.74 43.21 20.42
CA THR F 50 -3.64 43.21 19.27
C THR F 50 -2.89 42.99 17.93
N LEU F 51 -3.60 42.44 16.95
CA LEU F 51 -3.05 42.22 15.60
C LEU F 51 -3.69 43.21 14.60
N PRO F 52 -2.95 43.55 13.50
CA PRO F 52 -3.39 44.56 12.52
C PRO F 52 -4.76 44.27 11.90
N ASP F 53 -5.50 45.33 11.59
CA ASP F 53 -6.84 45.20 10.99
C ASP F 53 -6.82 44.46 9.66
N ARG F 54 -5.75 44.63 8.89
CA ARG F 54 -5.54 43.92 7.63
C ARG F 54 -4.23 43.11 7.61
N LEU F 55 -4.25 41.99 6.89
CA LEU F 55 -3.12 41.05 6.83
C LEU F 55 -2.67 40.79 5.37
N PRO F 56 -1.48 40.16 5.16
CA PRO F 56 -1.04 39.91 3.78
C PRO F 56 -2.08 39.09 2.99
N PRO F 57 -2.52 39.61 1.83
CA PRO F 57 -3.65 39.04 1.09
C PRO F 57 -3.43 37.66 0.49
N HIS F 58 -2.18 37.21 0.40
CA HIS F 58 -1.82 36.03 -0.39
C HIS F 58 -1.42 34.79 0.42
N ILE F 59 -1.31 34.94 1.73
CA ILE F 59 -0.77 33.88 2.60
C ILE F 59 -1.67 32.65 2.73
N THR F 60 -1.06 31.53 3.11
CA THR F 60 -1.76 30.25 3.24
C THR F 60 -1.58 29.65 4.64
N THR F 61 -0.50 30.03 5.32
CA THR F 61 -0.24 29.59 6.69
C THR F 61 -0.04 30.78 7.61
N LEU F 62 -0.79 30.82 8.71
CA LEU F 62 -0.66 31.85 9.72
C LEU F 62 -0.42 31.21 11.09
N VAL F 63 0.75 31.49 11.67
CA VAL F 63 1.12 30.92 12.97
C VAL F 63 1.12 32.01 14.04
N ILE F 64 0.52 31.72 15.19
CA ILE F 64 0.45 32.65 16.32
C ILE F 64 0.76 31.94 17.65
N PRO F 65 2.02 32.00 18.10
CA PRO F 65 2.40 31.44 19.40
C PRO F 65 1.90 32.28 20.57
N ASP F 66 2.41 32.01 21.77
CA ASP F 66 1.96 32.66 23.01
C ASP F 66 1.92 34.19 22.90
N ASN F 67 0.72 34.75 22.96
CA ASN F 67 0.54 36.20 23.01
C ASN F 67 -0.58 36.60 23.97
N ASN F 68 -1.05 37.83 23.86
CA ASN F 68 -2.08 38.36 24.74
C ASN F 68 -3.23 39.00 23.96
N LEU F 69 -3.70 38.31 22.93
CA LEU F 69 -4.83 38.77 22.14
C LEU F 69 -6.17 38.40 22.76
N THR F 70 -7.17 39.23 22.49
CA THR F 70 -8.54 38.97 22.94
C THR F 70 -9.49 38.78 21.74
N SER F 71 -9.11 39.38 20.61
CA SER F 71 -9.89 39.29 19.37
C SER F 71 -8.96 39.10 18.17
N LEU F 72 -9.54 38.75 17.02
CA LEU F 72 -8.78 38.53 15.78
C LEU F 72 -9.42 39.19 14.56
N PRO F 73 -8.59 39.70 13.63
CA PRO F 73 -9.06 40.38 12.43
C PRO F 73 -9.70 39.44 11.40
N GLU F 74 -10.31 40.00 10.36
CA GLU F 74 -10.79 39.20 9.24
C GLU F 74 -9.60 38.45 8.62
N LEU F 75 -9.82 37.18 8.29
CA LEU F 75 -8.76 36.32 7.77
C LEU F 75 -8.63 36.43 6.24
N PRO F 76 -7.41 36.22 5.70
CA PRO F 76 -7.19 36.24 4.24
C PRO F 76 -8.05 35.21 3.52
N GLU F 77 -8.58 35.58 2.35
CA GLU F 77 -9.55 34.73 1.65
C GLU F 77 -9.06 33.33 1.26
N GLY F 78 -7.74 33.15 1.13
CA GLY F 78 -7.18 31.88 0.70
C GLY F 78 -6.37 31.14 1.77
N LEU F 79 -6.57 31.51 3.03
CA LEU F 79 -5.85 30.86 4.13
C LEU F 79 -6.19 29.38 4.22
N ARG F 80 -5.17 28.57 4.53
CA ARG F 80 -5.28 27.12 4.47
C ARG F 80 -4.93 26.49 5.82
N GLU F 81 -4.02 27.13 6.56
CA GLU F 81 -3.64 26.67 7.88
C GLU F 81 -3.62 27.82 8.89
N LEU F 82 -4.32 27.62 10.01
CA LEU F 82 -4.33 28.60 11.10
C LEU F 82 -3.92 27.95 12.42
N GLU F 83 -2.90 28.51 13.06
CA GLU F 83 -2.36 27.98 14.31
C GLU F 83 -2.29 29.05 15.38
N VAL F 84 -3.14 28.93 16.40
CA VAL F 84 -3.17 29.88 17.52
C VAL F 84 -3.15 29.16 18.88
N SER F 85 -2.23 29.56 19.74
CA SER F 85 -2.07 28.89 21.03
C SER F 85 -1.46 29.81 22.09
N GLY F 86 -1.73 29.51 23.36
CA GLY F 86 -1.18 30.28 24.48
C GLY F 86 -1.77 31.67 24.63
N ASN F 87 -2.93 31.89 24.02
CA ASN F 87 -3.67 33.15 24.14
C ASN F 87 -4.79 32.98 25.14
N LEU F 88 -4.44 33.05 26.43
CA LEU F 88 -5.35 32.71 27.53
C LEU F 88 -6.58 33.62 27.67
N GLN F 89 -6.71 34.61 26.78
CA GLN F 89 -7.85 35.52 26.80
C GLN F 89 -8.56 35.58 25.44
N LEU F 90 -8.07 34.81 24.48
CA LEU F 90 -8.73 34.67 23.17
C LEU F 90 -9.95 33.77 23.32
N THR F 91 -11.14 34.35 23.16
CA THR F 91 -12.38 33.67 23.50
C THR F 91 -13.25 33.25 22.30
N SER F 92 -12.92 33.77 21.12
CA SER F 92 -13.68 33.48 19.89
C SER F 92 -12.80 33.61 18.65
N LEU F 93 -13.27 33.03 17.53
CA LEU F 93 -12.56 33.09 16.25
C LEU F 93 -13.42 33.75 15.16
N PRO F 94 -12.78 34.48 14.22
CA PRO F 94 -13.50 35.11 13.11
C PRO F 94 -13.96 34.07 12.10
N SER F 95 -14.87 34.45 11.21
CA SER F 95 -15.37 33.55 10.17
C SER F 95 -14.21 32.96 9.37
N LEU F 96 -14.15 31.63 9.34
CA LEU F 96 -13.02 30.90 8.77
C LEU F 96 -13.07 30.80 7.24
N PRO F 97 -11.92 31.06 6.58
CA PRO F 97 -11.82 31.07 5.11
C PRO F 97 -12.28 29.75 4.47
N GLN F 98 -12.95 29.88 3.33
CA GLN F 98 -13.61 28.77 2.63
C GLN F 98 -12.75 27.54 2.38
N GLY F 99 -11.45 27.73 2.25
CA GLY F 99 -10.55 26.64 1.91
C GLY F 99 -9.59 26.26 3.02
N LEU F 100 -9.97 26.55 4.26
CA LEU F 100 -9.16 26.16 5.41
C LEU F 100 -9.13 24.64 5.55
N GLN F 101 -7.94 24.12 5.83
CA GLN F 101 -7.66 22.70 5.83
C GLN F 101 -7.19 22.24 7.21
N LYS F 102 -6.44 23.12 7.89
CA LYS F 102 -5.87 22.83 9.20
C LYS F 102 -6.21 23.95 10.16
N LEU F 103 -6.85 23.62 11.27
CA LEU F 103 -7.14 24.60 12.31
C LEU F 103 -6.62 24.15 13.67
N TRP F 104 -5.52 24.78 14.08
CA TRP F 104 -4.94 24.52 15.40
C TRP F 104 -5.18 25.72 16.31
N ALA F 105 -6.24 25.63 17.12
CA ALA F 105 -6.63 26.69 18.01
C ALA F 105 -6.83 26.14 19.43
N TYR F 106 -5.74 25.71 20.04
CA TYR F 106 -5.80 25.07 21.36
C TYR F 106 -5.06 25.87 22.42
N ASN F 107 -5.22 25.47 23.68
CA ASN F 107 -4.67 26.19 24.83
C ASN F 107 -4.94 27.70 24.79
N ASN F 108 -6.16 28.06 24.39
CA ASN F 108 -6.64 29.45 24.43
C ASN F 108 -7.76 29.57 25.47
N TRP F 109 -8.81 30.34 25.15
CA TRP F 109 -9.98 30.41 26.02
C TRP F 109 -11.28 30.50 25.21
N LEU F 110 -11.28 29.79 24.09
CA LEU F 110 -12.42 29.74 23.17
C LEU F 110 -13.67 29.16 23.80
N ALA F 111 -14.78 29.89 23.70
CA ALA F 111 -16.07 29.41 24.21
C ALA F 111 -16.96 28.89 23.09
N SER F 112 -16.64 29.27 21.86
CA SER F 112 -17.45 28.93 20.69
C SER F 112 -16.58 28.82 19.42
N LEU F 113 -17.03 27.99 18.49
CA LEU F 113 -16.40 27.88 17.18
C LEU F 113 -17.34 28.40 16.10
N PRO F 114 -16.79 29.03 15.05
CA PRO F 114 -17.64 29.45 13.93
C PRO F 114 -18.04 28.26 13.07
N THR F 115 -18.84 28.52 12.04
CA THR F 115 -19.20 27.50 11.05
C THR F 115 -17.93 27.01 10.38
N LEU F 116 -17.76 25.69 10.35
CA LEU F 116 -16.53 25.08 9.87
C LEU F 116 -16.47 24.95 8.35
N PRO F 117 -15.30 25.29 7.74
CA PRO F 117 -15.12 25.18 6.30
C PRO F 117 -15.23 23.73 5.85
N PRO F 118 -15.90 23.49 4.72
CA PRO F 118 -16.17 22.15 4.17
C PRO F 118 -14.93 21.27 4.06
N GLY F 119 -13.80 21.89 3.72
CA GLY F 119 -12.56 21.15 3.47
C GLY F 119 -11.67 20.94 4.68
N LEU F 120 -12.12 21.40 5.85
CA LEU F 120 -11.34 21.21 7.07
C LEU F 120 -11.12 19.74 7.37
N GLY F 121 -9.85 19.33 7.41
CA GLY F 121 -9.46 17.94 7.65
C GLY F 121 -8.86 17.69 9.02
N ASP F 122 -8.15 18.69 9.54
CA ASP F 122 -7.51 18.59 10.85
C ASP F 122 -7.97 19.71 11.75
N LEU F 123 -8.71 19.35 12.80
CA LEU F 123 -9.19 20.31 13.79
C LEU F 123 -8.72 19.94 15.20
N ALA F 124 -7.86 20.78 15.77
CA ALA F 124 -7.38 20.62 17.14
C ALA F 124 -7.71 21.85 17.97
N VAL F 125 -8.66 21.69 18.89
CA VAL F 125 -9.09 22.78 19.78
C VAL F 125 -9.09 22.34 21.24
N SER F 126 -8.17 21.44 21.60
CA SER F 126 -8.04 20.95 22.97
C SER F 126 -7.73 22.08 23.94
N ASN F 127 -8.03 21.85 25.22
CA ASN F 127 -7.72 22.79 26.30
C ASN F 127 -8.24 24.22 26.10
N ASN F 128 -9.55 24.34 25.87
CA ASN F 128 -10.22 25.64 25.84
C ASN F 128 -11.34 25.70 26.88
N GLN F 129 -12.52 26.13 26.45
CA GLN F 129 -13.65 26.40 27.34
C GLN F 129 -14.96 25.96 26.69
N LEU F 130 -14.86 25.05 25.72
CA LEU F 130 -15.97 24.73 24.82
C LEU F 130 -17.07 23.89 25.46
N THR F 131 -18.31 24.20 25.09
CA THR F 131 -19.48 23.53 25.65
C THR F 131 -20.27 22.83 24.55
N SER F 132 -19.94 23.12 23.30
CA SER F 132 -20.61 22.53 22.15
C SER F 132 -19.72 22.64 20.93
N LEU F 133 -20.11 21.97 19.85
CA LEU F 133 -19.39 22.03 18.59
C LEU F 133 -20.38 22.18 17.44
N PRO F 134 -19.97 22.91 16.38
CA PRO F 134 -20.80 23.02 15.18
C PRO F 134 -20.74 21.75 14.35
N GLU F 135 -21.66 21.64 13.38
CA GLU F 135 -21.67 20.53 12.43
C GLU F 135 -20.28 20.32 11.85
N MET F 136 -19.86 19.06 11.77
CA MET F 136 -18.51 18.70 11.34
C MET F 136 -18.40 18.65 9.82
N PRO F 137 -17.28 19.16 9.27
CA PRO F 137 -17.05 19.13 7.83
C PRO F 137 -16.98 17.69 7.33
N PRO F 138 -17.57 17.41 6.16
CA PRO F 138 -17.63 16.05 5.62
C PRO F 138 -16.25 15.40 5.42
N ALA F 139 -15.20 16.20 5.32
CA ALA F 139 -13.89 15.70 4.99
C ALA F 139 -12.93 15.64 6.18
N LEU F 140 -13.48 15.88 7.37
CA LEU F 140 -12.69 15.89 8.61
C LEU F 140 -12.09 14.52 8.86
N ARG F 141 -10.86 14.50 9.36
CA ARG F 141 -10.14 13.25 9.57
C ARG F 141 -9.70 13.06 11.01
N GLU F 142 -9.02 14.07 11.56
CA GLU F 142 -8.60 14.03 12.95
C GLU F 142 -9.25 15.14 13.76
N LEU F 143 -9.74 14.79 14.95
CA LEU F 143 -10.46 15.73 15.80
C LEU F 143 -9.95 15.65 17.24
N ARG F 144 -9.42 16.77 17.72
CA ARG F 144 -9.00 16.88 19.12
C ARG F 144 -9.78 17.98 19.80
N VAL F 145 -10.53 17.61 20.83
CA VAL F 145 -11.41 18.52 21.54
C VAL F 145 -11.29 18.28 23.04
N SER F 146 -10.15 17.71 23.44
CA SER F 146 -9.87 17.38 24.84
C SER F 146 -9.78 18.62 25.70
N GLY F 147 -10.02 18.47 27.00
CA GLY F 147 -9.82 19.55 27.97
C GLY F 147 -10.81 20.69 27.85
N ASN F 148 -12.08 20.34 27.61
CA ASN F 148 -13.16 21.31 27.52
C ASN F 148 -14.34 20.91 28.40
N ASN F 149 -15.53 21.40 28.08
CA ASN F 149 -16.71 21.10 28.90
C ASN F 149 -17.85 20.54 28.07
N LEU F 150 -17.49 19.79 27.02
CA LEU F 150 -18.47 19.17 26.13
C LEU F 150 -19.19 18.02 26.84
N THR F 151 -20.50 17.97 26.65
CA THR F 151 -21.27 16.87 27.20
C THR F 151 -21.82 16.01 26.08
N SER F 152 -21.58 16.45 24.84
CA SER F 152 -22.10 15.78 23.66
C SER F 152 -21.21 16.08 22.45
N LEU F 153 -21.27 15.21 21.43
CA LEU F 153 -20.55 15.46 20.18
C LEU F 153 -21.52 15.40 19.00
N PRO F 154 -21.27 16.23 17.96
CA PRO F 154 -22.11 16.21 16.75
C PRO F 154 -21.93 14.90 16.00
N ALA F 155 -22.78 14.65 15.01
CA ALA F 155 -22.61 13.49 14.13
C ALA F 155 -21.22 13.53 13.51
N LEU F 156 -20.53 12.39 13.54
CA LEU F 156 -19.17 12.30 13.04
C LEU F 156 -19.19 11.93 11.56
N PRO F 157 -18.32 12.58 10.75
CA PRO F 157 -18.29 12.31 9.32
C PRO F 157 -17.61 10.96 9.03
N SER F 158 -17.86 10.42 7.84
CA SER F 158 -17.48 9.06 7.47
C SER F 158 -15.97 8.78 7.50
N GLY F 159 -15.18 9.82 7.24
CA GLY F 159 -13.75 9.69 7.10
C GLY F 159 -12.96 9.97 8.37
N LEU F 160 -13.67 10.26 9.45
CA LEU F 160 -13.01 10.54 10.72
C LEU F 160 -12.18 9.34 11.15
N GLN F 161 -10.90 9.58 11.43
CA GLN F 161 -9.94 8.52 11.74
C GLN F 161 -9.55 8.47 13.20
N LYS F 162 -9.29 9.64 13.77
CA LYS F 162 -8.82 9.75 15.14
C LYS F 162 -9.58 10.82 15.91
N LEU F 163 -10.03 10.48 17.10
CA LEU F 163 -10.78 11.41 17.91
C LEU F 163 -10.32 11.36 19.37
N TRP F 164 -9.85 12.50 19.84
CA TRP F 164 -9.45 12.66 21.24
C TRP F 164 -10.41 13.60 21.94
N ALA F 165 -11.06 13.10 23.00
CA ALA F 165 -12.07 13.87 23.74
C ALA F 165 -12.03 13.61 25.25
N TYR F 166 -10.85 13.26 25.77
CA TYR F 166 -10.66 13.03 27.21
C TYR F 166 -10.83 14.32 28.02
N ASN F 167 -11.09 14.17 29.32
CA ASN F 167 -11.29 15.30 30.25
C ASN F 167 -12.38 16.28 29.82
N ASN F 168 -13.54 15.75 29.43
CA ASN F 168 -14.74 16.55 29.17
C ASN F 168 -15.86 16.09 30.10
N ARG F 169 -17.12 16.37 29.75
CA ARG F 169 -18.27 15.85 30.48
C ARG F 169 -19.19 15.02 29.58
N LEU F 170 -18.62 14.28 28.63
CA LEU F 170 -19.41 13.50 27.70
C LEU F 170 -20.28 12.46 28.43
N THR F 171 -21.59 12.65 28.41
CA THR F 171 -22.51 11.69 29.01
C THR F 171 -23.00 10.69 27.97
N SER F 172 -22.62 10.95 26.72
CA SER F 172 -23.11 10.21 25.56
C SER F 172 -22.12 10.38 24.40
N LEU F 173 -22.18 9.45 23.43
CA LEU F 173 -21.33 9.53 22.24
C LEU F 173 -22.15 9.30 20.98
N PRO F 174 -21.76 9.95 19.87
CA PRO F 174 -22.45 9.73 18.61
C PRO F 174 -22.05 8.40 17.95
N GLU F 175 -22.77 8.02 16.91
CA GLU F 175 -22.43 6.83 16.13
C GLU F 175 -21.05 6.97 15.51
N MET F 176 -20.27 5.89 15.60
CA MET F 176 -18.95 5.83 15.01
C MET F 176 -19.06 5.60 13.52
N SER F 177 -18.22 6.30 12.76
CA SER F 177 -17.94 5.92 11.37
C SER F 177 -17.13 4.65 11.45
N PRO F 178 -17.36 3.69 10.52
CA PRO F 178 -16.69 2.38 10.66
C PRO F 178 -15.18 2.45 10.44
N GLY F 179 -14.72 3.48 9.73
CA GLY F 179 -13.30 3.65 9.45
C GLY F 179 -12.44 4.16 10.60
N LEU F 180 -13.09 4.55 11.70
CA LEU F 180 -12.40 5.12 12.87
C LEU F 180 -11.40 4.14 13.47
N GLN F 181 -10.19 4.64 13.74
CA GLN F 181 -9.12 3.77 14.21
C GLN F 181 -8.56 4.10 15.60
N GLU F 182 -8.75 5.33 16.06
CA GLU F 182 -8.31 5.72 17.41
C GLU F 182 -9.31 6.65 18.09
N LEU F 183 -9.75 6.24 19.28
CA LEU F 183 -10.72 6.99 20.04
C LEU F 183 -10.35 7.02 21.53
N ASP F 184 -10.06 8.23 22.02
CA ASP F 184 -9.78 8.45 23.43
C ASP F 184 -10.88 9.33 24.02
N VAL F 185 -11.74 8.71 24.82
CA VAL F 185 -12.81 9.42 25.51
C VAL F 185 -12.72 9.15 27.00
N SER F 186 -11.49 8.99 27.48
CA SER F 186 -11.24 8.71 28.89
C SER F 186 -11.64 9.90 29.75
N HIS F 187 -11.93 9.63 31.02
CA HIS F 187 -12.31 10.65 32.00
C HIS F 187 -13.47 11.51 31.52
N ASN F 188 -14.59 10.83 31.28
CA ASN F 188 -15.85 11.46 30.94
C ASN F 188 -16.94 10.87 31.82
N GLN F 189 -18.19 11.24 31.55
CA GLN F 189 -19.30 10.75 32.36
C GLN F 189 -20.19 9.80 31.57
N LEU F 190 -19.56 8.84 30.89
CA LEU F 190 -20.26 7.86 30.07
C LEU F 190 -20.67 6.62 30.87
N THR F 191 -21.97 6.44 31.05
CA THR F 191 -22.48 5.23 31.69
C THR F 191 -22.61 4.12 30.66
N ARG F 192 -23.02 4.49 29.46
CA ARG F 192 -23.17 3.52 28.38
C ARG F 192 -22.65 4.10 27.09
N LEU F 193 -22.17 3.23 26.21
CA LEU F 193 -21.64 3.66 24.92
C LEU F 193 -22.41 3.03 23.74
N PRO F 194 -22.21 3.55 22.50
CA PRO F 194 -23.06 3.11 21.39
C PRO F 194 -22.71 1.73 20.79
N GLN F 195 -23.73 1.11 20.20
CA GLN F 195 -23.61 -0.18 19.53
C GLN F 195 -22.66 -0.14 18.34
N SER F 196 -22.51 1.04 17.74
CA SER F 196 -21.63 1.28 16.60
C SER F 196 -20.20 0.77 16.84
N LEU F 197 -19.87 0.55 18.11
CA LEU F 197 -18.58 -0.02 18.50
C LEU F 197 -18.30 -1.38 17.86
N THR F 198 -19.33 -2.21 17.71
CA THR F 198 -19.19 -3.53 17.08
C THR F 198 -18.80 -3.39 15.62
N GLY F 199 -19.09 -2.22 15.03
CA GLY F 199 -18.84 -1.98 13.62
C GLY F 199 -17.41 -1.57 13.31
N LEU F 200 -16.66 -1.23 14.35
CA LEU F 200 -15.27 -0.76 14.21
C LEU F 200 -14.31 -1.87 13.84
N SER F 201 -13.26 -1.49 13.11
CA SER F 201 -12.21 -2.41 12.68
C SER F 201 -11.54 -3.09 13.85
N SER F 202 -11.07 -4.31 13.62
CA SER F 202 -10.26 -5.08 14.56
C SER F 202 -9.05 -4.27 15.06
N ALA F 203 -8.50 -3.44 14.18
CA ALA F 203 -7.27 -2.68 14.43
C ALA F 203 -7.45 -1.49 15.38
N ALA F 204 -8.69 -0.99 15.48
CA ALA F 204 -8.99 0.23 16.24
C ALA F 204 -8.66 0.13 17.73
N ARG F 205 -8.08 1.20 18.27
CA ARG F 205 -7.74 1.31 19.70
C ARG F 205 -8.67 2.30 20.43
N VAL F 206 -9.44 1.78 21.38
CA VAL F 206 -10.40 2.59 22.14
C VAL F 206 -9.90 2.79 23.58
N TYR F 207 -10.09 3.99 24.14
CA TYR F 207 -9.63 4.32 25.49
C TYR F 207 -10.74 4.90 26.39
N LEU F 208 -11.08 4.18 27.46
CA LEU F 208 -12.29 4.48 28.25
C LEU F 208 -12.12 4.79 29.74
N ASP F 209 -10.88 4.77 30.24
CA ASP F 209 -10.63 4.91 31.69
C ASP F 209 -11.28 6.13 32.37
N GLY F 210 -11.66 5.97 33.64
CA GLY F 210 -12.28 7.05 34.41
C GLY F 210 -13.67 7.39 33.91
N ASN F 211 -14.34 6.40 33.32
CA ASN F 211 -15.72 6.52 32.92
C ASN F 211 -16.57 5.56 33.77
N PRO F 212 -17.68 6.07 34.34
CA PRO F 212 -18.50 5.22 35.19
C PRO F 212 -19.39 4.31 34.36
N LEU F 213 -18.80 3.34 33.66
CA LEU F 213 -19.56 2.43 32.82
C LEU F 213 -20.39 1.50 33.68
N SER F 214 -21.67 1.37 33.34
CA SER F 214 -22.58 0.48 34.04
C SER F 214 -22.26 -0.99 33.73
N VAL F 215 -22.81 -1.88 34.56
CA VAL F 215 -22.63 -3.33 34.45
C VAL F 215 -23.03 -3.86 33.08
N ARG F 216 -24.24 -3.51 32.64
CA ARG F 216 -24.76 -3.93 31.33
C ARG F 216 -23.80 -3.54 30.21
N THR F 217 -23.15 -2.39 30.35
CA THR F 217 -22.16 -1.93 29.38
C THR F 217 -20.92 -2.83 29.40
N LEU F 218 -20.47 -3.21 30.60
CA LEU F 218 -19.36 -4.16 30.77
C LEU F 218 -19.67 -5.43 30.00
N GLN F 219 -20.92 -5.87 30.10
CA GLN F 219 -21.40 -7.05 29.38
C GLN F 219 -21.31 -6.84 27.87
N ALA F 220 -21.75 -5.69 27.39
CA ALA F 220 -21.70 -5.35 25.97
C ALA F 220 -20.27 -5.23 25.45
N LEU F 221 -19.41 -4.61 26.27
CA LEU F 221 -17.98 -4.49 25.96
C LEU F 221 -17.28 -5.85 25.86
N ARG F 222 -17.58 -6.74 26.80
CA ARG F 222 -17.05 -8.10 26.77
C ARG F 222 -17.57 -8.83 25.52
N ASP F 223 -18.80 -8.50 25.12
CA ASP F 223 -19.40 -9.02 23.88
C ASP F 223 -18.69 -8.50 22.64
N ILE F 224 -18.32 -7.22 22.65
CA ILE F 224 -17.63 -6.58 21.52
C ILE F 224 -16.19 -7.08 21.39
N ILE F 225 -15.41 -6.97 22.47
CA ILE F 225 -14.02 -7.45 22.53
C ILE F 225 -13.91 -8.91 22.07
N GLY F 226 -14.91 -9.71 22.44
CA GLY F 226 -15.00 -11.09 22.05
C GLY F 226 -15.30 -11.32 20.57
N HIS F 227 -15.99 -10.37 19.93
CA HIS F 227 -16.36 -10.51 18.53
C HIS F 227 -15.16 -10.42 17.58
N SER F 228 -14.25 -9.49 17.83
CA SER F 228 -13.17 -9.20 16.89
C SER F 228 -11.73 -9.17 17.44
N GLY F 229 -11.60 -9.03 18.76
CA GLY F 229 -10.28 -8.83 19.37
C GLY F 229 -9.84 -7.38 19.22
N ILE F 230 -10.83 -6.48 19.19
CA ILE F 230 -10.58 -5.04 19.10
C ILE F 230 -10.06 -4.51 20.45
N ARG F 231 -8.88 -3.89 20.44
CA ARG F 231 -8.26 -3.42 21.68
C ARG F 231 -9.09 -2.31 22.35
N ILE F 232 -10.01 -2.71 23.23
CA ILE F 232 -10.86 -1.75 23.95
C ILE F 232 -10.42 -1.67 25.41
N HIS F 233 -9.69 -0.60 25.73
CA HIS F 233 -9.02 -0.45 27.03
C HIS F 233 -9.91 0.09 28.15
N PHE F 234 -10.16 -0.76 29.14
CA PHE F 234 -10.85 -0.34 30.36
C PHE F 234 -10.31 -1.12 31.56
N ASP F 235 -9.55 -0.42 32.40
CA ASP F 235 -8.98 -1.01 33.60
C ASP F 235 -9.92 -0.81 34.78
N MET F 236 -10.06 -1.86 35.60
CA MET F 236 -10.93 -1.83 36.78
C MET F 236 -10.45 -0.85 37.83
N ALA F 237 -9.14 -0.62 37.87
CA ALA F 237 -8.52 0.31 38.82
C ALA F 237 -8.75 1.78 38.43
#